data_2CPQ
#
_entry.id   2CPQ
#
_entity_poly.entity_id   1
_entity_poly.type   'polypeptide(L)'
_entity_poly.pdbx_seq_one_letter_code
;GSSGSSGTKQLAAAFHEEFVVREDLMGLAIGTHGSNIQQARKVPGVTAIELDEDTGTFRIYGESADAVKKARGFLEFVED
FIQVPSGPSSG
;
_entity_poly.pdbx_strand_id   A
#
# COMPACT_ATOMS: atom_id res chain seq x y z
N GLY A 1 -0.96 -14.62 3.52
CA GLY A 1 -1.66 -14.04 2.38
C GLY A 1 -1.92 -15.05 1.29
N SER A 2 -2.41 -16.22 1.68
CA SER A 2 -2.70 -17.28 0.72
C SER A 2 -3.46 -16.73 -0.49
N SER A 3 -3.31 -17.39 -1.63
CA SER A 3 -3.97 -16.96 -2.86
C SER A 3 -5.26 -17.74 -3.08
N GLY A 4 -6.21 -17.12 -3.78
CA GLY A 4 -7.48 -17.76 -4.06
C GLY A 4 -8.59 -16.76 -4.30
N SER A 5 -8.32 -15.77 -5.14
CA SER A 5 -9.30 -14.75 -5.46
C SER A 5 -10.29 -15.24 -6.52
N SER A 6 -11.41 -14.54 -6.66
CA SER A 6 -12.43 -14.91 -7.63
C SER A 6 -12.77 -13.73 -8.53
N GLY A 7 -12.96 -12.56 -7.93
CA GLY A 7 -13.29 -11.38 -8.70
C GLY A 7 -13.84 -10.26 -7.83
N THR A 8 -14.54 -9.33 -8.46
CA THR A 8 -15.14 -8.21 -7.75
C THR A 8 -16.66 -8.17 -7.92
N LYS A 9 -17.37 -8.15 -6.80
CA LYS A 9 -18.83 -8.13 -6.83
C LYS A 9 -19.33 -6.85 -7.51
N GLN A 10 -18.74 -5.72 -7.15
CA GLN A 10 -19.12 -4.44 -7.73
C GLN A 10 -17.97 -3.82 -8.52
N LEU A 11 -18.28 -3.26 -9.67
CA LEU A 11 -17.27 -2.63 -10.52
C LEU A 11 -16.39 -1.70 -9.70
N ALA A 12 -17.00 -0.71 -9.08
CA ALA A 12 -16.27 0.26 -8.26
C ALA A 12 -15.98 -0.30 -6.88
N ALA A 13 -15.27 0.47 -6.07
CA ALA A 13 -14.92 0.05 -4.72
C ALA A 13 -15.75 0.81 -3.68
N ALA A 14 -16.47 0.07 -2.85
CA ALA A 14 -17.30 0.67 -1.81
C ALA A 14 -16.46 1.56 -0.88
N PHE A 15 -15.24 1.12 -0.60
CA PHE A 15 -14.34 1.88 0.27
C PHE A 15 -13.13 2.38 -0.51
N HIS A 16 -12.72 3.61 -0.22
CA HIS A 16 -11.58 4.21 -0.89
C HIS A 16 -10.72 5.00 0.10
N GLU A 17 -9.41 4.84 -0.01
CA GLU A 17 -8.47 5.54 0.87
C GLU A 17 -7.65 6.57 0.10
N GLU A 18 -7.64 7.80 0.59
CA GLU A 18 -6.90 8.87 -0.04
C GLU A 18 -6.14 9.69 0.99
N PHE A 19 -4.80 9.60 0.95
CA PHE A 19 -3.96 10.33 1.87
C PHE A 19 -2.72 10.88 1.17
N VAL A 20 -2.13 11.91 1.76
CA VAL A 20 -0.94 12.53 1.18
C VAL A 20 0.32 12.11 1.94
N VAL A 21 1.33 11.64 1.18
CA VAL A 21 2.58 11.19 1.78
C VAL A 21 3.71 12.14 1.44
N ARG A 22 4.57 12.43 2.42
CA ARG A 22 5.69 13.33 2.22
C ARG A 22 6.58 12.84 1.08
N GLU A 23 6.88 13.72 0.14
CA GLU A 23 7.71 13.38 -1.00
C GLU A 23 9.06 12.83 -0.54
N ASP A 24 9.40 13.10 0.71
CA ASP A 24 10.66 12.64 1.28
C ASP A 24 10.53 11.21 1.81
N LEU A 25 9.34 10.88 2.28
CA LEU A 25 9.07 9.54 2.82
C LEU A 25 8.57 8.60 1.72
N MET A 26 8.00 9.18 0.68
CA MET A 26 7.47 8.40 -0.44
C MET A 26 8.47 7.33 -0.86
N GLY A 27 9.68 7.76 -1.21
CA GLY A 27 10.71 6.82 -1.64
C GLY A 27 10.70 5.55 -0.82
N LEU A 28 10.95 5.69 0.48
CA LEU A 28 10.97 4.53 1.38
C LEU A 28 9.63 3.83 1.39
N ALA A 29 8.55 4.60 1.45
CA ALA A 29 7.21 4.05 1.47
C ALA A 29 6.99 3.08 0.32
N ILE A 30 7.52 3.44 -0.85
CA ILE A 30 7.39 2.60 -2.03
C ILE A 30 8.38 1.44 -2.00
N GLY A 31 9.57 1.71 -1.48
CA GLY A 31 10.60 0.68 -1.40
C GLY A 31 11.48 0.63 -2.62
N THR A 32 12.06 -0.54 -2.88
CA THR A 32 12.94 -0.71 -4.04
C THR A 32 12.15 -1.22 -5.24
N HIS A 33 12.52 -0.73 -6.43
CA HIS A 33 11.86 -1.13 -7.66
C HIS A 33 10.38 -1.37 -7.42
N GLY A 34 9.73 -0.41 -6.76
CA GLY A 34 8.31 -0.52 -6.48
C GLY A 34 7.98 -1.80 -5.73
N SER A 35 8.57 -1.97 -4.56
CA SER A 35 8.33 -3.16 -3.75
C SER A 35 7.02 -3.03 -2.97
N ASN A 36 6.97 -2.06 -2.06
CA ASN A 36 5.78 -1.82 -1.25
C ASN A 36 4.53 -1.84 -2.12
N ILE A 37 4.45 -0.92 -3.07
CA ILE A 37 3.31 -0.82 -3.96
C ILE A 37 2.88 -2.20 -4.45
N GLN A 38 3.78 -2.88 -5.16
CA GLN A 38 3.50 -4.21 -5.69
C GLN A 38 2.80 -5.07 -4.64
N GLN A 39 3.30 -5.03 -3.42
CA GLN A 39 2.73 -5.80 -2.32
C GLN A 39 1.30 -5.35 -2.02
N ALA A 40 1.13 -4.06 -1.81
CA ALA A 40 -0.18 -3.49 -1.53
C ALA A 40 -1.22 -3.98 -2.53
N ARG A 41 -0.82 -4.07 -3.79
CA ARG A 41 -1.71 -4.53 -4.85
C ARG A 41 -2.00 -6.02 -4.73
N LYS A 42 -1.09 -6.72 -4.06
CA LYS A 42 -1.24 -8.16 -3.87
C LYS A 42 -2.20 -8.47 -2.73
N VAL A 43 -2.85 -7.43 -2.20
CA VAL A 43 -3.79 -7.59 -1.10
C VAL A 43 -5.21 -7.79 -1.62
N PRO A 44 -5.95 -8.70 -0.98
CA PRO A 44 -7.33 -9.01 -1.37
C PRO A 44 -8.29 -7.87 -1.04
N GLY A 45 -9.39 -7.79 -1.77
CA GLY A 45 -10.36 -6.75 -1.54
C GLY A 45 -9.98 -5.44 -2.20
N VAL A 46 -8.73 -5.35 -2.67
CA VAL A 46 -8.24 -4.15 -3.32
C VAL A 46 -8.50 -4.20 -4.82
N THR A 47 -9.42 -3.36 -5.30
CA THR A 47 -9.76 -3.30 -6.70
C THR A 47 -8.60 -2.75 -7.53
N ALA A 48 -8.08 -1.60 -7.11
CA ALA A 48 -6.96 -0.97 -7.80
C ALA A 48 -6.19 -0.04 -6.87
N ILE A 49 -5.04 0.44 -7.33
CA ILE A 49 -4.21 1.34 -6.55
C ILE A 49 -3.55 2.40 -7.43
N GLU A 50 -3.99 3.64 -7.26
CA GLU A 50 -3.43 4.75 -8.05
C GLU A 50 -2.62 5.68 -7.16
N LEU A 51 -1.64 6.35 -7.76
CA LEU A 51 -0.78 7.28 -7.02
C LEU A 51 -0.67 8.61 -7.75
N ASP A 52 -0.80 9.71 -7.01
CA ASP A 52 -0.70 11.04 -7.60
C ASP A 52 0.64 11.69 -7.25
N GLU A 53 1.50 11.84 -8.25
CA GLU A 53 2.80 12.45 -8.04
C GLU A 53 2.69 13.97 -7.97
N ASP A 54 1.80 14.53 -8.79
CA ASP A 54 1.59 15.97 -8.81
C ASP A 54 1.56 16.55 -7.40
N THR A 55 0.91 15.83 -6.48
CA THR A 55 0.80 16.27 -5.10
C THR A 55 1.37 15.23 -4.15
N GLY A 56 1.39 13.97 -4.61
CA GLY A 56 1.91 12.89 -3.78
C GLY A 56 0.84 12.28 -2.90
N THR A 57 -0.33 12.02 -3.47
CA THR A 57 -1.44 11.45 -2.72
C THR A 57 -1.75 10.03 -3.21
N PHE A 58 -1.62 9.06 -2.31
CA PHE A 58 -1.89 7.68 -2.64
C PHE A 58 -3.39 7.37 -2.59
N ARG A 59 -3.94 6.94 -3.72
CA ARG A 59 -5.36 6.62 -3.80
C ARG A 59 -5.57 5.12 -3.94
N ILE A 60 -6.13 4.50 -2.91
CA ILE A 60 -6.39 3.07 -2.92
C ILE A 60 -7.88 2.78 -3.12
N TYR A 61 -8.18 1.70 -3.83
CA TYR A 61 -9.56 1.31 -4.10
C TYR A 61 -9.80 -0.12 -3.67
N GLY A 62 -10.75 -0.30 -2.74
CA GLY A 62 -11.08 -1.63 -2.26
C GLY A 62 -12.55 -1.78 -1.94
N GLU A 63 -13.09 -2.98 -2.20
CA GLU A 63 -14.50 -3.24 -1.95
C GLU A 63 -14.83 -3.05 -0.47
N SER A 64 -13.85 -3.28 0.38
CA SER A 64 -14.04 -3.13 1.83
C SER A 64 -12.87 -2.38 2.45
N ALA A 65 -13.18 -1.44 3.34
CA ALA A 65 -12.16 -0.65 4.01
C ALA A 65 -11.06 -1.54 4.59
N ASP A 66 -11.45 -2.73 5.03
CA ASP A 66 -10.50 -3.68 5.61
C ASP A 66 -9.36 -3.97 4.63
N ALA A 67 -9.71 -4.06 3.35
CA ALA A 67 -8.72 -4.33 2.31
C ALA A 67 -7.80 -3.14 2.10
N VAL A 68 -8.36 -2.05 1.58
CA VAL A 68 -7.59 -0.84 1.32
C VAL A 68 -6.76 -0.45 2.54
N LYS A 69 -7.26 -0.78 3.72
CA LYS A 69 -6.57 -0.47 4.97
C LYS A 69 -5.30 -1.31 5.09
N LYS A 70 -5.44 -2.63 4.96
CA LYS A 70 -4.30 -3.53 5.06
C LYS A 70 -3.22 -3.17 4.05
N ALA A 71 -3.65 -2.79 2.85
CA ALA A 71 -2.71 -2.42 1.80
C ALA A 71 -2.11 -1.04 2.06
N ARG A 72 -2.93 -0.14 2.59
CA ARG A 72 -2.48 1.21 2.89
C ARG A 72 -1.22 1.20 3.74
N GLY A 73 -1.18 0.30 4.72
CA GLY A 73 -0.02 0.20 5.59
C GLY A 73 1.28 0.08 4.81
N PHE A 74 1.20 -0.54 3.64
CA PHE A 74 2.38 -0.73 2.80
C PHE A 74 2.79 0.58 2.13
N LEU A 75 1.80 1.37 1.72
CA LEU A 75 2.05 2.65 1.08
C LEU A 75 2.37 3.73 2.10
N GLU A 76 1.91 3.51 3.33
CA GLU A 76 2.15 4.47 4.41
C GLU A 76 3.63 4.84 4.50
N PHE A 77 3.90 6.06 4.92
CA PHE A 77 5.26 6.55 5.04
C PHE A 77 6.00 5.82 6.16
N VAL A 78 7.32 5.68 6.01
CA VAL A 78 8.13 4.99 7.00
C VAL A 78 9.33 5.85 7.40
N GLU A 79 9.59 5.93 8.70
CA GLU A 79 10.70 6.72 9.21
C GLU A 79 12.03 6.14 8.73
N ASP A 80 13.02 7.02 8.55
CA ASP A 80 14.34 6.59 8.09
C ASP A 80 14.91 5.52 9.01
N PHE A 81 15.03 4.30 8.49
CA PHE A 81 15.56 3.19 9.26
C PHE A 81 16.94 2.78 8.75
N ILE A 82 17.82 2.42 9.67
CA ILE A 82 19.18 2.02 9.33
C ILE A 82 19.49 0.63 9.86
N GLN A 83 19.39 -0.37 8.99
CA GLN A 83 19.67 -1.75 9.38
C GLN A 83 20.96 -2.25 8.73
N VAL A 84 21.97 -2.49 9.55
CA VAL A 84 23.25 -2.97 9.06
C VAL A 84 23.27 -4.50 8.96
N PRO A 85 23.96 -5.02 7.94
CA PRO A 85 24.07 -6.46 7.71
C PRO A 85 24.93 -7.15 8.76
N SER A 86 25.55 -6.35 9.64
CA SER A 86 26.40 -6.88 10.69
C SER A 86 27.26 -8.03 10.17
N GLY A 87 27.95 -7.78 9.05
CA GLY A 87 28.80 -8.80 8.47
C GLY A 87 28.59 -8.93 6.97
N PRO A 88 29.24 -8.04 6.21
CA PRO A 88 29.14 -8.04 4.75
C PRO A 88 29.85 -9.24 4.12
N SER A 89 29.08 -10.28 3.79
CA SER A 89 29.64 -11.48 3.19
C SER A 89 29.97 -11.25 1.72
N SER A 90 31.25 -11.37 1.38
CA SER A 90 31.69 -11.17 0.00
C SER A 90 31.39 -12.40 -0.85
N GLY A 91 31.71 -13.58 -0.33
CA GLY A 91 31.45 -14.80 -1.05
C GLY A 91 32.54 -15.84 -0.84
N GLY A 1 -9.57 -18.47 3.00
CA GLY A 1 -9.13 -18.17 1.66
C GLY A 1 -10.22 -18.34 0.63
N SER A 2 -9.87 -18.91 -0.53
CA SER A 2 -10.83 -19.12 -1.60
C SER A 2 -10.32 -20.19 -2.56
N SER A 3 -11.16 -20.52 -3.55
CA SER A 3 -10.81 -21.53 -4.54
C SER A 3 -11.61 -21.34 -5.83
N GLY A 4 -10.94 -21.53 -6.96
CA GLY A 4 -11.61 -21.36 -8.24
C GLY A 4 -10.73 -20.65 -9.26
N SER A 5 -11.33 -20.24 -10.37
CA SER A 5 -10.61 -19.55 -11.43
C SER A 5 -10.55 -18.05 -11.16
N SER A 6 -9.61 -17.37 -11.81
CA SER A 6 -9.45 -15.93 -11.63
C SER A 6 -10.23 -15.17 -12.69
N GLY A 7 -10.34 -13.85 -12.50
CA GLY A 7 -11.07 -13.03 -13.45
C GLY A 7 -10.97 -11.54 -13.12
N THR A 8 -10.81 -10.72 -14.16
CA THR A 8 -10.71 -9.28 -13.97
C THR A 8 -12.07 -8.61 -14.06
N LYS A 9 -12.34 -7.72 -13.11
CA LYS A 9 -13.62 -7.00 -13.08
C LYS A 9 -13.39 -5.50 -12.89
N GLN A 10 -14.45 -4.72 -13.09
CA GLN A 10 -14.37 -3.27 -12.94
C GLN A 10 -15.45 -2.77 -11.99
N LEU A 11 -15.68 -3.52 -10.91
CA LEU A 11 -16.68 -3.14 -9.92
C LEU A 11 -16.16 -2.04 -9.00
N ALA A 12 -16.66 -0.82 -9.21
CA ALA A 12 -16.25 0.32 -8.40
C ALA A 12 -15.97 -0.10 -6.96
N ALA A 13 -14.98 0.53 -6.34
CA ALA A 13 -14.62 0.22 -4.96
C ALA A 13 -15.48 1.01 -3.98
N ALA A 14 -16.25 0.29 -3.17
CA ALA A 14 -17.12 0.93 -2.19
C ALA A 14 -16.32 1.81 -1.23
N PHE A 15 -15.22 1.27 -0.71
CA PHE A 15 -14.37 2.01 0.21
C PHE A 15 -13.10 2.48 -0.49
N HIS A 16 -12.71 3.73 -0.21
CA HIS A 16 -11.52 4.30 -0.81
C HIS A 16 -10.71 5.07 0.23
N GLU A 17 -9.38 4.90 0.19
CA GLU A 17 -8.50 5.57 1.12
C GLU A 17 -7.59 6.56 0.41
N GLU A 18 -7.55 7.79 0.92
CA GLU A 18 -6.72 8.84 0.33
C GLU A 18 -5.91 9.56 1.40
N PHE A 19 -4.59 9.49 1.28
CA PHE A 19 -3.70 10.14 2.24
C PHE A 19 -2.48 10.73 1.53
N VAL A 20 -1.95 11.83 2.07
CA VAL A 20 -0.79 12.49 1.50
C VAL A 20 0.49 12.09 2.23
N VAL A 21 1.46 11.58 1.47
CA VAL A 21 2.73 11.16 2.05
C VAL A 21 3.86 12.07 1.60
N ARG A 22 4.73 12.43 2.54
CA ARG A 22 5.86 13.31 2.24
C ARG A 22 6.71 12.74 1.12
N GLU A 23 6.94 13.55 0.09
CA GLU A 23 7.73 13.12 -1.06
C GLU A 23 9.05 12.49 -0.61
N ASP A 24 9.48 12.83 0.60
CA ASP A 24 10.71 12.30 1.15
C ASP A 24 10.51 10.86 1.64
N LEU A 25 9.44 10.63 2.37
CA LEU A 25 9.13 9.30 2.90
C LEU A 25 8.66 8.37 1.79
N MET A 26 7.99 8.95 0.79
CA MET A 26 7.48 8.17 -0.33
C MET A 26 8.46 7.06 -0.72
N GLY A 27 9.64 7.46 -1.18
CA GLY A 27 10.64 6.49 -1.56
C GLY A 27 10.67 5.28 -0.65
N LEU A 28 10.69 5.52 0.66
CA LEU A 28 10.71 4.44 1.63
C LEU A 28 9.38 3.70 1.67
N ALA A 29 8.29 4.46 1.79
CA ALA A 29 6.95 3.88 1.82
C ALA A 29 6.75 2.90 0.68
N ILE A 30 7.24 3.27 -0.51
CA ILE A 30 7.11 2.43 -1.68
C ILE A 30 8.12 1.30 -1.66
N GLY A 31 9.32 1.58 -1.15
CA GLY A 31 10.35 0.56 -1.08
C GLY A 31 11.36 0.68 -2.21
N THR A 32 11.91 -0.45 -2.64
CA THR A 32 12.89 -0.47 -3.71
C THR A 32 12.30 -1.07 -4.99
N HIS A 33 12.26 -0.27 -6.05
CA HIS A 33 11.73 -0.72 -7.32
C HIS A 33 10.24 -1.03 -7.21
N GLY A 34 9.53 -0.22 -6.45
CA GLY A 34 8.10 -0.43 -6.27
C GLY A 34 7.79 -1.72 -5.56
N SER A 35 8.30 -1.88 -4.34
CA SER A 35 8.09 -3.09 -3.56
C SER A 35 6.80 -2.98 -2.75
N ASN A 36 6.83 -2.13 -1.74
CA ASN A 36 5.67 -1.93 -0.87
C ASN A 36 4.38 -1.84 -1.70
N ILE A 37 4.36 -0.91 -2.65
CA ILE A 37 3.20 -0.73 -3.51
C ILE A 37 2.73 -2.06 -4.10
N GLN A 38 3.65 -2.80 -4.70
CA GLN A 38 3.32 -4.09 -5.29
C GLN A 38 2.56 -4.97 -4.30
N GLN A 39 3.14 -5.15 -3.12
CA GLN A 39 2.51 -5.95 -2.08
C GLN A 39 1.09 -5.47 -1.78
N ALA A 40 0.91 -4.16 -1.76
CA ALA A 40 -0.38 -3.56 -1.49
C ALA A 40 -1.41 -4.00 -2.53
N ARG A 41 -1.02 -3.98 -3.80
CA ARG A 41 -1.91 -4.38 -4.88
C ARG A 41 -2.18 -5.87 -4.84
N LYS A 42 -1.33 -6.61 -4.12
CA LYS A 42 -1.48 -8.05 -4.01
C LYS A 42 -2.43 -8.41 -2.87
N VAL A 43 -3.16 -7.41 -2.37
CA VAL A 43 -4.11 -7.62 -1.28
C VAL A 43 -5.51 -7.88 -1.82
N PRO A 44 -6.21 -8.84 -1.21
CA PRO A 44 -7.56 -9.22 -1.60
C PRO A 44 -8.59 -8.13 -1.28
N GLY A 45 -9.42 -7.80 -2.27
CA GLY A 45 -10.42 -6.76 -2.07
C GLY A 45 -10.00 -5.42 -2.61
N VAL A 46 -8.73 -5.32 -3.01
CA VAL A 46 -8.19 -4.07 -3.55
C VAL A 46 -8.40 -4.00 -5.06
N THR A 47 -9.31 -3.15 -5.49
CA THR A 47 -9.60 -2.99 -6.91
C THR A 47 -8.39 -2.42 -7.65
N ALA A 48 -7.87 -1.30 -7.16
CA ALA A 48 -6.72 -0.65 -7.78
C ALA A 48 -6.01 0.26 -6.79
N ILE A 49 -4.77 0.60 -7.09
CA ILE A 49 -3.98 1.48 -6.23
C ILE A 49 -3.26 2.55 -7.04
N GLU A 50 -3.87 3.73 -7.12
CA GLU A 50 -3.29 4.84 -7.87
C GLU A 50 -2.48 5.75 -6.96
N LEU A 51 -1.54 6.49 -7.54
CA LEU A 51 -0.69 7.40 -6.77
C LEU A 51 -0.46 8.70 -7.54
N ASP A 52 -0.70 9.82 -6.88
CA ASP A 52 -0.50 11.13 -7.50
C ASP A 52 0.96 11.56 -7.40
N GLU A 53 1.72 11.31 -8.47
CA GLU A 53 3.14 11.68 -8.50
C GLU A 53 3.29 13.19 -8.66
N ASP A 54 2.18 13.91 -8.67
CA ASP A 54 2.21 15.36 -8.81
C ASP A 54 2.21 16.03 -7.43
N THR A 55 1.30 15.59 -6.56
CA THR A 55 1.19 16.15 -5.22
C THR A 55 1.70 15.18 -4.18
N GLY A 56 1.70 13.90 -4.52
CA GLY A 56 2.17 12.88 -3.60
C GLY A 56 1.05 12.33 -2.73
N THR A 57 -0.03 11.90 -3.36
CA THR A 57 -1.17 11.35 -2.64
C THR A 57 -1.49 9.93 -3.10
N PHE A 58 -1.49 9.00 -2.15
CA PHE A 58 -1.77 7.60 -2.45
C PHE A 58 -3.26 7.31 -2.33
N ARG A 59 -3.87 6.93 -3.46
CA ARG A 59 -5.29 6.63 -3.49
C ARG A 59 -5.53 5.13 -3.67
N ILE A 60 -6.13 4.51 -2.66
CA ILE A 60 -6.41 3.07 -2.71
C ILE A 60 -7.88 2.81 -2.98
N TYR A 61 -8.17 1.73 -3.69
CA TYR A 61 -9.54 1.37 -4.02
C TYR A 61 -9.82 -0.08 -3.65
N GLY A 62 -10.88 -0.30 -2.88
CA GLY A 62 -11.25 -1.64 -2.47
C GLY A 62 -12.75 -1.80 -2.26
N GLU A 63 -13.25 -2.99 -2.53
CA GLU A 63 -14.68 -3.28 -2.37
C GLU A 63 -15.10 -3.14 -0.91
N SER A 64 -14.12 -3.24 -0.01
CA SER A 64 -14.40 -3.13 1.42
C SER A 64 -13.24 -2.45 2.14
N ALA A 65 -13.57 -1.59 3.10
CA ALA A 65 -12.55 -0.88 3.87
C ALA A 65 -11.46 -1.84 4.35
N ASP A 66 -11.84 -3.08 4.59
CA ASP A 66 -10.89 -4.09 5.07
C ASP A 66 -9.77 -4.28 4.06
N ALA A 67 -10.10 -4.24 2.78
CA ALA A 67 -9.11 -4.40 1.72
C ALA A 67 -8.17 -3.21 1.66
N VAL A 68 -8.72 -2.05 1.32
CA VAL A 68 -7.93 -0.82 1.23
C VAL A 68 -7.08 -0.62 2.48
N LYS A 69 -7.67 -0.94 3.64
CA LYS A 69 -6.97 -0.79 4.91
C LYS A 69 -5.71 -1.65 4.96
N LYS A 70 -5.88 -2.95 4.66
CA LYS A 70 -4.75 -3.87 4.66
C LYS A 70 -3.66 -3.40 3.71
N ALA A 71 -4.06 -2.90 2.55
CA ALA A 71 -3.11 -2.42 1.56
C ALA A 71 -2.46 -1.11 2.01
N ARG A 72 -3.22 -0.30 2.75
CA ARG A 72 -2.70 0.97 3.25
C ARG A 72 -1.50 0.76 4.14
N GLY A 73 -1.58 -0.22 5.03
CA GLY A 73 -0.49 -0.52 5.94
C GLY A 73 0.83 -0.69 5.22
N PHE A 74 0.76 -0.89 3.90
CA PHE A 74 1.95 -1.07 3.09
C PHE A 74 2.44 0.25 2.52
N LEU A 75 1.50 1.14 2.21
CA LEU A 75 1.84 2.45 1.66
C LEU A 75 2.10 3.46 2.77
N GLU A 76 2.14 2.98 4.01
CA GLU A 76 2.39 3.83 5.16
C GLU A 76 3.73 4.55 5.03
N PHE A 77 3.85 5.70 5.69
CA PHE A 77 5.08 6.48 5.64
C PHE A 77 6.10 5.97 6.66
N VAL A 78 7.32 5.75 6.20
CA VAL A 78 8.38 5.26 7.07
C VAL A 78 9.61 6.16 7.00
N GLU A 79 10.11 6.55 8.18
CA GLU A 79 11.27 7.42 8.25
C GLU A 79 12.51 6.73 7.68
N ASP A 80 13.50 7.53 7.28
CA ASP A 80 14.73 6.99 6.73
C ASP A 80 15.49 6.16 7.76
N PHE A 81 15.45 4.84 7.60
CA PHE A 81 16.13 3.94 8.52
C PHE A 81 17.56 3.70 8.09
N ILE A 82 18.47 3.61 9.06
CA ILE A 82 19.88 3.38 8.78
C ILE A 82 20.29 1.96 9.14
N GLN A 83 20.34 1.09 8.14
CA GLN A 83 20.71 -0.31 8.35
C GLN A 83 22.23 -0.49 8.21
N VAL A 84 22.76 -1.51 8.87
CA VAL A 84 24.19 -1.79 8.83
C VAL A 84 24.58 -2.41 7.49
N PRO A 85 25.77 -2.06 6.99
CA PRO A 85 26.29 -2.56 5.73
C PRO A 85 26.64 -4.04 5.79
N SER A 86 25.65 -4.90 5.53
CA SER A 86 25.86 -6.34 5.56
C SER A 86 24.99 -7.03 4.51
N GLY A 87 25.64 -7.75 3.59
CA GLY A 87 24.91 -8.44 2.55
C GLY A 87 25.67 -8.48 1.23
N PRO A 88 25.50 -9.57 0.48
CA PRO A 88 26.17 -9.74 -0.82
C PRO A 88 25.63 -8.80 -1.88
N SER A 89 24.45 -8.24 -1.64
CA SER A 89 23.82 -7.33 -2.57
C SER A 89 24.84 -6.32 -3.10
N SER A 90 24.67 -5.94 -4.37
CA SER A 90 25.59 -4.99 -5.00
C SER A 90 24.84 -4.12 -6.02
N GLY A 91 25.08 -2.81 -5.95
CA GLY A 91 24.42 -1.89 -6.86
C GLY A 91 25.40 -0.99 -7.58
N GLY A 1 -16.60 -12.90 17.07
CA GLY A 1 -17.06 -12.06 15.98
C GLY A 1 -18.56 -12.12 15.81
N SER A 2 -19.08 -11.35 14.86
CA SER A 2 -20.52 -11.30 14.61
C SER A 2 -20.84 -11.92 13.25
N SER A 3 -22.10 -12.33 13.07
CA SER A 3 -22.53 -12.95 11.83
C SER A 3 -23.35 -11.96 11.00
N GLY A 4 -22.86 -11.65 9.80
CA GLY A 4 -23.56 -10.72 8.94
C GLY A 4 -22.70 -10.23 7.80
N SER A 5 -22.96 -10.73 6.59
CA SER A 5 -22.19 -10.34 5.41
C SER A 5 -23.08 -10.33 4.16
N SER A 6 -22.51 -9.89 3.05
CA SER A 6 -23.24 -9.83 1.79
C SER A 6 -22.70 -10.85 0.79
N GLY A 7 -23.60 -11.48 0.04
CA GLY A 7 -23.20 -12.47 -0.94
C GLY A 7 -23.42 -11.99 -2.36
N THR A 8 -22.90 -10.82 -2.69
CA THR A 8 -23.05 -10.26 -4.03
C THR A 8 -21.74 -9.65 -4.52
N LYS A 9 -21.59 -9.56 -5.84
CA LYS A 9 -20.40 -9.00 -6.44
C LYS A 9 -20.65 -7.58 -6.95
N GLN A 10 -19.66 -6.72 -6.80
CA GLN A 10 -19.78 -5.33 -7.24
C GLN A 10 -18.75 -5.01 -8.32
N LEU A 11 -18.75 -3.76 -8.77
CA LEU A 11 -17.81 -3.33 -9.81
C LEU A 11 -17.11 -2.04 -9.39
N ALA A 12 -17.31 -1.64 -8.14
CA ALA A 12 -16.69 -0.41 -7.62
C ALA A 12 -16.17 -0.62 -6.21
N ALA A 13 -15.34 0.30 -5.75
CA ALA A 13 -14.76 0.22 -4.41
C ALA A 13 -15.62 0.97 -3.39
N ALA A 14 -16.21 0.22 -2.46
CA ALA A 14 -17.05 0.81 -1.44
C ALA A 14 -16.24 1.71 -0.51
N PHE A 15 -15.05 1.25 -0.15
CA PHE A 15 -14.17 2.02 0.73
C PHE A 15 -12.95 2.54 -0.02
N HIS A 16 -12.63 3.80 0.18
CA HIS A 16 -11.48 4.43 -0.48
C HIS A 16 -10.64 5.21 0.51
N GLU A 17 -9.33 4.99 0.46
CA GLU A 17 -8.41 5.67 1.37
C GLU A 17 -7.51 6.65 0.60
N GLU A 18 -7.09 7.70 1.28
CA GLU A 18 -6.23 8.71 0.66
C GLU A 18 -5.35 9.39 1.70
N PHE A 19 -4.04 9.35 1.49
CA PHE A 19 -3.09 9.95 2.41
C PHE A 19 -1.92 10.58 1.65
N VAL A 20 -1.48 11.74 2.12
CA VAL A 20 -0.36 12.45 1.48
C VAL A 20 0.96 12.09 2.14
N VAL A 21 1.89 11.58 1.35
CA VAL A 21 3.20 11.20 1.85
C VAL A 21 4.29 12.13 1.32
N ARG A 22 5.21 12.51 2.20
CA ARG A 22 6.31 13.40 1.82
C ARG A 22 7.08 12.85 0.62
N GLU A 23 7.24 13.66 -0.40
CA GLU A 23 7.94 13.25 -1.61
C GLU A 23 9.20 12.46 -1.25
N ASP A 24 9.96 12.95 -0.28
CA ASP A 24 11.17 12.29 0.16
C ASP A 24 10.86 10.91 0.73
N LEU A 25 9.75 10.81 1.46
CA LEU A 25 9.35 9.55 2.05
C LEU A 25 8.83 8.57 1.00
N MET A 26 8.12 9.10 0.01
CA MET A 26 7.58 8.28 -1.06
C MET A 26 8.56 7.18 -1.45
N GLY A 27 9.75 7.58 -1.90
CA GLY A 27 10.76 6.61 -2.29
C GLY A 27 10.74 5.37 -1.42
N LEU A 28 10.99 5.55 -0.13
CA LEU A 28 11.00 4.43 0.82
C LEU A 28 9.64 3.74 0.86
N ALA A 29 8.58 4.53 0.97
CA ALA A 29 7.24 4.00 1.02
C ALA A 29 6.99 3.02 -0.12
N ILE A 30 7.47 3.36 -1.30
CA ILE A 30 7.31 2.50 -2.47
C ILE A 30 8.32 1.36 -2.46
N GLY A 31 9.46 1.59 -1.83
CA GLY A 31 10.49 0.56 -1.76
C GLY A 31 11.44 0.61 -2.93
N THR A 32 11.78 -0.55 -3.46
CA THR A 32 12.70 -0.64 -4.60
C THR A 32 11.98 -1.14 -5.84
N HIS A 33 12.26 -0.50 -6.98
CA HIS A 33 11.64 -0.88 -8.25
C HIS A 33 10.15 -1.18 -8.05
N GLY A 34 9.47 -0.30 -7.32
CA GLY A 34 8.05 -0.49 -7.07
C GLY A 34 7.75 -1.79 -6.36
N SER A 35 8.23 -1.90 -5.11
CA SER A 35 8.01 -3.11 -4.33
C SER A 35 6.74 -2.99 -3.49
N ASN A 36 6.78 -2.11 -2.49
CA ASN A 36 5.63 -1.89 -1.61
C ASN A 36 4.34 -1.83 -2.42
N ILE A 37 4.30 -0.95 -3.40
CA ILE A 37 3.12 -0.79 -4.24
C ILE A 37 2.61 -2.14 -4.74
N GLN A 38 3.51 -2.88 -5.39
CA GLN A 38 3.17 -4.20 -5.92
C GLN A 38 2.43 -5.03 -4.88
N GLN A 39 3.05 -5.20 -3.72
CA GLN A 39 2.47 -5.98 -2.64
C GLN A 39 1.04 -5.52 -2.35
N ALA A 40 0.89 -4.25 -2.01
CA ALA A 40 -0.42 -3.68 -1.72
C ALA A 40 -1.45 -4.11 -2.76
N ARG A 41 -1.09 -3.97 -4.03
CA ARG A 41 -1.98 -4.34 -5.12
C ARG A 41 -2.25 -5.85 -5.12
N LYS A 42 -1.33 -6.61 -4.54
CA LYS A 42 -1.47 -8.06 -4.46
C LYS A 42 -2.35 -8.46 -3.29
N VAL A 43 -3.11 -7.50 -2.76
CA VAL A 43 -4.00 -7.75 -1.64
C VAL A 43 -5.44 -7.94 -2.11
N PRO A 44 -6.13 -8.92 -1.51
CA PRO A 44 -7.53 -9.23 -1.85
C PRO A 44 -8.49 -8.13 -1.40
N GLY A 45 -9.45 -7.80 -2.25
CA GLY A 45 -10.41 -6.77 -1.92
C GLY A 45 -10.03 -5.40 -2.46
N VAL A 46 -8.78 -5.28 -2.92
CA VAL A 46 -8.29 -4.03 -3.47
C VAL A 46 -8.56 -3.94 -4.97
N THR A 47 -9.54 -3.13 -5.34
CA THR A 47 -9.90 -2.96 -6.75
C THR A 47 -8.73 -2.41 -7.55
N ALA A 48 -8.14 -1.34 -7.06
CA ALA A 48 -7.00 -0.71 -7.73
C ALA A 48 -6.22 0.17 -6.76
N ILE A 49 -5.04 0.62 -7.21
CA ILE A 49 -4.20 1.47 -6.38
C ILE A 49 -3.52 2.55 -7.23
N GLU A 50 -3.88 3.80 -6.97
CA GLU A 50 -3.30 4.93 -7.70
C GLU A 50 -2.44 5.80 -6.79
N LEU A 51 -1.57 6.59 -7.38
CA LEU A 51 -0.70 7.47 -6.62
C LEU A 51 -0.52 8.81 -7.33
N ASP A 52 -1.11 9.86 -6.76
CA ASP A 52 -1.02 11.19 -7.34
C ASP A 52 0.34 11.81 -7.06
N GLU A 53 1.13 12.00 -8.12
CA GLU A 53 2.46 12.58 -7.98
C GLU A 53 2.39 14.10 -7.88
N ASP A 54 1.46 14.69 -8.64
CA ASP A 54 1.29 16.14 -8.63
C ASP A 54 1.44 16.70 -7.22
N THR A 55 0.87 16.00 -6.25
CA THR A 55 0.94 16.44 -4.86
C THR A 55 1.61 15.38 -3.99
N GLY A 56 1.60 14.14 -4.46
CA GLY A 56 2.22 13.06 -3.72
C GLY A 56 1.25 12.41 -2.76
N THR A 57 0.08 12.01 -3.26
CA THR A 57 -0.94 11.37 -2.44
C THR A 57 -1.25 9.96 -2.95
N PHE A 58 -1.36 9.02 -2.02
CA PHE A 58 -1.66 7.64 -2.37
C PHE A 58 -3.16 7.35 -2.27
N ARG A 59 -3.74 6.86 -3.36
CA ARG A 59 -5.16 6.56 -3.39
C ARG A 59 -5.39 5.05 -3.54
N ILE A 60 -5.90 4.43 -2.50
CA ILE A 60 -6.17 3.00 -2.52
C ILE A 60 -7.66 2.71 -2.65
N TYR A 61 -8.00 1.77 -3.52
CA TYR A 61 -9.40 1.40 -3.74
C TYR A 61 -9.65 -0.04 -3.32
N GLY A 62 -10.66 -0.23 -2.47
CA GLY A 62 -10.99 -1.56 -2.01
C GLY A 62 -12.48 -1.72 -1.71
N GLU A 63 -13.02 -2.88 -2.06
CA GLU A 63 -14.43 -3.16 -1.83
C GLU A 63 -14.78 -3.06 -0.35
N SER A 64 -13.83 -3.44 0.49
CA SER A 64 -14.03 -3.40 1.94
C SER A 64 -12.88 -2.67 2.63
N ALA A 65 -13.23 -1.82 3.59
CA ALA A 65 -12.23 -1.05 4.33
C ALA A 65 -11.08 -1.95 4.79
N ASP A 66 -11.39 -3.22 5.03
CA ASP A 66 -10.39 -4.18 5.48
C ASP A 66 -9.29 -4.34 4.44
N ALA A 67 -9.69 -4.36 3.17
CA ALA A 67 -8.73 -4.52 2.07
C ALA A 67 -7.85 -3.28 1.94
N VAL A 68 -8.47 -2.14 1.65
CA VAL A 68 -7.74 -0.89 1.49
C VAL A 68 -6.85 -0.62 2.70
N LYS A 69 -7.29 -1.09 3.86
CA LYS A 69 -6.53 -0.90 5.10
C LYS A 69 -5.27 -1.76 5.10
N LYS A 70 -5.44 -3.05 4.81
CA LYS A 70 -4.32 -3.97 4.78
C LYS A 70 -3.28 -3.54 3.74
N ALA A 71 -3.75 -3.15 2.57
CA ALA A 71 -2.86 -2.70 1.50
C ALA A 71 -2.17 -1.39 1.87
N ARG A 72 -2.89 -0.53 2.58
CA ARG A 72 -2.34 0.76 3.00
C ARG A 72 -1.11 0.57 3.86
N GLY A 73 -1.13 -0.47 4.70
CA GLY A 73 0.00 -0.74 5.58
C GLY A 73 1.29 -0.92 4.81
N PHE A 74 1.18 -1.10 3.49
CA PHE A 74 2.35 -1.30 2.65
C PHE A 74 2.81 0.03 2.04
N LEU A 75 1.89 0.97 1.91
CA LEU A 75 2.20 2.27 1.34
C LEU A 75 2.42 3.31 2.45
N GLU A 76 2.32 2.86 3.70
CA GLU A 76 2.51 3.75 4.84
C GLU A 76 3.82 4.53 4.72
N PHE A 77 3.77 5.81 5.09
CA PHE A 77 4.95 6.66 5.01
C PHE A 77 6.00 6.23 6.03
N VAL A 78 7.17 5.83 5.54
CA VAL A 78 8.26 5.39 6.40
C VAL A 78 9.50 6.26 6.20
N GLU A 79 10.03 6.80 7.30
CA GLU A 79 11.22 7.64 7.24
C GLU A 79 12.48 6.82 7.51
N ASP A 80 13.61 7.30 6.99
CA ASP A 80 14.87 6.62 7.17
C ASP A 80 14.96 5.99 8.56
N PHE A 81 14.67 4.69 8.63
CA PHE A 81 14.70 3.97 9.90
C PHE A 81 16.12 3.49 10.21
N ILE A 82 16.50 3.56 11.48
CA ILE A 82 17.82 3.13 11.90
C ILE A 82 17.74 2.08 13.01
N GLN A 83 17.82 0.81 12.63
CA GLN A 83 17.75 -0.28 13.60
C GLN A 83 19.07 -1.05 13.66
N VAL A 84 19.50 -1.36 14.87
CA VAL A 84 20.75 -2.09 15.07
C VAL A 84 20.50 -3.46 15.68
N PRO A 85 21.30 -4.46 15.27
CA PRO A 85 21.18 -5.83 15.77
C PRO A 85 21.61 -5.95 17.22
N SER A 86 22.58 -5.13 17.63
CA SER A 86 23.09 -5.15 18.99
C SER A 86 22.38 -4.12 19.85
N GLY A 87 21.27 -4.52 20.46
CA GLY A 87 20.51 -3.61 21.30
C GLY A 87 20.17 -4.22 22.66
N PRO A 88 18.97 -4.79 22.76
CA PRO A 88 18.51 -5.42 24.00
C PRO A 88 19.26 -6.71 24.32
N SER A 89 20.30 -6.58 25.14
CA SER A 89 21.10 -7.73 25.52
C SER A 89 21.27 -8.70 24.35
N SER A 90 21.42 -8.14 23.16
CA SER A 90 21.57 -8.95 21.96
C SER A 90 23.03 -9.35 21.76
N GLY A 91 23.25 -10.53 21.18
CA GLY A 91 24.60 -11.01 20.94
C GLY A 91 25.05 -10.80 19.51
N GLY A 1 -20.60 -14.80 16.30
CA GLY A 1 -21.23 -15.20 15.06
C GLY A 1 -21.72 -14.01 14.25
N SER A 2 -22.90 -14.15 13.66
CA SER A 2 -23.48 -13.09 12.85
C SER A 2 -25.00 -13.09 12.94
N SER A 3 -25.54 -12.10 13.63
CA SER A 3 -26.99 -11.99 13.81
C SER A 3 -27.66 -11.54 12.51
N GLY A 4 -27.28 -10.36 12.03
CA GLY A 4 -27.85 -9.85 10.81
C GLY A 4 -27.35 -10.58 9.57
N SER A 5 -27.30 -9.87 8.45
CA SER A 5 -26.84 -10.47 7.20
C SER A 5 -26.08 -9.44 6.37
N SER A 6 -25.54 -9.89 5.24
CA SER A 6 -24.78 -9.02 4.36
C SER A 6 -24.54 -9.69 3.00
N GLY A 7 -23.99 -8.93 2.07
CA GLY A 7 -23.73 -9.46 0.73
C GLY A 7 -23.74 -8.39 -0.33
N THR A 8 -22.65 -7.62 -0.41
CA THR A 8 -22.55 -6.55 -1.40
C THR A 8 -21.17 -6.55 -2.07
N LYS A 9 -21.16 -6.59 -3.39
CA LYS A 9 -19.91 -6.59 -4.14
C LYS A 9 -20.13 -6.02 -5.55
N GLN A 10 -19.04 -5.54 -6.15
CA GLN A 10 -19.12 -4.98 -7.49
C GLN A 10 -17.72 -4.67 -8.03
N LEU A 11 -17.62 -4.53 -9.35
CA LEU A 11 -16.33 -4.23 -9.98
C LEU A 11 -15.65 -3.04 -9.32
N ALA A 12 -16.43 -1.98 -9.08
CA ALA A 12 -15.91 -0.78 -8.44
C ALA A 12 -15.56 -1.04 -6.98
N ALA A 13 -14.97 -0.04 -6.33
CA ALA A 13 -14.60 -0.16 -4.92
C ALA A 13 -15.51 0.68 -4.04
N ALA A 14 -16.29 0.00 -3.19
CA ALA A 14 -17.21 0.68 -2.28
C ALA A 14 -16.48 1.68 -1.40
N PHE A 15 -15.37 1.24 -0.82
CA PHE A 15 -14.56 2.10 0.05
C PHE A 15 -13.30 2.57 -0.66
N HIS A 16 -12.94 3.83 -0.42
CA HIS A 16 -11.75 4.41 -1.04
C HIS A 16 -10.88 5.10 0.01
N GLU A 17 -9.58 5.18 -0.27
CA GLU A 17 -8.65 5.81 0.65
C GLU A 17 -7.73 6.78 -0.09
N GLU A 18 -7.51 7.96 0.49
CA GLU A 18 -6.66 8.97 -0.11
C GLU A 18 -5.90 9.75 0.95
N PHE A 19 -4.58 9.65 0.94
CA PHE A 19 -3.74 10.35 1.91
C PHE A 19 -2.49 10.90 1.24
N VAL A 20 -2.02 12.04 1.74
CA VAL A 20 -0.84 12.69 1.19
C VAL A 20 0.41 12.29 1.97
N VAL A 21 1.33 11.62 1.29
CA VAL A 21 2.58 11.18 1.92
C VAL A 21 3.72 12.16 1.61
N ARG A 22 4.63 12.29 2.57
CA ARG A 22 5.78 13.18 2.40
C ARG A 22 6.60 12.79 1.18
N GLU A 23 6.81 13.75 0.28
CA GLU A 23 7.57 13.51 -0.94
C GLU A 23 8.95 12.93 -0.61
N ASP A 24 9.35 13.06 0.67
CA ASP A 24 10.64 12.55 1.11
C ASP A 24 10.53 11.10 1.54
N LEU A 25 9.43 10.76 2.20
CA LEU A 25 9.20 9.40 2.67
C LEU A 25 8.71 8.50 1.53
N MET A 26 8.02 9.10 0.57
CA MET A 26 7.51 8.36 -0.58
C MET A 26 8.49 7.28 -1.01
N GLY A 27 9.64 7.70 -1.52
CA GLY A 27 10.65 6.77 -1.96
C GLY A 27 10.75 5.55 -1.06
N LEU A 28 10.78 5.78 0.24
CA LEU A 28 10.87 4.69 1.21
C LEU A 28 9.57 3.89 1.26
N ALA A 29 8.47 4.58 1.53
CA ALA A 29 7.16 3.94 1.60
C ALA A 29 6.96 2.98 0.43
N ILE A 30 7.44 3.39 -0.75
CA ILE A 30 7.31 2.57 -1.95
C ILE A 30 8.32 1.43 -1.95
N GLY A 31 9.51 1.70 -1.42
CA GLY A 31 10.56 0.70 -1.37
C GLY A 31 11.47 0.75 -2.58
N THR A 32 11.95 -0.41 -3.00
CA THR A 32 12.84 -0.50 -4.16
C THR A 32 12.09 -0.93 -5.41
N HIS A 33 12.47 -0.37 -6.55
CA HIS A 33 11.84 -0.69 -7.82
C HIS A 33 10.35 -0.96 -7.63
N GLY A 34 9.70 -0.12 -6.80
CA GLY A 34 8.29 -0.28 -6.55
C GLY A 34 7.96 -1.61 -5.91
N SER A 35 8.51 -1.85 -4.71
CA SER A 35 8.27 -3.10 -4.00
C SER A 35 7.01 -3.01 -3.15
N ASN A 36 6.99 -2.06 -2.23
CA ASN A 36 5.84 -1.87 -1.35
C ASN A 36 4.55 -1.81 -2.15
N ILE A 37 4.51 -0.91 -3.13
CA ILE A 37 3.34 -0.75 -3.97
C ILE A 37 2.83 -2.09 -4.48
N GLN A 38 3.74 -2.85 -5.09
CA GLN A 38 3.39 -4.17 -5.63
C GLN A 38 2.71 -5.03 -4.57
N GLN A 39 3.26 -5.02 -3.36
CA GLN A 39 2.71 -5.80 -2.26
C GLN A 39 1.27 -5.36 -1.96
N ALA A 40 1.08 -4.05 -1.79
CA ALA A 40 -0.24 -3.51 -1.49
C ALA A 40 -1.26 -3.97 -2.53
N ARG A 41 -0.83 -4.07 -3.78
CA ARG A 41 -1.70 -4.49 -4.86
C ARG A 41 -1.97 -5.99 -4.79
N LYS A 42 -1.20 -6.69 -3.96
CA LYS A 42 -1.36 -8.13 -3.79
C LYS A 42 -2.28 -8.45 -2.63
N VAL A 43 -3.01 -7.45 -2.17
CA VAL A 43 -3.94 -7.62 -1.05
C VAL A 43 -5.36 -7.86 -1.55
N PRO A 44 -6.07 -8.79 -0.89
CA PRO A 44 -7.45 -9.13 -1.25
C PRO A 44 -8.43 -8.02 -0.91
N GLY A 45 -9.45 -7.86 -1.75
CA GLY A 45 -10.44 -6.82 -1.52
C GLY A 45 -10.09 -5.53 -2.22
N VAL A 46 -8.82 -5.36 -2.56
CA VAL A 46 -8.36 -4.15 -3.23
C VAL A 46 -8.57 -4.24 -4.73
N THR A 47 -9.48 -3.41 -5.25
CA THR A 47 -9.78 -3.39 -6.67
C THR A 47 -8.61 -2.85 -7.48
N ALA A 48 -8.05 -1.74 -7.03
CA ALA A 48 -6.91 -1.11 -7.70
C ALA A 48 -6.19 -0.15 -6.79
N ILE A 49 -4.99 0.27 -7.19
CA ILE A 49 -4.19 1.20 -6.40
C ILE A 49 -3.48 2.21 -7.30
N GLU A 50 -3.84 3.47 -7.15
CA GLU A 50 -3.23 4.54 -7.95
C GLU A 50 -2.49 5.53 -7.06
N LEU A 51 -1.50 6.20 -7.63
CA LEU A 51 -0.72 7.18 -6.89
C LEU A 51 -0.60 8.49 -7.66
N ASP A 52 -0.56 9.61 -6.94
CA ASP A 52 -0.44 10.92 -7.56
C ASP A 52 0.95 11.50 -7.35
N GLU A 53 1.51 12.07 -8.41
CA GLU A 53 2.84 12.67 -8.34
C GLU A 53 2.75 14.20 -8.22
N ASP A 54 1.60 14.74 -8.57
CA ASP A 54 1.38 16.18 -8.50
C ASP A 54 1.60 16.70 -7.09
N THR A 55 0.98 16.04 -6.12
CA THR A 55 1.12 16.43 -4.72
C THR A 55 1.63 15.28 -3.87
N GLY A 56 1.39 14.05 -4.32
CA GLY A 56 1.83 12.89 -3.59
C GLY A 56 0.71 12.26 -2.77
N THR A 57 -0.39 11.93 -3.43
CA THR A 57 -1.52 11.32 -2.74
C THR A 57 -1.76 9.90 -3.23
N PHE A 58 -1.73 8.95 -2.30
CA PHE A 58 -1.92 7.55 -2.64
C PHE A 58 -3.42 7.20 -2.63
N ARG A 59 -3.94 6.87 -3.81
CA ARG A 59 -5.35 6.52 -3.94
C ARG A 59 -5.54 5.00 -3.96
N ILE A 60 -6.19 4.47 -2.94
CA ILE A 60 -6.44 3.04 -2.84
C ILE A 60 -7.91 2.72 -3.03
N TYR A 61 -8.20 1.72 -3.86
CA TYR A 61 -9.57 1.32 -4.12
C TYR A 61 -9.85 -0.09 -3.60
N GLY A 62 -10.84 -0.20 -2.72
CA GLY A 62 -11.17 -1.50 -2.15
C GLY A 62 -12.66 -1.65 -1.90
N GLU A 63 -13.18 -2.86 -2.10
CA GLU A 63 -14.59 -3.13 -1.89
C GLU A 63 -14.97 -2.98 -0.42
N SER A 64 -13.97 -3.13 0.45
CA SER A 64 -14.19 -3.01 1.89
C SER A 64 -13.02 -2.30 2.56
N ALA A 65 -13.34 -1.31 3.40
CA ALA A 65 -12.31 -0.56 4.11
C ALA A 65 -11.23 -1.48 4.65
N ASP A 66 -11.63 -2.69 5.05
CA ASP A 66 -10.68 -3.66 5.58
C ASP A 66 -9.55 -3.92 4.59
N ALA A 67 -9.89 -4.07 3.32
CA ALA A 67 -8.90 -4.31 2.28
C ALA A 67 -7.97 -3.12 2.11
N VAL A 68 -8.52 -2.01 1.62
CA VAL A 68 -7.72 -0.81 1.41
C VAL A 68 -6.90 -0.47 2.65
N LYS A 69 -7.43 -0.81 3.82
CA LYS A 69 -6.73 -0.55 5.07
C LYS A 69 -5.47 -1.40 5.19
N LYS A 70 -5.62 -2.71 4.97
CA LYS A 70 -4.50 -3.63 5.04
C LYS A 70 -3.41 -3.24 4.04
N ALA A 71 -3.83 -2.83 2.85
CA ALA A 71 -2.89 -2.44 1.81
C ALA A 71 -2.27 -1.07 2.11
N ARG A 72 -3.08 -0.17 2.66
CA ARG A 72 -2.62 1.17 2.99
C ARG A 72 -1.32 1.11 3.79
N GLY A 73 -1.30 0.25 4.80
CA GLY A 73 -0.12 0.10 5.64
C GLY A 73 1.15 -0.04 4.82
N PHE A 74 1.04 -0.68 3.65
CA PHE A 74 2.18 -0.89 2.78
C PHE A 74 2.62 0.42 2.13
N LEU A 75 1.63 1.21 1.69
CA LEU A 75 1.90 2.49 1.05
C LEU A 75 2.24 3.56 2.08
N GLU A 76 1.96 3.26 3.35
CA GLU A 76 2.23 4.19 4.42
C GLU A 76 3.71 4.54 4.50
N PHE A 77 4.02 5.79 4.81
CA PHE A 77 5.39 6.25 4.91
C PHE A 77 6.10 5.59 6.09
N VAL A 78 7.38 5.26 5.89
CA VAL A 78 8.16 4.63 6.95
C VAL A 78 9.40 5.46 7.27
N GLU A 79 9.63 5.67 8.57
CA GLU A 79 10.78 6.45 9.02
C GLU A 79 12.09 5.82 8.56
N ASP A 80 13.03 6.67 8.15
CA ASP A 80 14.33 6.18 7.68
C ASP A 80 14.93 5.20 8.67
N PHE A 81 15.30 4.02 8.18
CA PHE A 81 15.89 2.98 9.02
C PHE A 81 17.39 2.87 8.78
N ILE A 82 18.15 2.66 9.85
CA ILE A 82 19.60 2.53 9.75
C ILE A 82 20.08 1.25 10.40
N GLN A 83 20.40 0.26 9.58
CA GLN A 83 20.89 -1.02 10.09
C GLN A 83 22.41 -1.06 10.10
N VAL A 84 22.97 -1.68 11.15
CA VAL A 84 24.42 -1.79 11.28
C VAL A 84 24.89 -3.22 11.08
N PRO A 85 26.07 -3.38 10.46
CA PRO A 85 26.65 -4.71 10.19
C PRO A 85 27.11 -5.40 11.47
N SER A 86 26.88 -4.75 12.61
CA SER A 86 27.27 -5.31 13.90
C SER A 86 27.15 -6.83 13.90
N GLY A 87 25.95 -7.31 13.59
CA GLY A 87 25.72 -8.75 13.56
C GLY A 87 24.24 -9.09 13.43
N PRO A 88 23.95 -10.20 12.73
CA PRO A 88 22.58 -10.66 12.53
C PRO A 88 21.94 -11.19 13.80
N SER A 89 22.75 -11.32 14.85
CA SER A 89 22.26 -11.81 16.13
C SER A 89 21.16 -10.90 16.68
N SER A 90 21.51 -9.64 16.94
CA SER A 90 20.57 -8.67 17.47
C SER A 90 19.37 -8.52 16.53
N GLY A 91 18.25 -9.15 16.90
CA GLY A 91 17.06 -9.07 16.08
C GLY A 91 15.79 -9.31 16.88
N GLY A 1 -22.88 -17.47 16.69
CA GLY A 1 -22.89 -17.49 15.24
C GLY A 1 -24.05 -16.69 14.67
N SER A 2 -23.78 -15.97 13.57
CA SER A 2 -24.81 -15.16 12.93
C SER A 2 -24.58 -15.08 11.43
N SER A 3 -25.65 -14.86 10.68
CA SER A 3 -25.56 -14.77 9.22
C SER A 3 -26.12 -13.43 8.73
N GLY A 4 -25.91 -13.15 7.45
CA GLY A 4 -26.40 -11.91 6.87
C GLY A 4 -25.36 -11.23 6.00
N SER A 5 -25.38 -11.54 4.71
CA SER A 5 -24.43 -10.95 3.77
C SER A 5 -25.14 -10.44 2.52
N SER A 6 -25.43 -9.15 2.50
CA SER A 6 -26.10 -8.54 1.36
C SER A 6 -25.16 -7.66 0.56
N GLY A 7 -25.47 -7.45 -0.71
CA GLY A 7 -24.64 -6.62 -1.56
C GLY A 7 -24.69 -7.05 -3.01
N THR A 8 -24.11 -6.24 -3.90
CA THR A 8 -24.10 -6.55 -5.32
C THR A 8 -22.77 -6.14 -5.95
N LYS A 9 -22.13 -7.10 -6.62
CA LYS A 9 -20.84 -6.84 -7.26
C LYS A 9 -20.97 -5.74 -8.30
N GLN A 10 -20.26 -4.63 -8.08
CA GLN A 10 -20.30 -3.50 -9.00
C GLN A 10 -18.90 -3.17 -9.50
N LEU A 11 -18.82 -2.19 -10.39
CA LEU A 11 -17.54 -1.77 -10.95
C LEU A 11 -16.98 -0.56 -10.23
N ALA A 12 -16.79 -0.70 -8.92
CA ALA A 12 -16.26 0.39 -8.09
C ALA A 12 -15.79 -0.13 -6.74
N ALA A 13 -15.36 0.79 -5.88
CA ALA A 13 -14.88 0.43 -4.55
C ALA A 13 -15.72 1.11 -3.46
N ALA A 14 -16.37 0.30 -2.65
CA ALA A 14 -17.20 0.82 -1.56
C ALA A 14 -16.37 1.65 -0.59
N PHE A 15 -15.12 1.25 -0.39
CA PHE A 15 -14.22 1.96 0.50
C PHE A 15 -12.98 2.45 -0.22
N HIS A 16 -12.60 3.70 0.02
CA HIS A 16 -11.42 4.29 -0.62
C HIS A 16 -10.59 5.07 0.39
N GLU A 17 -9.28 4.84 0.38
CA GLU A 17 -8.38 5.53 1.30
C GLU A 17 -7.46 6.49 0.54
N GLU A 18 -7.26 7.67 1.10
CA GLU A 18 -6.41 8.68 0.48
C GLU A 18 -5.58 9.42 1.54
N PHE A 19 -4.26 9.43 1.35
CA PHE A 19 -3.36 10.09 2.28
C PHE A 19 -2.21 10.77 1.54
N VAL A 20 -1.71 11.86 2.10
CA VAL A 20 -0.60 12.59 1.50
C VAL A 20 0.73 12.22 2.14
N VAL A 21 1.61 11.61 1.36
CA VAL A 21 2.92 11.21 1.85
C VAL A 21 4.01 12.15 1.35
N ARG A 22 4.93 12.52 2.24
CA ARG A 22 6.02 13.41 1.89
C ARG A 22 6.80 12.86 0.69
N GLU A 23 7.09 13.73 -0.27
CA GLU A 23 7.82 13.34 -1.47
C GLU A 23 9.11 12.60 -1.10
N ASP A 24 9.65 12.92 0.07
CA ASP A 24 10.87 12.28 0.55
C ASP A 24 10.60 10.87 1.02
N LEU A 25 9.47 10.69 1.71
CA LEU A 25 9.09 9.38 2.23
C LEU A 25 8.61 8.47 1.10
N MET A 26 8.09 9.06 0.04
CA MET A 26 7.59 8.30 -1.11
C MET A 26 8.54 7.16 -1.45
N GLY A 27 9.82 7.49 -1.67
CA GLY A 27 10.79 6.47 -1.99
C GLY A 27 10.81 5.33 -0.99
N LEU A 28 10.68 5.67 0.29
CA LEU A 28 10.67 4.67 1.34
C LEU A 28 9.38 3.86 1.32
N ALA A 29 8.26 4.55 1.47
CA ALA A 29 6.96 3.90 1.46
C ALA A 29 6.80 2.99 0.24
N ILE A 30 7.32 3.45 -0.89
CA ILE A 30 7.24 2.69 -2.13
C ILE A 30 8.24 1.54 -2.14
N GLY A 31 9.39 1.76 -1.51
CA GLY A 31 10.41 0.73 -1.46
C GLY A 31 11.36 0.79 -2.64
N THR A 32 11.92 -0.36 -3.01
CA THR A 32 12.85 -0.43 -4.13
C THR A 32 12.17 -0.98 -5.37
N HIS A 33 12.22 -0.22 -6.46
CA HIS A 33 11.62 -0.65 -7.73
C HIS A 33 10.14 -0.99 -7.53
N GLY A 34 9.43 -0.10 -6.84
CA GLY A 34 8.01 -0.32 -6.59
C GLY A 34 7.74 -1.63 -5.89
N SER A 35 8.33 -1.82 -4.72
CA SER A 35 8.16 -3.05 -3.95
C SER A 35 6.89 -2.99 -3.10
N ASN A 36 6.81 -1.97 -2.24
CA ASN A 36 5.64 -1.80 -1.38
C ASN A 36 4.36 -1.76 -2.20
N ILE A 37 4.28 -0.83 -3.14
CA ILE A 37 3.11 -0.70 -3.99
C ILE A 37 2.65 -2.05 -4.51
N GLN A 38 3.58 -2.82 -5.05
CA GLN A 38 3.26 -4.14 -5.59
C GLN A 38 2.51 -4.98 -4.55
N GLN A 39 3.20 -5.36 -3.48
CA GLN A 39 2.60 -6.15 -2.42
C GLN A 39 1.21 -5.63 -2.07
N ALA A 40 1.04 -4.32 -2.13
CA ALA A 40 -0.24 -3.70 -1.83
C ALA A 40 -1.32 -4.15 -2.80
N ARG A 41 -1.03 -4.03 -4.09
CA ARG A 41 -1.97 -4.42 -5.12
C ARG A 41 -2.20 -5.93 -5.12
N LYS A 42 -1.35 -6.64 -4.38
CA LYS A 42 -1.44 -8.09 -4.29
C LYS A 42 -2.41 -8.51 -3.18
N VAL A 43 -3.03 -7.52 -2.54
CA VAL A 43 -3.97 -7.77 -1.47
C VAL A 43 -5.39 -7.94 -2.00
N PRO A 44 -6.12 -8.92 -1.45
CA PRO A 44 -7.50 -9.21 -1.85
C PRO A 44 -8.47 -8.09 -1.43
N GLY A 45 -9.47 -7.85 -2.26
CA GLY A 45 -10.45 -6.82 -1.97
C GLY A 45 -10.06 -5.47 -2.52
N VAL A 46 -8.79 -5.33 -2.91
CA VAL A 46 -8.30 -4.07 -3.47
C VAL A 46 -8.50 -4.02 -4.97
N THR A 47 -9.51 -3.28 -5.41
CA THR A 47 -9.79 -3.14 -6.83
C THR A 47 -8.59 -2.62 -7.60
N ALA A 48 -8.01 -1.52 -7.11
CA ALA A 48 -6.84 -0.92 -7.75
C ALA A 48 -6.11 0.01 -6.79
N ILE A 49 -4.93 0.47 -7.20
CA ILE A 49 -4.14 1.36 -6.38
C ILE A 49 -3.42 2.41 -7.23
N GLU A 50 -3.81 3.66 -7.07
CA GLU A 50 -3.20 4.75 -7.82
C GLU A 50 -2.48 5.72 -6.90
N LEU A 51 -1.52 6.46 -7.44
CA LEU A 51 -0.76 7.43 -6.67
C LEU A 51 -0.47 8.68 -7.49
N ASP A 52 -0.41 9.82 -6.81
CA ASP A 52 -0.14 11.09 -7.48
C ASP A 52 1.29 11.55 -7.23
N GLU A 53 1.96 12.00 -8.28
CA GLU A 53 3.34 12.47 -8.16
C GLU A 53 3.40 13.99 -8.09
N ASP A 54 2.36 14.64 -8.60
CA ASP A 54 2.29 16.09 -8.59
C ASP A 54 1.80 16.61 -7.24
N THR A 55 1.11 15.75 -6.51
CA THR A 55 0.57 16.12 -5.21
C THR A 55 1.12 15.21 -4.11
N GLY A 56 1.55 14.02 -4.50
CA GLY A 56 2.09 13.07 -3.54
C GLY A 56 1.02 12.48 -2.64
N THR A 57 -0.07 12.03 -3.25
CA THR A 57 -1.18 11.45 -2.50
C THR A 57 -1.48 10.03 -2.98
N PHE A 58 -1.44 9.07 -2.06
CA PHE A 58 -1.71 7.69 -2.39
C PHE A 58 -3.21 7.38 -2.32
N ARG A 59 -3.76 6.90 -3.41
CA ARG A 59 -5.19 6.57 -3.48
C ARG A 59 -5.39 5.07 -3.64
N ILE A 60 -6.01 4.46 -2.64
CA ILE A 60 -6.27 3.02 -2.67
C ILE A 60 -7.75 2.74 -2.87
N TYR A 61 -8.05 1.74 -3.69
CA TYR A 61 -9.43 1.36 -3.97
C TYR A 61 -9.70 -0.07 -3.54
N GLY A 62 -10.67 -0.25 -2.65
CA GLY A 62 -11.02 -1.57 -2.16
C GLY A 62 -12.50 -1.73 -1.90
N GLU A 63 -13.02 -2.93 -2.16
CA GLU A 63 -14.44 -3.20 -1.95
C GLU A 63 -14.81 -3.04 -0.48
N SER A 64 -13.87 -3.37 0.40
CA SER A 64 -14.10 -3.27 1.83
C SER A 64 -12.93 -2.59 2.53
N ALA A 65 -13.25 -1.65 3.43
CA ALA A 65 -12.22 -0.92 4.16
C ALA A 65 -11.14 -1.86 4.69
N ASP A 66 -11.52 -3.12 4.92
CA ASP A 66 -10.59 -4.11 5.43
C ASP A 66 -9.42 -4.31 4.45
N ALA A 67 -9.75 -4.34 3.16
CA ALA A 67 -8.73 -4.54 2.13
C ALA A 67 -7.84 -3.30 2.01
N VAL A 68 -8.43 -2.18 1.61
CA VAL A 68 -7.70 -0.94 1.45
C VAL A 68 -6.86 -0.63 2.69
N LYS A 69 -7.36 -1.05 3.85
CA LYS A 69 -6.67 -0.82 5.11
C LYS A 69 -5.39 -1.65 5.19
N LYS A 70 -5.52 -2.96 4.96
CA LYS A 70 -4.37 -3.86 5.00
C LYS A 70 -3.33 -3.45 3.97
N ALA A 71 -3.79 -3.11 2.77
CA ALA A 71 -2.90 -2.70 1.69
C ALA A 71 -2.21 -1.38 2.01
N ARG A 72 -2.94 -0.51 2.71
CA ARG A 72 -2.41 0.80 3.08
C ARG A 72 -1.17 0.65 3.97
N GLY A 73 -1.24 -0.28 4.91
CA GLY A 73 -0.13 -0.52 5.81
C GLY A 73 1.19 -0.70 5.08
N PHE A 74 1.11 -1.04 3.79
CA PHE A 74 2.29 -1.25 2.98
C PHE A 74 2.79 0.07 2.40
N LEU A 75 1.86 0.92 1.98
CA LEU A 75 2.21 2.21 1.41
C LEU A 75 2.35 3.27 2.50
N GLU A 76 2.27 2.84 3.75
CA GLU A 76 2.39 3.74 4.89
C GLU A 76 3.67 4.57 4.79
N PHE A 77 3.62 5.79 5.32
CA PHE A 77 4.78 6.68 5.29
C PHE A 77 5.82 6.25 6.30
N VAL A 78 7.02 5.93 5.82
CA VAL A 78 8.11 5.51 6.69
C VAL A 78 9.31 6.44 6.58
N GLU A 79 9.77 6.94 7.72
CA GLU A 79 10.91 7.86 7.76
C GLU A 79 12.22 7.09 7.70
N ASP A 80 13.29 7.78 7.32
CA ASP A 80 14.61 7.16 7.22
C ASP A 80 14.83 6.19 8.37
N PHE A 81 14.80 4.89 8.07
CA PHE A 81 15.00 3.86 9.07
C PHE A 81 16.43 3.32 9.03
N ILE A 82 17.02 3.13 10.20
CA ILE A 82 18.38 2.63 10.30
C ILE A 82 18.43 1.32 11.08
N GLN A 83 18.53 0.21 10.35
CA GLN A 83 18.58 -1.11 10.98
C GLN A 83 19.91 -1.80 10.69
N VAL A 84 20.43 -2.51 11.68
CA VAL A 84 21.70 -3.22 11.53
C VAL A 84 21.49 -4.73 11.61
N PRO A 85 22.30 -5.47 10.83
CA PRO A 85 22.22 -6.94 10.80
C PRO A 85 22.72 -7.57 12.10
N SER A 86 22.35 -8.83 12.32
CA SER A 86 22.74 -9.54 13.52
C SER A 86 22.90 -11.04 13.24
N GLY A 87 24.01 -11.61 13.70
CA GLY A 87 24.25 -13.02 13.49
C GLY A 87 24.89 -13.30 12.14
N PRO A 88 24.74 -14.54 11.66
CA PRO A 88 25.31 -14.96 10.37
C PRO A 88 24.60 -14.32 9.19
N SER A 89 23.30 -14.06 9.36
CA SER A 89 22.51 -13.45 8.30
C SER A 89 23.32 -12.38 7.56
N SER A 90 23.01 -12.19 6.28
CA SER A 90 23.71 -11.20 5.46
C SER A 90 23.13 -9.81 5.68
N GLY A 91 23.81 -8.80 5.15
CA GLY A 91 23.35 -7.44 5.29
C GLY A 91 22.42 -7.02 4.17
N GLY A 1 -1.64 -17.08 7.42
CA GLY A 1 -2.77 -16.54 6.68
C GLY A 1 -2.96 -17.24 5.35
N SER A 2 -3.65 -16.57 4.43
CA SER A 2 -3.92 -17.14 3.11
C SER A 2 -4.02 -16.02 2.06
N SER A 3 -3.77 -16.39 0.81
CA SER A 3 -3.83 -15.43 -0.29
C SER A 3 -3.76 -16.15 -1.64
N GLY A 4 -4.43 -15.57 -2.63
CA GLY A 4 -4.43 -16.17 -3.96
C GLY A 4 -4.77 -15.16 -5.05
N SER A 5 -4.46 -15.51 -6.29
CA SER A 5 -4.73 -14.62 -7.42
C SER A 5 -5.57 -15.33 -8.47
N SER A 6 -6.78 -14.82 -8.69
CA SER A 6 -7.69 -15.41 -9.66
C SER A 6 -8.37 -14.32 -10.50
N GLY A 7 -9.10 -14.74 -11.52
CA GLY A 7 -9.79 -13.79 -12.38
C GLY A 7 -11.09 -13.30 -11.78
N THR A 8 -11.13 -12.01 -11.43
CA THR A 8 -12.32 -11.41 -10.84
C THR A 8 -12.68 -10.11 -11.55
N LYS A 9 -13.96 -9.74 -11.48
CA LYS A 9 -14.43 -8.51 -12.10
C LYS A 9 -15.06 -7.59 -11.07
N GLN A 10 -14.74 -6.30 -11.15
CA GLN A 10 -15.27 -5.31 -10.22
C GLN A 10 -15.81 -4.10 -10.97
N LEU A 11 -16.62 -3.30 -10.28
CA LEU A 11 -17.21 -2.11 -10.87
C LEU A 11 -16.69 -0.84 -10.19
N ALA A 12 -16.98 -0.71 -8.91
CA ALA A 12 -16.55 0.45 -8.14
C ALA A 12 -16.31 0.08 -6.68
N ALA A 13 -15.20 0.56 -6.13
CA ALA A 13 -14.86 0.28 -4.74
C ALA A 13 -15.68 1.14 -3.79
N ALA A 14 -16.34 0.49 -2.83
CA ALA A 14 -17.17 1.20 -1.86
C ALA A 14 -16.30 1.93 -0.84
N PHE A 15 -15.12 1.38 -0.57
CA PHE A 15 -14.20 1.99 0.40
C PHE A 15 -12.90 2.39 -0.28
N HIS A 16 -12.39 3.57 0.08
CA HIS A 16 -11.15 4.06 -0.50
C HIS A 16 -10.34 4.84 0.54
N GLU A 17 -9.01 4.79 0.42
CA GLU A 17 -8.13 5.48 1.35
C GLU A 17 -7.31 6.54 0.62
N GLU A 18 -7.21 7.72 1.24
CA GLU A 18 -6.45 8.82 0.65
C GLU A 18 -5.53 9.46 1.69
N PHE A 19 -4.22 9.31 1.49
CA PHE A 19 -3.23 9.87 2.40
C PHE A 19 -2.09 10.51 1.64
N VAL A 20 -1.60 11.64 2.14
CA VAL A 20 -0.49 12.35 1.51
C VAL A 20 0.84 11.92 2.09
N VAL A 21 1.71 11.38 1.24
CA VAL A 21 3.03 10.93 1.67
C VAL A 21 4.12 11.93 1.26
N ARG A 22 5.03 12.21 2.18
CA ARG A 22 6.12 13.15 1.92
C ARG A 22 6.88 12.76 0.65
N GLU A 23 7.08 13.73 -0.23
CA GLU A 23 7.80 13.49 -1.48
C GLU A 23 9.14 12.82 -1.22
N ASP A 24 9.59 12.88 0.03
CA ASP A 24 10.87 12.28 0.40
C ASP A 24 10.66 10.86 0.92
N LEU A 25 9.57 10.65 1.62
CA LEU A 25 9.26 9.32 2.18
C LEU A 25 8.79 8.38 1.08
N MET A 26 8.28 8.94 -0.01
CA MET A 26 7.80 8.15 -1.13
C MET A 26 8.74 6.98 -1.41
N GLY A 27 9.96 7.29 -1.82
CA GLY A 27 10.93 6.25 -2.12
C GLY A 27 10.81 5.06 -1.19
N LEU A 28 10.90 5.32 0.12
CA LEU A 28 10.80 4.26 1.11
C LEU A 28 9.41 3.62 1.08
N ALA A 29 8.39 4.39 1.42
CA ALA A 29 7.03 3.90 1.43
C ALA A 29 6.76 3.01 0.21
N ILE A 30 7.46 3.28 -0.87
CA ILE A 30 7.30 2.51 -2.10
C ILE A 30 8.25 1.31 -2.13
N GLY A 31 9.43 1.49 -1.56
CA GLY A 31 10.42 0.42 -1.53
C GLY A 31 11.32 0.42 -2.74
N THR A 32 11.79 -0.76 -3.14
CA THR A 32 12.67 -0.88 -4.29
C THR A 32 11.89 -1.31 -5.53
N HIS A 33 12.30 -0.78 -6.68
CA HIS A 33 11.64 -1.11 -7.94
C HIS A 33 10.15 -1.32 -7.74
N GLY A 34 9.52 -0.41 -6.99
CA GLY A 34 8.09 -0.52 -6.73
C GLY A 34 7.74 -1.81 -6.02
N SER A 35 8.29 -2.01 -4.83
CA SER A 35 8.02 -3.21 -4.05
C SER A 35 6.74 -3.05 -3.23
N ASN A 36 6.74 -2.08 -2.33
CA ASN A 36 5.57 -1.82 -1.49
C ASN A 36 4.30 -1.77 -2.32
N ILE A 37 4.26 -0.83 -3.26
CA ILE A 37 3.09 -0.68 -4.14
C ILE A 37 2.57 -2.04 -4.59
N GLN A 38 3.46 -2.84 -5.17
CA GLN A 38 3.07 -4.17 -5.65
C GLN A 38 2.32 -4.95 -4.58
N GLN A 39 3.02 -5.31 -3.51
CA GLN A 39 2.41 -6.05 -2.42
C GLN A 39 1.01 -5.54 -2.13
N ALA A 40 0.88 -4.23 -1.92
CA ALA A 40 -0.41 -3.62 -1.63
C ALA A 40 -1.46 -4.05 -2.66
N ARG A 41 -1.10 -3.95 -3.93
CA ARG A 41 -2.01 -4.32 -5.01
C ARG A 41 -2.24 -5.83 -5.03
N LYS A 42 -1.40 -6.57 -4.30
CA LYS A 42 -1.52 -8.02 -4.24
C LYS A 42 -2.51 -8.43 -3.15
N VAL A 43 -3.18 -7.45 -2.57
CA VAL A 43 -4.16 -7.72 -1.51
C VAL A 43 -5.57 -7.88 -2.10
N PRO A 44 -6.32 -8.86 -1.57
CA PRO A 44 -7.68 -9.13 -2.02
C PRO A 44 -8.66 -8.03 -1.61
N GLY A 45 -9.69 -7.85 -2.42
CA GLY A 45 -10.69 -6.82 -2.13
C GLY A 45 -10.30 -5.47 -2.68
N VAL A 46 -9.01 -5.29 -2.97
CA VAL A 46 -8.52 -4.03 -3.51
C VAL A 46 -8.71 -3.95 -5.02
N THR A 47 -9.67 -3.14 -5.45
CA THR A 47 -9.96 -2.97 -6.86
C THR A 47 -8.75 -2.46 -7.62
N ALA A 48 -8.22 -1.32 -7.18
CA ALA A 48 -7.06 -0.71 -7.81
C ALA A 48 -6.32 0.20 -6.84
N ILE A 49 -5.06 0.51 -7.17
CA ILE A 49 -4.25 1.37 -6.33
C ILE A 49 -3.51 2.41 -7.16
N GLU A 50 -3.95 3.66 -7.08
CA GLU A 50 -3.33 4.75 -7.83
C GLU A 50 -2.53 5.66 -6.90
N LEU A 51 -1.65 6.46 -7.49
CA LEU A 51 -0.82 7.38 -6.72
C LEU A 51 -0.66 8.71 -7.44
N ASP A 52 -0.67 9.80 -6.68
CA ASP A 52 -0.52 11.13 -7.24
C ASP A 52 0.91 11.64 -7.08
N GLU A 53 1.48 12.12 -8.18
CA GLU A 53 2.85 12.63 -8.16
C GLU A 53 2.86 14.16 -8.10
N ASP A 54 1.72 14.76 -8.39
CA ASP A 54 1.59 16.20 -8.37
C ASP A 54 1.81 16.75 -6.97
N THR A 55 1.31 16.03 -5.97
CA THR A 55 1.46 16.45 -4.57
C THR A 55 2.02 15.31 -3.72
N GLY A 56 1.73 14.08 -4.11
CA GLY A 56 2.20 12.93 -3.37
C GLY A 56 1.13 12.32 -2.49
N THR A 57 0.03 11.90 -3.11
CA THR A 57 -1.08 11.30 -2.38
C THR A 57 -1.42 9.92 -2.95
N PHE A 58 -1.37 8.90 -2.10
CA PHE A 58 -1.68 7.54 -2.52
C PHE A 58 -3.19 7.27 -2.42
N ARG A 59 -3.78 6.86 -3.52
CA ARG A 59 -5.21 6.57 -3.55
C ARG A 59 -5.46 5.07 -3.73
N ILE A 60 -5.99 4.44 -2.69
CA ILE A 60 -6.28 3.02 -2.72
C ILE A 60 -7.77 2.77 -2.89
N TYR A 61 -8.11 1.74 -3.68
CA TYR A 61 -9.50 1.40 -3.92
C TYR A 61 -9.78 -0.04 -3.52
N GLY A 62 -10.85 -0.24 -2.75
CA GLY A 62 -11.21 -1.58 -2.31
C GLY A 62 -12.69 -1.70 -2.02
N GLU A 63 -13.25 -2.87 -2.33
CA GLU A 63 -14.67 -3.12 -2.10
C GLU A 63 -15.03 -2.94 -0.63
N SER A 64 -14.08 -3.25 0.25
CA SER A 64 -14.29 -3.14 1.68
C SER A 64 -13.10 -2.47 2.36
N ALA A 65 -13.37 -1.55 3.27
CA ALA A 65 -12.32 -0.85 3.99
C ALA A 65 -11.26 -1.82 4.52
N ASP A 66 -11.68 -3.05 4.79
CA ASP A 66 -10.77 -4.07 5.30
C ASP A 66 -9.61 -4.29 4.32
N ALA A 67 -9.93 -4.33 3.03
CA ALA A 67 -8.92 -4.54 2.01
C ALA A 67 -7.96 -3.35 1.93
N VAL A 68 -8.48 -2.21 1.51
CA VAL A 68 -7.68 -1.00 1.40
C VAL A 68 -6.87 -0.75 2.66
N LYS A 69 -7.45 -1.10 3.81
CA LYS A 69 -6.79 -0.91 5.09
C LYS A 69 -5.54 -1.78 5.19
N LYS A 70 -5.69 -3.07 4.89
CA LYS A 70 -4.57 -4.00 4.93
C LYS A 70 -3.50 -3.62 3.91
N ALA A 71 -3.94 -3.19 2.73
CA ALA A 71 -3.02 -2.80 1.67
C ALA A 71 -2.38 -1.45 1.97
N ARG A 72 -3.10 -0.61 2.70
CA ARG A 72 -2.61 0.71 3.06
C ARG A 72 -1.33 0.61 3.90
N GLY A 73 -1.33 -0.32 4.85
CA GLY A 73 -0.17 -0.51 5.69
C GLY A 73 1.11 -0.66 4.91
N PHE A 74 0.99 -1.10 3.66
CA PHE A 74 2.15 -1.29 2.79
C PHE A 74 2.60 0.04 2.19
N LEU A 75 1.66 0.97 2.07
CA LEU A 75 1.95 2.28 1.51
C LEU A 75 2.09 3.32 2.60
N GLU A 76 2.16 2.87 3.85
CA GLU A 76 2.29 3.77 4.98
C GLU A 76 3.61 4.54 4.93
N PHE A 77 3.57 5.79 5.36
CA PHE A 77 4.76 6.63 5.35
C PHE A 77 5.77 6.16 6.40
N VAL A 78 6.96 5.80 5.93
CA VAL A 78 8.02 5.33 6.82
C VAL A 78 9.25 6.23 6.74
N GLU A 79 9.71 6.70 7.89
CA GLU A 79 10.88 7.58 7.94
C GLU A 79 12.16 6.78 7.71
N ASP A 80 13.25 7.49 7.48
CA ASP A 80 14.54 6.85 7.24
C ASP A 80 15.01 6.09 8.47
N PHE A 81 15.26 4.80 8.30
CA PHE A 81 15.71 3.96 9.41
C PHE A 81 17.17 3.58 9.23
N ILE A 82 17.99 3.96 10.21
CA ILE A 82 19.42 3.67 10.18
C ILE A 82 19.85 2.88 11.41
N GLN A 83 20.05 1.58 11.24
CA GLN A 83 20.46 0.72 12.34
C GLN A 83 21.98 0.62 12.41
N VAL A 84 22.53 0.85 13.59
CA VAL A 84 23.98 0.79 13.79
C VAL A 84 24.38 -0.52 14.45
N PRO A 85 25.55 -1.05 14.05
CA PRO A 85 26.08 -2.31 14.59
C PRO A 85 26.52 -2.17 16.05
N SER A 86 25.78 -2.81 16.95
CA SER A 86 26.09 -2.76 18.37
C SER A 86 27.23 -3.74 18.71
N GLY A 87 27.14 -4.94 18.17
CA GLY A 87 28.15 -5.95 18.43
C GLY A 87 29.40 -5.74 17.60
N PRO A 88 30.55 -6.17 18.13
CA PRO A 88 31.84 -6.03 17.46
C PRO A 88 31.96 -6.94 16.24
N SER A 89 32.51 -6.41 15.16
CA SER A 89 32.68 -7.18 13.93
C SER A 89 34.16 -7.31 13.56
N SER A 90 34.49 -8.36 12.82
CA SER A 90 35.87 -8.60 12.42
C SER A 90 35.93 -9.72 11.38
N GLY A 91 36.28 -9.36 10.15
CA GLY A 91 36.38 -10.34 9.08
C GLY A 91 35.10 -10.45 8.29
N GLY A 1 0.42 -18.43 -0.75
CA GLY A 1 -0.42 -19.41 -1.42
C GLY A 1 -1.87 -19.32 -1.01
N SER A 2 -2.67 -18.65 -1.83
CA SER A 2 -4.10 -18.48 -1.54
C SER A 2 -4.94 -18.95 -2.71
N SER A 3 -6.12 -19.48 -2.42
CA SER A 3 -7.03 -19.97 -3.44
C SER A 3 -8.44 -19.47 -3.21
N GLY A 4 -8.97 -18.71 -4.16
CA GLY A 4 -10.31 -18.18 -4.04
C GLY A 4 -11.29 -18.83 -4.99
N SER A 5 -12.41 -18.16 -5.25
CA SER A 5 -13.43 -18.69 -6.15
C SER A 5 -13.77 -17.69 -7.24
N SER A 6 -13.23 -17.93 -8.44
CA SER A 6 -13.47 -17.05 -9.58
C SER A 6 -14.78 -17.40 -10.27
N GLY A 7 -15.28 -16.46 -11.08
CA GLY A 7 -16.54 -16.68 -11.78
C GLY A 7 -17.23 -15.39 -12.15
N THR A 8 -17.76 -14.71 -11.14
CA THR A 8 -18.46 -13.44 -11.36
C THR A 8 -17.94 -12.35 -10.44
N LYS A 9 -17.75 -11.15 -10.98
CA LYS A 9 -17.26 -10.02 -10.20
C LYS A 9 -17.48 -8.71 -10.96
N GLN A 10 -17.66 -7.63 -10.20
CA GLN A 10 -17.88 -6.32 -10.80
C GLN A 10 -16.66 -5.42 -10.58
N LEU A 11 -16.72 -4.21 -11.13
CA LEU A 11 -15.63 -3.25 -10.99
C LEU A 11 -16.08 -2.01 -10.22
N ALA A 12 -15.91 -2.05 -8.90
CA ALA A 12 -16.30 -0.93 -8.06
C ALA A 12 -15.82 -1.14 -6.63
N ALA A 13 -15.23 -0.10 -6.05
CA ALA A 13 -14.73 -0.16 -4.68
C ALA A 13 -15.62 0.63 -3.73
N ALA A 14 -16.31 -0.08 -2.86
CA ALA A 14 -17.19 0.56 -1.88
C ALA A 14 -16.44 1.56 -1.02
N PHE A 15 -15.26 1.16 -0.55
CA PHE A 15 -14.44 2.02 0.29
C PHE A 15 -13.21 2.51 -0.48
N HIS A 16 -12.83 3.76 -0.23
CA HIS A 16 -11.69 4.36 -0.90
C HIS A 16 -10.78 5.08 0.10
N GLU A 17 -9.47 4.95 -0.09
CA GLU A 17 -8.51 5.59 0.81
C GLU A 17 -7.77 6.70 0.09
N GLU A 18 -7.50 7.79 0.81
CA GLU A 18 -6.80 8.93 0.23
C GLU A 18 -5.97 9.65 1.30
N PHE A 19 -4.65 9.56 1.19
CA PHE A 19 -3.75 10.20 2.14
C PHE A 19 -2.54 10.79 1.44
N VAL A 20 -1.98 11.84 2.02
CA VAL A 20 -0.81 12.50 1.44
C VAL A 20 0.48 12.00 2.09
N VAL A 21 1.47 11.70 1.26
CA VAL A 21 2.75 11.22 1.75
C VAL A 21 3.88 12.17 1.37
N ARG A 22 4.78 12.41 2.32
CA ARG A 22 5.91 13.31 2.10
C ARG A 22 6.74 12.84 0.90
N GLU A 23 7.02 13.76 -0.02
CA GLU A 23 7.80 13.44 -1.21
C GLU A 23 9.17 12.88 -0.83
N ASP A 24 9.61 13.19 0.39
CA ASP A 24 10.90 12.72 0.87
C ASP A 24 10.78 11.31 1.44
N LEU A 25 9.56 10.91 1.79
CA LEU A 25 9.31 9.59 2.34
C LEU A 25 8.78 8.64 1.27
N MET A 26 8.27 9.21 0.18
CA MET A 26 7.74 8.41 -0.91
C MET A 26 8.66 7.24 -1.24
N GLY A 27 9.84 7.56 -1.76
CA GLY A 27 10.80 6.52 -2.10
C GLY A 27 10.83 5.40 -1.08
N LEU A 28 10.78 5.77 0.19
CA LEU A 28 10.81 4.79 1.28
C LEU A 28 9.52 3.97 1.31
N ALA A 29 8.39 4.66 1.41
CA ALA A 29 7.10 4.00 1.45
C ALA A 29 6.93 3.05 0.27
N ILE A 30 7.41 3.47 -0.89
CA ILE A 30 7.31 2.66 -2.10
C ILE A 30 8.36 1.53 -2.09
N GLY A 31 9.55 1.83 -1.58
CA GLY A 31 10.60 0.84 -1.52
C GLY A 31 11.54 0.92 -2.71
N THR A 32 12.24 -0.18 -2.98
CA THR A 32 13.18 -0.23 -4.09
C THR A 32 12.52 -0.84 -5.33
N HIS A 33 12.63 -0.14 -6.45
CA HIS A 33 12.06 -0.60 -7.71
C HIS A 33 10.59 -0.95 -7.54
N GLY A 34 9.85 -0.06 -6.88
CA GLY A 34 8.43 -0.29 -6.66
C GLY A 34 8.15 -1.62 -5.99
N SER A 35 8.57 -1.75 -4.73
CA SER A 35 8.37 -2.99 -3.98
C SER A 35 7.07 -2.94 -3.19
N ASN A 36 6.98 -1.98 -2.27
CA ASN A 36 5.79 -1.83 -1.44
C ASN A 36 4.53 -1.80 -2.29
N ILE A 37 4.45 -0.82 -3.19
CA ILE A 37 3.30 -0.69 -4.07
C ILE A 37 2.85 -2.05 -4.60
N GLN A 38 3.80 -2.83 -5.10
CA GLN A 38 3.50 -4.15 -5.64
C GLN A 38 2.77 -5.00 -4.61
N GLN A 39 3.33 -5.07 -3.40
CA GLN A 39 2.74 -5.86 -2.33
C GLN A 39 1.31 -5.38 -2.04
N ALA A 40 1.11 -4.07 -2.10
CA ALA A 40 -0.20 -3.49 -1.85
C ALA A 40 -1.23 -4.01 -2.85
N ARG A 41 -0.86 -4.04 -4.12
CA ARG A 41 -1.75 -4.51 -5.17
C ARG A 41 -1.96 -6.02 -5.07
N LYS A 42 -1.31 -6.64 -4.10
CA LYS A 42 -1.43 -8.08 -3.89
C LYS A 42 -2.29 -8.39 -2.68
N VAL A 43 -3.00 -7.37 -2.20
CA VAL A 43 -3.88 -7.54 -1.04
C VAL A 43 -5.32 -7.82 -1.48
N PRO A 44 -5.98 -8.75 -0.78
CA PRO A 44 -7.37 -9.13 -1.08
C PRO A 44 -8.36 -8.02 -0.73
N GLY A 45 -9.28 -7.74 -1.64
CA GLY A 45 -10.26 -6.70 -1.41
C GLY A 45 -9.87 -5.38 -2.02
N VAL A 46 -8.71 -5.34 -2.67
CA VAL A 46 -8.22 -4.13 -3.30
C VAL A 46 -8.43 -4.17 -4.81
N THR A 47 -9.40 -3.40 -5.29
CA THR A 47 -9.71 -3.36 -6.72
C THR A 47 -8.52 -2.81 -7.51
N ALA A 48 -8.09 -1.60 -7.18
CA ALA A 48 -6.97 -0.97 -7.86
C ALA A 48 -6.24 0.01 -6.94
N ILE A 49 -4.98 0.28 -7.25
CA ILE A 49 -4.18 1.20 -6.46
C ILE A 49 -3.50 2.24 -7.33
N GLU A 50 -3.89 3.49 -7.16
CA GLU A 50 -3.32 4.59 -7.94
C GLU A 50 -2.62 5.59 -7.03
N LEU A 51 -1.57 6.22 -7.55
CA LEU A 51 -0.82 7.22 -6.78
C LEU A 51 -0.69 8.53 -7.55
N ASP A 52 -0.66 9.64 -6.81
CA ASP A 52 -0.54 10.95 -7.43
C ASP A 52 0.80 11.59 -7.09
N GLU A 53 1.60 11.87 -8.12
CA GLU A 53 2.91 12.48 -7.93
C GLU A 53 2.79 13.99 -7.84
N ASP A 54 1.76 14.54 -8.47
CA ASP A 54 1.55 15.99 -8.46
C ASP A 54 1.59 16.53 -7.04
N THR A 55 1.02 15.79 -6.10
CA THR A 55 1.00 16.20 -4.70
C THR A 55 1.59 15.11 -3.80
N GLY A 56 1.48 13.86 -4.24
CA GLY A 56 2.00 12.76 -3.47
C GLY A 56 0.93 12.07 -2.64
N THR A 57 -0.27 11.93 -3.22
CA THR A 57 -1.37 11.29 -2.52
C THR A 57 -1.61 9.88 -3.04
N PHE A 58 -1.71 8.93 -2.12
CA PHE A 58 -1.93 7.53 -2.49
C PHE A 58 -3.42 7.19 -2.48
N ARG A 59 -3.95 6.85 -3.63
CA ARG A 59 -5.36 6.50 -3.76
C ARG A 59 -5.54 5.00 -3.90
N ILE A 60 -6.26 4.40 -2.95
CA ILE A 60 -6.51 2.96 -2.96
C ILE A 60 -8.00 2.66 -3.13
N TYR A 61 -8.29 1.60 -3.87
CA TYR A 61 -9.68 1.21 -4.11
C TYR A 61 -9.93 -0.22 -3.64
N GLY A 62 -10.82 -0.37 -2.67
CA GLY A 62 -11.13 -1.69 -2.15
C GLY A 62 -12.60 -1.85 -1.84
N GLU A 63 -13.10 -3.09 -1.93
CA GLU A 63 -14.50 -3.37 -1.66
C GLU A 63 -14.81 -3.22 -0.17
N SER A 64 -13.79 -3.40 0.66
CA SER A 64 -13.95 -3.29 2.11
C SER A 64 -12.84 -2.43 2.71
N ALA A 65 -13.23 -1.49 3.56
CA ALA A 65 -12.26 -0.61 4.21
C ALA A 65 -11.09 -1.40 4.77
N ASP A 66 -11.35 -2.65 5.16
CA ASP A 66 -10.30 -3.50 5.72
C ASP A 66 -9.25 -3.83 4.67
N ALA A 67 -9.69 -3.99 3.42
CA ALA A 67 -8.80 -4.30 2.32
C ALA A 67 -7.89 -3.12 2.00
N VAL A 68 -8.51 -1.96 1.74
CA VAL A 68 -7.77 -0.76 1.42
C VAL A 68 -6.88 -0.33 2.57
N LYS A 69 -7.30 -0.64 3.79
CA LYS A 69 -6.54 -0.29 4.99
C LYS A 69 -5.29 -1.16 5.11
N LYS A 70 -5.48 -2.47 5.02
CA LYS A 70 -4.36 -3.40 5.12
C LYS A 70 -3.28 -3.07 4.08
N ALA A 71 -3.69 -2.88 2.84
CA ALA A 71 -2.76 -2.56 1.77
C ALA A 71 -2.17 -1.17 1.96
N ARG A 72 -2.98 -0.26 2.50
CA ARG A 72 -2.54 1.11 2.73
C ARG A 72 -1.25 1.13 3.54
N GLY A 73 -1.22 0.36 4.63
CA GLY A 73 -0.05 0.30 5.48
C GLY A 73 1.24 0.15 4.68
N PHE A 74 1.13 -0.43 3.49
CA PHE A 74 2.29 -0.64 2.64
C PHE A 74 2.66 0.65 1.90
N LEU A 75 1.65 1.44 1.56
CA LEU A 75 1.87 2.70 0.85
C LEU A 75 2.18 3.82 1.83
N GLU A 76 1.86 3.60 3.11
CA GLU A 76 2.10 4.60 4.14
C GLU A 76 3.60 4.88 4.28
N PHE A 77 3.94 6.14 4.50
CA PHE A 77 5.33 6.55 4.66
C PHE A 77 5.97 5.87 5.86
N VAL A 78 7.25 5.53 5.74
CA VAL A 78 7.97 4.88 6.83
C VAL A 78 9.27 5.63 7.16
N GLU A 79 9.44 5.96 8.44
CA GLU A 79 10.63 6.68 8.88
C GLU A 79 11.90 5.94 8.45
N ASP A 80 12.94 6.69 8.14
CA ASP A 80 14.22 6.12 7.72
C ASP A 80 14.49 4.81 8.46
N PHE A 81 14.93 3.80 7.73
CA PHE A 81 15.23 2.50 8.32
C PHE A 81 16.61 2.50 8.95
N ILE A 82 16.70 1.96 10.15
CA ILE A 82 17.97 1.90 10.87
C ILE A 82 18.51 0.47 10.92
N GLN A 83 19.43 0.16 10.01
CA GLN A 83 20.02 -1.17 9.96
C GLN A 83 20.91 -1.43 11.17
N VAL A 84 20.87 -2.66 11.68
CA VAL A 84 21.67 -3.03 12.84
C VAL A 84 22.97 -3.68 12.42
N PRO A 85 24.03 -3.46 13.21
CA PRO A 85 25.36 -4.03 12.93
C PRO A 85 25.40 -5.53 13.14
N SER A 86 25.52 -6.27 12.04
CA SER A 86 25.57 -7.73 12.11
C SER A 86 26.58 -8.19 13.15
N GLY A 87 26.57 -9.49 13.44
CA GLY A 87 27.50 -10.04 14.42
C GLY A 87 28.00 -11.41 14.04
N PRO A 88 29.27 -11.70 14.40
CA PRO A 88 29.89 -12.99 14.09
C PRO A 88 29.29 -14.14 14.90
N SER A 89 28.91 -13.84 16.14
CA SER A 89 28.32 -14.85 17.02
C SER A 89 27.13 -15.52 16.35
N SER A 90 27.07 -16.85 16.47
CA SER A 90 25.98 -17.62 15.87
C SER A 90 24.69 -17.45 16.67
N GLY A 91 24.81 -17.49 18.00
CA GLY A 91 23.64 -17.34 18.85
C GLY A 91 23.66 -18.29 20.02
N GLY A 1 -20.25 -9.80 5.56
CA GLY A 1 -20.44 -10.16 4.17
C GLY A 1 -20.90 -11.60 4.01
N SER A 2 -20.61 -12.19 2.85
CA SER A 2 -21.00 -13.57 2.56
C SER A 2 -20.20 -14.13 1.39
N SER A 3 -19.88 -15.41 1.46
CA SER A 3 -19.11 -16.07 0.42
C SER A 3 -20.03 -16.59 -0.68
N GLY A 4 -19.90 -16.04 -1.87
CA GLY A 4 -20.73 -16.46 -2.99
C GLY A 4 -21.69 -15.39 -3.45
N SER A 5 -21.62 -15.04 -4.73
CA SER A 5 -22.48 -14.00 -5.29
C SER A 5 -22.72 -14.24 -6.78
N SER A 6 -23.96 -14.07 -7.22
CA SER A 6 -24.32 -14.27 -8.61
C SER A 6 -23.39 -13.48 -9.53
N GLY A 7 -22.80 -14.17 -10.51
CA GLY A 7 -21.89 -13.52 -11.43
C GLY A 7 -22.30 -12.09 -11.74
N THR A 8 -21.53 -11.14 -11.23
CA THR A 8 -21.82 -9.72 -11.45
C THR A 8 -20.63 -9.01 -12.06
N LYS A 9 -20.84 -7.77 -12.49
CA LYS A 9 -19.78 -6.98 -13.10
C LYS A 9 -19.60 -5.66 -12.37
N GLN A 10 -18.66 -5.63 -11.43
CA GLN A 10 -18.40 -4.42 -10.65
C GLN A 10 -17.06 -3.81 -11.06
N LEU A 11 -17.07 -2.50 -11.31
CA LEU A 11 -15.86 -1.79 -11.70
C LEU A 11 -15.64 -0.57 -10.81
N ALA A 12 -15.92 -0.72 -9.53
CA ALA A 12 -15.75 0.37 -8.57
C ALA A 12 -15.63 -0.16 -7.15
N ALA A 13 -15.01 0.63 -6.28
CA ALA A 13 -14.83 0.24 -4.88
C ALA A 13 -15.70 1.09 -3.96
N ALA A 14 -16.41 0.44 -3.05
CA ALA A 14 -17.27 1.14 -2.11
C ALA A 14 -16.45 1.98 -1.13
N PHE A 15 -15.29 1.46 -0.75
CA PHE A 15 -14.41 2.16 0.18
C PHE A 15 -13.13 2.61 -0.51
N HIS A 16 -12.66 3.81 -0.17
CA HIS A 16 -11.45 4.35 -0.75
C HIS A 16 -10.62 5.09 0.29
N GLU A 17 -9.30 4.90 0.24
CA GLU A 17 -8.40 5.54 1.19
C GLU A 17 -7.49 6.55 0.48
N GLU A 18 -7.29 7.70 1.10
CA GLU A 18 -6.45 8.74 0.53
C GLU A 18 -5.58 9.39 1.61
N PHE A 19 -4.26 9.32 1.42
CA PHE A 19 -3.32 9.91 2.37
C PHE A 19 -2.14 10.53 1.64
N VAL A 20 -1.65 11.66 2.18
CA VAL A 20 -0.53 12.36 1.58
C VAL A 20 0.77 12.00 2.30
N VAL A 21 1.71 11.44 1.56
CA VAL A 21 3.00 11.05 2.12
C VAL A 21 4.12 11.95 1.61
N ARG A 22 4.98 12.40 2.52
CA ARG A 22 6.09 13.28 2.16
C ARG A 22 6.93 12.66 1.05
N GLU A 23 7.04 13.37 -0.06
CA GLU A 23 7.81 12.89 -1.20
C GLU A 23 9.09 12.18 -0.73
N ASP A 24 9.58 12.58 0.43
CA ASP A 24 10.79 11.98 0.99
C ASP A 24 10.51 10.57 1.50
N LEU A 25 9.40 10.42 2.20
CA LEU A 25 9.01 9.12 2.75
C LEU A 25 8.51 8.19 1.65
N MET A 26 7.99 8.78 0.58
CA MET A 26 7.47 8.00 -0.55
C MET A 26 8.48 6.95 -0.99
N GLY A 27 9.67 7.41 -1.36
CA GLY A 27 10.70 6.48 -1.81
C GLY A 27 10.69 5.18 -1.03
N LEU A 28 10.82 5.29 0.29
CA LEU A 28 10.82 4.10 1.16
C LEU A 28 9.45 3.43 1.15
N ALA A 29 8.41 4.21 1.43
CA ALA A 29 7.05 3.68 1.45
C ALA A 29 6.78 2.79 0.24
N ILE A 30 7.37 3.16 -0.90
CA ILE A 30 7.19 2.39 -2.13
C ILE A 30 8.18 1.24 -2.20
N GLY A 31 9.37 1.45 -1.65
CA GLY A 31 10.39 0.41 -1.67
C GLY A 31 11.34 0.56 -2.84
N THR A 32 11.88 -0.56 -3.30
CA THR A 32 12.81 -0.56 -4.42
C THR A 32 12.19 -1.21 -5.66
N HIS A 33 11.94 -0.40 -6.69
CA HIS A 33 11.36 -0.91 -7.93
C HIS A 33 9.88 -1.21 -7.73
N GLY A 34 9.21 -0.40 -6.91
CA GLY A 34 7.80 -0.60 -6.67
C GLY A 34 7.51 -1.93 -5.99
N SER A 35 8.03 -2.11 -4.78
CA SER A 35 7.84 -3.34 -4.04
C SER A 35 6.61 -3.23 -3.13
N ASN A 36 6.59 -2.20 -2.30
CA ASN A 36 5.47 -1.98 -1.37
C ASN A 36 4.16 -1.87 -2.13
N ILE A 37 4.14 -1.01 -3.15
CA ILE A 37 2.94 -0.81 -3.95
C ILE A 37 2.38 -2.14 -4.46
N GLN A 38 3.27 -2.99 -4.97
CA GLN A 38 2.88 -4.29 -5.48
C GLN A 38 2.10 -5.07 -4.44
N GLN A 39 2.77 -5.45 -3.37
CA GLN A 39 2.13 -6.21 -2.29
C GLN A 39 0.76 -5.65 -1.97
N ALA A 40 0.67 -4.32 -1.90
CA ALA A 40 -0.59 -3.66 -1.60
C ALA A 40 -1.67 -4.04 -2.61
N ARG A 41 -1.32 -3.96 -3.89
CA ARG A 41 -2.26 -4.29 -4.96
C ARG A 41 -2.55 -5.79 -4.97
N LYS A 42 -1.65 -6.58 -4.40
CA LYS A 42 -1.81 -8.03 -4.35
C LYS A 42 -2.82 -8.42 -3.29
N VAL A 43 -3.31 -7.43 -2.54
CA VAL A 43 -4.29 -7.69 -1.49
C VAL A 43 -5.68 -7.87 -2.09
N PRO A 44 -6.43 -8.84 -1.54
CA PRO A 44 -7.79 -9.15 -2.00
C PRO A 44 -8.79 -8.06 -1.63
N GLY A 45 -9.73 -7.80 -2.53
CA GLY A 45 -10.73 -6.78 -2.27
C GLY A 45 -10.32 -5.43 -2.82
N VAL A 46 -9.02 -5.25 -3.04
CA VAL A 46 -8.50 -3.99 -3.56
C VAL A 46 -8.68 -3.90 -5.08
N THR A 47 -9.64 -3.07 -5.49
CA THR A 47 -9.93 -2.90 -6.91
C THR A 47 -8.70 -2.37 -7.65
N ALA A 48 -8.21 -1.21 -7.24
CA ALA A 48 -7.04 -0.60 -7.85
C ALA A 48 -6.32 0.33 -6.87
N ILE A 49 -5.05 0.60 -7.15
CA ILE A 49 -4.25 1.46 -6.30
C ILE A 49 -3.49 2.50 -7.12
N GLU A 50 -3.97 3.73 -7.10
CA GLU A 50 -3.35 4.82 -7.84
C GLU A 50 -2.56 5.73 -6.91
N LEU A 51 -1.57 6.42 -7.46
CA LEU A 51 -0.74 7.33 -6.68
C LEU A 51 -0.43 8.60 -7.46
N ASP A 52 -0.11 9.67 -6.75
CA ASP A 52 0.21 10.95 -7.38
C ASP A 52 1.64 11.35 -7.08
N GLU A 53 2.36 11.79 -8.11
CA GLU A 53 3.75 12.21 -7.96
C GLU A 53 3.86 13.73 -7.90
N ASP A 54 2.80 14.41 -8.33
CA ASP A 54 2.77 15.88 -8.33
C ASP A 54 2.40 16.40 -6.95
N THR A 55 1.53 15.67 -6.25
CA THR A 55 1.08 16.07 -4.92
C THR A 55 1.54 15.07 -3.87
N GLY A 56 1.84 13.85 -4.31
CA GLY A 56 2.29 12.82 -3.38
C GLY A 56 1.16 12.28 -2.53
N THR A 57 0.08 11.85 -3.17
CA THR A 57 -1.07 11.31 -2.46
C THR A 57 -1.38 9.89 -2.91
N PHE A 58 -1.52 8.98 -1.96
CA PHE A 58 -1.82 7.58 -2.26
C PHE A 58 -3.32 7.33 -2.24
N ARG A 59 -3.86 6.85 -3.35
CA ARG A 59 -5.28 6.57 -3.46
C ARG A 59 -5.54 5.08 -3.61
N ILE A 60 -6.17 4.49 -2.60
CA ILE A 60 -6.47 3.06 -2.63
C ILE A 60 -7.96 2.81 -2.86
N TYR A 61 -8.26 1.82 -3.68
CA TYR A 61 -9.64 1.48 -4.00
C TYR A 61 -9.94 0.02 -3.65
N GLY A 62 -10.87 -0.18 -2.72
CA GLY A 62 -11.22 -1.52 -2.31
C GLY A 62 -12.71 -1.68 -2.09
N GLU A 63 -13.23 -2.86 -2.43
CA GLU A 63 -14.66 -3.14 -2.26
C GLU A 63 -15.08 -2.96 -0.81
N SER A 64 -14.18 -3.28 0.10
CA SER A 64 -14.45 -3.16 1.54
C SER A 64 -13.29 -2.49 2.26
N ALA A 65 -13.61 -1.58 3.17
CA ALA A 65 -12.60 -0.87 3.94
C ALA A 65 -11.53 -1.83 4.46
N ASP A 66 -11.92 -3.09 4.65
CA ASP A 66 -10.99 -4.10 5.13
C ASP A 66 -9.81 -4.27 4.17
N ALA A 67 -10.11 -4.33 2.88
CA ALA A 67 -9.07 -4.48 1.87
C ALA A 67 -8.15 -3.26 1.82
N VAL A 68 -8.72 -2.12 1.44
CA VAL A 68 -7.95 -0.87 1.36
C VAL A 68 -7.14 -0.65 2.63
N LYS A 69 -7.66 -1.13 3.76
CA LYS A 69 -6.98 -0.99 5.04
C LYS A 69 -5.74 -1.89 5.10
N LYS A 70 -5.95 -3.17 4.85
CA LYS A 70 -4.86 -4.14 4.88
C LYS A 70 -3.76 -3.76 3.89
N ALA A 71 -4.17 -3.20 2.76
CA ALA A 71 -3.22 -2.78 1.73
C ALA A 71 -2.54 -1.48 2.11
N ARG A 72 -3.28 -0.58 2.74
CA ARG A 72 -2.74 0.71 3.17
C ARG A 72 -1.50 0.51 4.03
N GLY A 73 -1.51 -0.53 4.86
CA GLY A 73 -0.39 -0.80 5.73
C GLY A 73 0.90 -1.02 4.97
N PHE A 74 0.78 -1.17 3.66
CA PHE A 74 1.95 -1.39 2.80
C PHE A 74 2.44 -0.07 2.21
N LEU A 75 1.53 0.87 2.04
CA LEU A 75 1.87 2.18 1.49
C LEU A 75 2.19 3.18 2.59
N GLU A 76 2.06 2.73 3.84
CA GLU A 76 2.33 3.59 4.99
C GLU A 76 3.67 4.30 4.82
N PHE A 77 3.80 5.47 5.46
CA PHE A 77 5.02 6.26 5.38
C PHE A 77 6.06 5.73 6.37
N VAL A 78 7.30 5.63 5.92
CA VAL A 78 8.39 5.15 6.76
C VAL A 78 9.57 6.10 6.72
N GLU A 79 10.11 6.41 7.90
CA GLU A 79 11.25 7.32 8.01
C GLU A 79 12.54 6.62 7.63
N ASP A 80 13.57 7.41 7.34
CA ASP A 80 14.87 6.87 6.96
C ASP A 80 15.47 6.04 8.10
N PHE A 81 16.15 4.96 7.75
CA PHE A 81 16.78 4.09 8.73
C PHE A 81 18.11 4.65 9.18
N ILE A 82 18.39 4.54 10.47
CA ILE A 82 19.64 5.04 11.03
C ILE A 82 20.61 3.90 11.31
N GLN A 83 21.51 3.65 10.37
CA GLN A 83 22.49 2.57 10.51
C GLN A 83 23.66 3.03 11.40
N VAL A 84 23.68 2.54 12.63
CA VAL A 84 24.74 2.90 13.57
C VAL A 84 25.89 1.89 13.50
N PRO A 85 27.12 2.39 13.68
CA PRO A 85 28.32 1.55 13.65
C PRO A 85 28.42 0.63 14.86
N SER A 86 27.50 0.79 15.80
CA SER A 86 27.48 -0.02 17.01
C SER A 86 26.53 -1.21 16.85
N GLY A 87 26.71 -2.21 17.70
CA GLY A 87 25.85 -3.39 17.65
C GLY A 87 25.52 -3.93 19.01
N PRO A 88 24.36 -4.62 19.12
CA PRO A 88 23.91 -5.20 20.38
C PRO A 88 24.77 -6.37 20.83
N SER A 89 24.52 -6.85 22.05
CA SER A 89 25.28 -7.97 22.60
C SER A 89 24.38 -8.88 23.44
N SER A 90 24.66 -10.17 23.40
CA SER A 90 23.87 -11.14 24.15
C SER A 90 23.89 -10.82 25.64
N GLY A 91 22.70 -10.70 26.22
CA GLY A 91 22.60 -10.39 27.64
C GLY A 91 21.27 -10.83 28.23
N GLY A 1 3.37 -12.74 2.28
CA GLY A 1 2.23 -12.77 3.19
C GLY A 1 0.92 -12.47 2.49
N SER A 2 0.63 -13.24 1.45
CA SER A 2 -0.61 -13.06 0.69
C SER A 2 -1.25 -14.41 0.38
N SER A 3 -2.57 -14.40 0.22
CA SER A 3 -3.31 -15.62 -0.08
C SER A 3 -2.66 -16.38 -1.23
N GLY A 4 -2.59 -15.73 -2.40
CA GLY A 4 -2.00 -16.36 -3.56
C GLY A 4 -2.86 -16.23 -4.80
N SER A 5 -4.11 -16.65 -4.70
CA SER A 5 -5.04 -16.59 -5.81
C SER A 5 -4.81 -15.32 -6.63
N SER A 6 -5.00 -15.43 -7.94
CA SER A 6 -4.82 -14.29 -8.83
C SER A 6 -5.98 -14.16 -9.82
N GLY A 7 -6.09 -13.01 -10.46
CA GLY A 7 -7.15 -12.79 -11.42
C GLY A 7 -8.31 -12.01 -10.84
N THR A 8 -8.28 -10.70 -11.04
CA THR A 8 -9.33 -9.82 -10.52
C THR A 8 -9.91 -8.94 -11.62
N LYS A 9 -11.18 -8.59 -11.49
CA LYS A 9 -11.84 -7.74 -12.47
C LYS A 9 -11.64 -6.27 -12.16
N GLN A 10 -12.00 -5.40 -13.10
CA GLN A 10 -11.85 -3.97 -12.91
C GLN A 10 -13.15 -3.35 -12.39
N LEU A 11 -13.73 -3.99 -11.37
CA LEU A 11 -14.97 -3.51 -10.77
C LEU A 11 -14.70 -2.33 -9.83
N ALA A 12 -15.73 -1.53 -9.60
CA ALA A 12 -15.61 -0.37 -8.72
C ALA A 12 -15.43 -0.80 -7.26
N ALA A 13 -14.91 0.10 -6.44
CA ALA A 13 -14.70 -0.18 -5.03
C ALA A 13 -15.63 0.65 -4.16
N ALA A 14 -16.20 0.01 -3.14
CA ALA A 14 -17.10 0.70 -2.22
C ALA A 14 -16.34 1.63 -1.29
N PHE A 15 -15.19 1.17 -0.80
CA PHE A 15 -14.37 1.97 0.10
C PHE A 15 -13.11 2.46 -0.60
N HIS A 16 -12.82 3.75 -0.46
CA HIS A 16 -11.64 4.34 -1.08
C HIS A 16 -10.78 5.06 -0.05
N GLU A 17 -9.47 5.03 -0.24
CA GLU A 17 -8.54 5.67 0.68
C GLU A 17 -7.73 6.75 -0.03
N GLU A 18 -7.56 7.90 0.63
CA GLU A 18 -6.81 9.00 0.05
C GLU A 18 -6.00 9.73 1.13
N PHE A 19 -4.68 9.61 1.05
CA PHE A 19 -3.80 10.25 2.02
C PHE A 19 -2.55 10.81 1.33
N VAL A 20 -2.01 11.89 1.89
CA VAL A 20 -0.82 12.52 1.34
C VAL A 20 0.45 12.03 2.06
N VAL A 21 1.45 11.65 1.28
CA VAL A 21 2.70 11.17 1.83
C VAL A 21 3.85 12.13 1.52
N ARG A 22 4.70 12.38 2.53
CA ARG A 22 5.83 13.28 2.36
C ARG A 22 6.68 12.87 1.16
N GLU A 23 6.83 13.78 0.20
CA GLU A 23 7.62 13.52 -0.99
C GLU A 23 8.98 12.93 -0.63
N ASP A 24 9.40 13.14 0.61
CA ASP A 24 10.68 12.62 1.08
C ASP A 24 10.54 11.20 1.58
N LEU A 25 9.43 10.91 2.25
CA LEU A 25 9.17 9.58 2.78
C LEU A 25 8.67 8.64 1.69
N MET A 26 8.07 9.21 0.66
CA MET A 26 7.55 8.43 -0.45
C MET A 26 8.56 7.39 -0.91
N GLY A 27 9.74 7.87 -1.32
CA GLY A 27 10.78 6.96 -1.78
C GLY A 27 10.86 5.70 -0.95
N LEU A 28 10.96 5.87 0.37
CA LEU A 28 11.04 4.72 1.29
C LEU A 28 9.74 3.94 1.30
N ALA A 29 8.63 4.66 1.50
CA ALA A 29 7.31 4.03 1.54
C ALA A 29 7.12 3.07 0.37
N ILE A 30 7.50 3.53 -0.82
CA ILE A 30 7.38 2.71 -2.03
C ILE A 30 8.36 1.55 -2.02
N GLY A 31 9.59 1.83 -1.56
CA GLY A 31 10.60 0.80 -1.49
C GLY A 31 11.59 0.89 -2.64
N THR A 32 12.05 -0.26 -3.13
CA THR A 32 13.01 -0.29 -4.22
C THR A 32 12.40 -0.94 -5.46
N HIS A 33 12.25 -0.15 -6.52
CA HIS A 33 11.67 -0.64 -7.77
C HIS A 33 10.19 -0.95 -7.61
N GLY A 34 9.49 -0.11 -6.86
CA GLY A 34 8.08 -0.31 -6.63
C GLY A 34 7.78 -1.63 -5.95
N SER A 35 8.34 -1.82 -4.75
CA SER A 35 8.13 -3.05 -4.00
C SER A 35 6.90 -2.94 -3.11
N ASN A 36 6.91 -1.98 -2.20
CA ASN A 36 5.80 -1.77 -1.29
C ASN A 36 4.48 -1.70 -2.05
N ILE A 37 4.40 -0.77 -2.99
CA ILE A 37 3.19 -0.60 -3.80
C ILE A 37 2.65 -1.95 -4.27
N GLN A 38 3.52 -2.74 -4.88
CA GLN A 38 3.14 -4.06 -5.37
C GLN A 38 2.53 -4.91 -4.26
N GLN A 39 3.17 -4.88 -3.09
CA GLN A 39 2.69 -5.66 -1.95
C GLN A 39 1.30 -5.21 -1.54
N ALA A 40 1.03 -3.92 -1.67
CA ALA A 40 -0.27 -3.37 -1.31
C ALA A 40 -1.37 -3.93 -2.21
N ARG A 41 -1.18 -3.80 -3.52
CA ARG A 41 -2.15 -4.30 -4.49
C ARG A 41 -2.34 -5.80 -4.35
N LYS A 42 -1.29 -6.50 -3.93
CA LYS A 42 -1.34 -7.94 -3.76
C LYS A 42 -2.33 -8.31 -2.65
N VAL A 43 -2.85 -7.31 -1.96
CA VAL A 43 -3.80 -7.53 -0.88
C VAL A 43 -5.20 -7.85 -1.43
N PRO A 44 -5.88 -8.82 -0.81
CA PRO A 44 -7.22 -9.24 -1.21
C PRO A 44 -8.26 -8.18 -0.91
N GLY A 45 -9.06 -7.84 -1.92
CA GLY A 45 -10.09 -6.84 -1.75
C GLY A 45 -9.73 -5.50 -2.35
N VAL A 46 -8.46 -5.35 -2.72
CA VAL A 46 -7.97 -4.11 -3.32
C VAL A 46 -8.18 -4.12 -4.83
N THR A 47 -9.20 -3.41 -5.29
CA THR A 47 -9.51 -3.34 -6.72
C THR A 47 -8.32 -2.80 -7.50
N ALA A 48 -7.75 -1.69 -7.03
CA ALA A 48 -6.60 -1.08 -7.69
C ALA A 48 -5.89 -0.12 -6.76
N ILE A 49 -4.68 0.28 -7.15
CA ILE A 49 -3.89 1.22 -6.34
C ILE A 49 -3.20 2.25 -7.23
N GLU A 50 -3.62 3.51 -7.09
CA GLU A 50 -3.03 4.59 -7.88
C GLU A 50 -2.24 5.54 -6.98
N LEU A 51 -1.23 6.19 -7.56
CA LEU A 51 -0.40 7.13 -6.83
C LEU A 51 -0.30 8.46 -7.55
N ASP A 52 -0.91 9.50 -6.97
CA ASP A 52 -0.89 10.83 -7.56
C ASP A 52 0.44 11.52 -7.29
N GLU A 53 1.34 11.50 -8.27
CA GLU A 53 2.65 12.13 -8.12
C GLU A 53 2.53 13.64 -8.20
N ASP A 54 1.56 14.13 -8.95
CA ASP A 54 1.33 15.56 -9.09
C ASP A 54 1.47 16.27 -7.76
N THR A 55 0.95 15.63 -6.70
CA THR A 55 1.00 16.21 -5.37
C THR A 55 1.61 15.23 -4.37
N GLY A 56 1.45 13.94 -4.64
CA GLY A 56 1.98 12.91 -3.77
C GLY A 56 0.92 12.30 -2.87
N THR A 57 -0.26 12.06 -3.44
CA THR A 57 -1.36 11.48 -2.69
C THR A 57 -1.65 10.05 -3.15
N PHE A 58 -1.46 9.10 -2.25
CA PHE A 58 -1.70 7.69 -2.57
C PHE A 58 -3.19 7.37 -2.50
N ARG A 59 -3.74 6.94 -3.63
CA ARG A 59 -5.15 6.61 -3.71
C ARG A 59 -5.35 5.10 -3.85
N ILE A 60 -5.93 4.49 -2.82
CA ILE A 60 -6.16 3.04 -2.82
C ILE A 60 -7.65 2.73 -3.01
N TYR A 61 -7.93 1.71 -3.81
CA TYR A 61 -9.32 1.31 -4.07
C TYR A 61 -9.57 -0.11 -3.58
N GLY A 62 -10.55 -0.26 -2.68
CA GLY A 62 -10.88 -1.56 -2.15
C GLY A 62 -12.37 -1.72 -1.89
N GLU A 63 -12.89 -2.90 -2.19
CA GLU A 63 -14.30 -3.18 -1.99
C GLU A 63 -14.69 -3.06 -0.52
N SER A 64 -13.75 -3.42 0.36
CA SER A 64 -13.97 -3.37 1.79
C SER A 64 -12.88 -2.57 2.49
N ALA A 65 -13.27 -1.54 3.22
CA ALA A 65 -12.32 -0.70 3.94
C ALA A 65 -11.20 -1.53 4.53
N ASP A 66 -11.52 -2.76 4.94
CA ASP A 66 -10.53 -3.66 5.53
C ASP A 66 -9.37 -3.89 4.57
N ALA A 67 -9.70 -4.15 3.30
CA ALA A 67 -8.68 -4.40 2.28
C ALA A 67 -7.79 -3.17 2.11
N VAL A 68 -8.36 -2.10 1.57
CA VAL A 68 -7.61 -0.87 1.34
C VAL A 68 -6.81 -0.48 2.59
N LYS A 69 -7.36 -0.77 3.76
CA LYS A 69 -6.70 -0.45 5.02
C LYS A 69 -5.43 -1.28 5.19
N LYS A 70 -5.57 -2.60 5.05
CA LYS A 70 -4.44 -3.50 5.18
C LYS A 70 -3.30 -3.10 4.26
N ALA A 71 -3.63 -2.87 2.98
CA ALA A 71 -2.63 -2.47 2.00
C ALA A 71 -2.09 -1.08 2.30
N ARG A 72 -2.97 -0.19 2.75
CA ARG A 72 -2.57 1.18 3.08
C ARG A 72 -1.30 1.20 3.92
N GLY A 73 -1.25 0.32 4.92
CA GLY A 73 -0.09 0.25 5.79
C GLY A 73 1.21 0.18 5.02
N PHE A 74 1.18 -0.50 3.87
CA PHE A 74 2.37 -0.64 3.03
C PHE A 74 2.74 0.69 2.39
N LEU A 75 1.74 1.42 1.91
CA LEU A 75 1.96 2.71 1.27
C LEU A 75 2.26 3.78 2.31
N GLU A 76 1.75 3.58 3.53
CA GLU A 76 1.98 4.54 4.60
C GLU A 76 3.46 4.89 4.73
N PHE A 77 3.73 6.12 5.14
CA PHE A 77 5.11 6.57 5.30
C PHE A 77 5.81 5.83 6.44
N VAL A 78 7.10 5.56 6.26
CA VAL A 78 7.88 4.85 7.27
C VAL A 78 9.14 5.63 7.62
N GLU A 79 9.38 5.79 8.93
CA GLU A 79 10.55 6.51 9.41
C GLU A 79 11.83 5.88 8.88
N ASP A 80 12.73 6.71 8.38
CA ASP A 80 14.01 6.24 7.84
C ASP A 80 14.52 5.04 8.64
N PHE A 81 14.53 3.88 8.01
CA PHE A 81 15.00 2.66 8.67
C PHE A 81 16.43 2.34 8.25
N ILE A 82 17.31 2.19 9.24
CA ILE A 82 18.71 1.87 8.98
C ILE A 82 19.01 0.41 9.27
N GLN A 83 19.01 -0.42 8.23
CA GLN A 83 19.28 -1.84 8.37
C GLN A 83 20.65 -2.19 7.81
N VAL A 84 21.32 -3.15 8.44
CA VAL A 84 22.64 -3.59 7.99
C VAL A 84 22.58 -4.97 7.36
N PRO A 85 23.41 -5.18 6.32
CA PRO A 85 23.47 -6.47 5.62
C PRO A 85 24.08 -7.57 6.46
N SER A 86 23.25 -8.31 7.16
CA SER A 86 23.71 -9.40 8.01
C SER A 86 23.81 -10.71 7.23
N GLY A 87 22.66 -11.17 6.72
CA GLY A 87 22.64 -12.41 5.96
C GLY A 87 21.38 -12.56 5.14
N PRO A 88 21.37 -11.94 3.95
CA PRO A 88 20.21 -12.00 3.05
C PRO A 88 20.01 -13.38 2.44
N SER A 89 18.76 -13.79 2.33
CA SER A 89 18.43 -15.10 1.77
C SER A 89 17.81 -14.96 0.38
N SER A 90 17.64 -16.09 -0.30
CA SER A 90 17.05 -16.08 -1.63
C SER A 90 17.58 -14.92 -2.46
N GLY A 91 18.88 -14.67 -2.35
CA GLY A 91 19.49 -13.58 -3.10
C GLY A 91 19.64 -13.89 -4.56
N GLY A 1 -20.26 -20.32 6.02
CA GLY A 1 -20.94 -19.72 4.90
C GLY A 1 -20.00 -18.95 4.00
N SER A 2 -19.43 -19.62 3.00
CA SER A 2 -18.51 -18.99 2.07
C SER A 2 -19.01 -19.11 0.64
N SER A 3 -18.88 -18.02 -0.12
CA SER A 3 -19.33 -18.01 -1.51
C SER A 3 -18.44 -18.89 -2.38
N GLY A 4 -19.02 -19.39 -3.47
CA GLY A 4 -18.26 -20.24 -4.37
C GLY A 4 -17.52 -19.46 -5.44
N SER A 5 -18.05 -19.48 -6.65
CA SER A 5 -17.44 -18.77 -7.76
C SER A 5 -18.07 -17.38 -7.92
N SER A 6 -17.26 -16.43 -8.38
CA SER A 6 -17.72 -15.06 -8.59
C SER A 6 -18.58 -14.96 -9.85
N GLY A 7 -19.82 -14.51 -9.69
CA GLY A 7 -20.71 -14.37 -10.82
C GLY A 7 -20.94 -12.92 -11.20
N THR A 8 -21.92 -12.30 -10.56
CA THR A 8 -22.25 -10.90 -10.83
C THR A 8 -21.38 -9.96 -10.00
N LYS A 9 -20.84 -8.93 -10.66
CA LYS A 9 -20.00 -7.96 -9.98
C LYS A 9 -19.73 -6.75 -10.87
N GLN A 10 -19.32 -5.65 -10.26
CA GLN A 10 -19.03 -4.42 -11.01
C GLN A 10 -17.77 -3.75 -10.48
N LEU A 11 -16.97 -3.19 -11.38
CA LEU A 11 -15.74 -2.51 -11.00
C LEU A 11 -16.04 -1.26 -10.19
N ALA A 12 -16.25 -1.43 -8.89
CA ALA A 12 -16.55 -0.32 -8.00
C ALA A 12 -16.01 -0.57 -6.61
N ALA A 13 -15.37 0.43 -6.02
CA ALA A 13 -14.81 0.32 -4.68
C ALA A 13 -15.68 1.03 -3.66
N ALA A 14 -16.34 0.26 -2.79
CA ALA A 14 -17.20 0.81 -1.76
C ALA A 14 -16.41 1.67 -0.78
N PHE A 15 -15.17 1.27 -0.53
CA PHE A 15 -14.30 2.00 0.40
C PHE A 15 -13.02 2.46 -0.31
N HIS A 16 -12.75 3.76 -0.24
CA HIS A 16 -11.55 4.32 -0.86
C HIS A 16 -10.70 5.05 0.17
N GLU A 17 -9.38 4.87 0.07
CA GLU A 17 -8.45 5.50 0.99
C GLU A 17 -7.56 6.50 0.26
N GLU A 18 -7.21 7.58 0.95
CA GLU A 18 -6.35 8.61 0.37
C GLU A 18 -5.51 9.28 1.44
N PHE A 19 -4.19 9.27 1.24
CA PHE A 19 -3.27 9.89 2.19
C PHE A 19 -2.12 10.59 1.46
N VAL A 20 -1.65 11.69 2.03
CA VAL A 20 -0.57 12.46 1.44
C VAL A 20 0.77 12.10 2.08
N VAL A 21 1.63 11.43 1.32
CA VAL A 21 2.94 11.03 1.81
C VAL A 21 4.01 12.04 1.41
N ARG A 22 5.00 12.22 2.28
CA ARG A 22 6.08 13.16 2.03
C ARG A 22 6.86 12.76 0.78
N GLU A 23 7.39 13.76 0.07
CA GLU A 23 8.16 13.51 -1.15
C GLU A 23 9.46 12.77 -0.82
N ASP A 24 9.90 12.88 0.41
CA ASP A 24 11.13 12.22 0.84
C ASP A 24 10.83 10.87 1.48
N LEU A 25 9.55 10.63 1.78
CA LEU A 25 9.13 9.38 2.40
C LEU A 25 8.58 8.43 1.35
N MET A 26 8.39 8.92 0.13
CA MET A 26 7.88 8.11 -0.96
C MET A 26 8.73 6.87 -1.17
N GLY A 27 9.96 7.08 -1.65
CA GLY A 27 10.87 5.98 -1.89
C GLY A 27 10.70 4.87 -0.88
N LEU A 28 10.86 5.20 0.39
CA LEU A 28 10.73 4.22 1.47
C LEU A 28 9.32 3.64 1.50
N ALA A 29 8.32 4.50 1.51
CA ALA A 29 6.93 4.07 1.53
C ALA A 29 6.60 3.18 0.34
N ILE A 30 7.41 3.30 -0.72
CA ILE A 30 7.20 2.51 -1.92
C ILE A 30 8.17 1.34 -1.97
N GLY A 31 9.16 1.35 -1.07
CA GLY A 31 10.13 0.27 -1.03
C GLY A 31 11.06 0.28 -2.23
N THR A 32 11.66 -0.87 -2.52
CA THR A 32 12.57 -0.99 -3.66
C THR A 32 11.82 -1.37 -4.93
N HIS A 33 12.31 -0.88 -6.06
CA HIS A 33 11.68 -1.18 -7.35
C HIS A 33 10.17 -1.26 -7.21
N GLY A 34 9.62 -0.46 -6.31
CA GLY A 34 8.18 -0.45 -6.10
C GLY A 34 7.67 -1.77 -5.54
N SER A 35 8.33 -2.26 -4.50
CA SER A 35 7.94 -3.52 -3.88
C SER A 35 6.71 -3.34 -3.00
N ASN A 36 6.75 -2.33 -2.14
CA ASN A 36 5.64 -2.04 -1.25
C ASN A 36 4.33 -1.90 -2.02
N ILE A 37 4.32 -1.03 -3.01
CA ILE A 37 3.14 -0.81 -3.83
C ILE A 37 2.55 -2.12 -4.32
N GLN A 38 3.43 -3.00 -4.80
CA GLN A 38 2.99 -4.31 -5.30
C GLN A 38 2.18 -5.05 -4.24
N GLN A 39 2.83 -5.35 -3.11
CA GLN A 39 2.17 -6.06 -2.01
C GLN A 39 0.77 -5.51 -1.78
N ALA A 40 0.67 -4.19 -1.67
CA ALA A 40 -0.61 -3.54 -1.44
C ALA A 40 -1.61 -3.87 -2.56
N ARG A 41 -1.12 -3.81 -3.79
CA ARG A 41 -1.98 -4.10 -4.95
C ARG A 41 -2.26 -5.59 -5.06
N LYS A 42 -1.44 -6.39 -4.39
CA LYS A 42 -1.60 -7.85 -4.41
C LYS A 42 -2.51 -8.30 -3.27
N VAL A 43 -3.24 -7.36 -2.68
CA VAL A 43 -4.15 -7.67 -1.59
C VAL A 43 -5.56 -7.91 -2.10
N PRO A 44 -6.22 -8.94 -1.55
CA PRO A 44 -7.60 -9.29 -1.93
C PRO A 44 -8.62 -8.25 -1.48
N GLY A 45 -9.45 -7.81 -2.41
CA GLY A 45 -10.46 -6.81 -2.09
C GLY A 45 -10.09 -5.43 -2.59
N VAL A 46 -8.88 -5.28 -3.08
CA VAL A 46 -8.40 -4.00 -3.58
C VAL A 46 -8.55 -3.91 -5.10
N THR A 47 -9.57 -3.19 -5.54
CA THR A 47 -9.83 -3.03 -6.96
C THR A 47 -8.59 -2.51 -7.70
N ALA A 48 -8.09 -1.36 -7.26
CA ALA A 48 -6.91 -0.76 -7.87
C ALA A 48 -6.19 0.16 -6.89
N ILE A 49 -5.03 0.67 -7.29
CA ILE A 49 -4.25 1.55 -6.45
C ILE A 49 -3.58 2.66 -7.28
N GLU A 50 -4.08 3.88 -7.13
CA GLU A 50 -3.53 5.02 -7.86
C GLU A 50 -2.70 5.91 -6.94
N LEU A 51 -1.76 6.64 -7.53
CA LEU A 51 -0.89 7.53 -6.76
C LEU A 51 -0.65 8.83 -7.52
N ASP A 52 -0.78 9.95 -6.81
CA ASP A 52 -0.57 11.26 -7.42
C ASP A 52 0.80 11.80 -7.06
N GLU A 53 1.61 12.07 -8.09
CA GLU A 53 2.96 12.60 -7.89
C GLU A 53 2.93 14.11 -7.76
N ASP A 54 1.93 14.74 -8.36
CA ASP A 54 1.80 16.19 -8.31
C ASP A 54 1.94 16.70 -6.88
N THR A 55 1.36 15.97 -5.94
CA THR A 55 1.41 16.35 -4.53
C THR A 55 1.92 15.20 -3.67
N GLY A 56 1.69 13.97 -4.13
CA GLY A 56 2.13 12.81 -3.39
C GLY A 56 1.02 12.19 -2.56
N THR A 57 -0.08 11.86 -3.20
CA THR A 57 -1.22 11.27 -2.51
C THR A 57 -1.49 9.85 -3.02
N PHE A 58 -1.49 8.89 -2.10
CA PHE A 58 -1.74 7.49 -2.46
C PHE A 58 -3.22 7.16 -2.33
N ARG A 59 -3.86 6.89 -3.46
CA ARG A 59 -5.28 6.55 -3.48
C ARG A 59 -5.48 5.04 -3.67
N ILE A 60 -6.13 4.42 -2.70
CA ILE A 60 -6.39 2.98 -2.76
C ILE A 60 -7.87 2.70 -2.96
N TYR A 61 -8.18 1.75 -3.84
CA TYR A 61 -9.56 1.38 -4.13
C TYR A 61 -9.83 -0.06 -3.73
N GLY A 62 -10.77 -0.26 -2.81
CA GLY A 62 -11.11 -1.60 -2.36
C GLY A 62 -12.61 -1.76 -2.13
N GLU A 63 -13.10 -2.97 -2.39
CA GLU A 63 -14.52 -3.26 -2.21
C GLU A 63 -14.89 -3.24 -0.73
N SER A 64 -13.93 -3.56 0.12
CA SER A 64 -14.16 -3.58 1.57
C SER A 64 -13.09 -2.78 2.30
N ALA A 65 -13.51 -1.90 3.19
CA ALA A 65 -12.59 -1.08 3.96
C ALA A 65 -11.42 -1.90 4.48
N ASP A 66 -11.67 -3.19 4.73
CA ASP A 66 -10.64 -4.09 5.23
C ASP A 66 -9.51 -4.24 4.20
N ALA A 67 -9.89 -4.34 2.93
CA ALA A 67 -8.91 -4.49 1.86
C ALA A 67 -8.04 -3.24 1.73
N VAL A 68 -8.66 -2.13 1.34
CA VAL A 68 -7.94 -0.87 1.19
C VAL A 68 -7.06 -0.58 2.40
N LYS A 69 -7.59 -0.86 3.58
CA LYS A 69 -6.85 -0.62 4.82
C LYS A 69 -5.66 -1.57 4.93
N LYS A 70 -5.90 -2.85 4.65
CA LYS A 70 -4.85 -3.86 4.72
C LYS A 70 -3.72 -3.53 3.74
N ALA A 71 -4.09 -3.04 2.56
CA ALA A 71 -3.11 -2.68 1.54
C ALA A 71 -2.43 -1.37 1.88
N ARG A 72 -3.14 -0.48 2.58
CA ARG A 72 -2.59 0.81 2.96
C ARG A 72 -1.41 0.64 3.90
N GLY A 73 -1.52 -0.32 4.82
CA GLY A 73 -0.44 -0.56 5.76
C GLY A 73 0.89 -0.82 5.07
N PHE A 74 0.85 -1.06 3.77
CA PHE A 74 2.05 -1.31 2.99
C PHE A 74 2.59 -0.03 2.37
N LEU A 75 1.69 0.92 2.14
CA LEU A 75 2.07 2.21 1.55
C LEU A 75 2.34 3.25 2.64
N GLU A 76 2.31 2.82 3.89
CA GLU A 76 2.55 3.72 5.01
C GLU A 76 3.91 4.41 4.87
N PHE A 77 3.92 5.70 5.19
CA PHE A 77 5.15 6.49 5.09
C PHE A 77 6.18 6.02 6.11
N VAL A 78 7.42 5.88 5.66
CA VAL A 78 8.51 5.44 6.53
C VAL A 78 9.67 6.41 6.50
N GLU A 79 10.10 6.86 7.67
CA GLU A 79 11.21 7.80 7.79
C GLU A 79 12.54 7.09 7.59
N ASP A 80 13.55 7.85 7.15
CA ASP A 80 14.87 7.29 6.93
C ASP A 80 15.46 6.73 8.22
N PHE A 81 15.62 5.42 8.28
CA PHE A 81 16.17 4.76 9.46
C PHE A 81 17.60 4.28 9.20
N ILE A 82 18.43 4.34 10.23
CA ILE A 82 19.82 3.91 10.12
C ILE A 82 19.99 2.47 10.60
N GLN A 83 19.96 1.53 9.66
CA GLN A 83 20.10 0.11 9.99
C GLN A 83 21.36 -0.47 9.34
N VAL A 84 22.38 -0.72 10.15
CA VAL A 84 23.63 -1.27 9.65
C VAL A 84 23.82 -2.72 10.12
N PRO A 85 24.45 -3.54 9.28
CA PRO A 85 24.71 -4.95 9.59
C PRO A 85 25.75 -5.12 10.68
N SER A 86 25.41 -5.90 11.71
CA SER A 86 26.31 -6.14 12.82
C SER A 86 27.11 -7.42 12.61
N GLY A 87 28.30 -7.28 12.03
CA GLY A 87 29.14 -8.43 11.77
C GLY A 87 29.00 -8.96 10.36
N PRO A 88 30.07 -9.56 9.84
CA PRO A 88 30.08 -10.13 8.48
C PRO A 88 29.20 -11.36 8.37
N SER A 89 28.25 -11.33 7.44
CA SER A 89 27.34 -12.45 7.22
C SER A 89 26.98 -13.10 8.55
N SER A 90 26.68 -12.28 9.55
CA SER A 90 26.32 -12.78 10.88
C SER A 90 25.06 -12.09 11.39
N GLY A 91 25.08 -10.76 11.39
CA GLY A 91 23.93 -10.00 11.86
C GLY A 91 23.42 -10.49 13.20
N GLY A 1 -20.94 -13.82 19.18
CA GLY A 1 -19.70 -14.45 18.78
C GLY A 1 -19.41 -14.26 17.30
N SER A 2 -19.50 -15.35 16.55
CA SER A 2 -19.24 -15.30 15.12
C SER A 2 -19.80 -14.03 14.50
N SER A 3 -19.16 -13.55 13.44
CA SER A 3 -19.59 -12.33 12.76
C SER A 3 -19.24 -12.39 11.27
N GLY A 4 -20.24 -12.13 10.43
CA GLY A 4 -20.02 -12.16 9.00
C GLY A 4 -20.43 -10.86 8.32
N SER A 5 -19.50 -9.91 8.23
CA SER A 5 -19.78 -8.63 7.62
C SER A 5 -19.93 -8.77 6.11
N SER A 6 -21.14 -8.51 5.62
CA SER A 6 -21.42 -8.62 4.19
C SER A 6 -22.00 -7.31 3.65
N GLY A 7 -22.22 -7.26 2.35
CA GLY A 7 -22.78 -6.07 1.73
C GLY A 7 -23.12 -6.27 0.27
N THR A 8 -22.80 -5.28 -0.56
CA THR A 8 -23.07 -5.37 -1.99
C THR A 8 -21.80 -5.22 -2.80
N LYS A 9 -21.59 -6.14 -3.75
CA LYS A 9 -20.41 -6.12 -4.59
C LYS A 9 -20.68 -5.33 -5.87
N GLN A 10 -20.42 -4.02 -5.81
CA GLN A 10 -20.62 -3.15 -6.96
C GLN A 10 -19.44 -3.21 -7.92
N LEU A 11 -19.51 -2.45 -9.00
CA LEU A 11 -18.44 -2.41 -9.98
C LEU A 11 -17.40 -1.36 -9.64
N ALA A 12 -17.47 -0.85 -8.40
CA ALA A 12 -16.53 0.16 -7.94
C ALA A 12 -16.09 -0.11 -6.51
N ALA A 13 -15.11 0.66 -6.04
CA ALA A 13 -14.60 0.50 -4.68
C ALA A 13 -15.45 1.27 -3.68
N ALA A 14 -16.12 0.53 -2.79
CA ALA A 14 -16.98 1.14 -1.78
C ALA A 14 -16.14 1.86 -0.74
N PHE A 15 -14.93 1.37 -0.50
CA PHE A 15 -14.04 1.96 0.48
C PHE A 15 -12.71 2.37 -0.16
N HIS A 16 -12.44 3.67 -0.19
CA HIS A 16 -11.21 4.19 -0.76
C HIS A 16 -10.38 4.91 0.28
N GLU A 17 -9.06 4.81 0.16
CA GLU A 17 -8.15 5.46 1.09
C GLU A 17 -7.34 6.55 0.40
N GLU A 18 -7.26 7.72 1.05
CA GLU A 18 -6.52 8.84 0.49
C GLU A 18 -5.68 9.52 1.57
N PHE A 19 -4.37 9.49 1.38
CA PHE A 19 -3.45 10.10 2.35
C PHE A 19 -2.27 10.75 1.62
N VAL A 20 -1.70 11.79 2.24
CA VAL A 20 -0.57 12.50 1.67
C VAL A 20 0.73 12.09 2.34
N VAL A 21 1.67 11.59 1.54
CA VAL A 21 2.96 11.16 2.06
C VAL A 21 4.07 12.12 1.61
N ARG A 22 5.06 12.32 2.49
CA ARG A 22 6.17 13.20 2.19
C ARG A 22 6.94 12.71 0.97
N GLU A 23 7.04 13.56 -0.04
CA GLU A 23 7.75 13.22 -1.27
C GLU A 23 9.03 12.45 -0.96
N ASP A 24 9.64 12.77 0.18
CA ASP A 24 10.87 12.10 0.60
C ASP A 24 10.59 10.70 1.11
N LEU A 25 9.53 10.57 1.91
CA LEU A 25 9.15 9.27 2.46
C LEU A 25 8.58 8.36 1.38
N MET A 26 8.04 8.96 0.33
CA MET A 26 7.46 8.21 -0.77
C MET A 26 8.41 7.09 -1.22
N GLY A 27 9.57 7.48 -1.73
CA GLY A 27 10.54 6.49 -2.18
C GLY A 27 10.57 5.25 -1.31
N LEU A 28 10.69 5.45 0.00
CA LEU A 28 10.74 4.34 0.94
C LEU A 28 9.39 3.63 1.00
N ALA A 29 8.31 4.41 1.05
CA ALA A 29 6.97 3.85 1.11
C ALA A 29 6.71 2.91 -0.06
N ILE A 30 7.25 3.27 -1.23
CA ILE A 30 7.07 2.46 -2.42
C ILE A 30 8.11 1.35 -2.49
N GLY A 31 9.26 1.58 -1.87
CA GLY A 31 10.32 0.59 -1.86
C GLY A 31 11.26 0.73 -3.03
N THR A 32 11.90 -0.37 -3.42
CA THR A 32 12.84 -0.35 -4.53
C THR A 32 12.26 -1.07 -5.75
N HIS A 33 12.08 -0.33 -6.84
CA HIS A 33 11.53 -0.90 -8.07
C HIS A 33 10.04 -1.18 -7.91
N GLY A 34 9.37 -0.38 -7.10
CA GLY A 34 7.94 -0.57 -6.89
C GLY A 34 7.62 -1.88 -6.19
N SER A 35 8.21 -2.08 -5.01
CA SER A 35 7.99 -3.30 -4.26
C SER A 35 6.75 -3.17 -3.38
N ASN A 36 6.75 -2.17 -2.49
CA ASN A 36 5.63 -1.95 -1.60
C ASN A 36 4.31 -1.90 -2.37
N ILE A 37 4.22 -0.96 -3.31
CA ILE A 37 3.02 -0.81 -4.12
C ILE A 37 2.49 -2.17 -4.57
N GLN A 38 3.38 -3.00 -5.10
CA GLN A 38 2.99 -4.33 -5.56
C GLN A 38 2.29 -5.12 -4.45
N GLN A 39 2.96 -5.24 -3.31
CA GLN A 39 2.40 -5.97 -2.17
C GLN A 39 0.97 -5.53 -1.89
N ALA A 40 0.80 -4.22 -1.69
CA ALA A 40 -0.52 -3.66 -1.41
C ALA A 40 -1.54 -4.10 -2.47
N ARG A 41 -1.11 -4.12 -3.73
CA ARG A 41 -1.99 -4.52 -4.82
C ARG A 41 -2.26 -6.02 -4.78
N LYS A 42 -1.40 -6.75 -4.08
CA LYS A 42 -1.55 -8.19 -3.96
C LYS A 42 -2.50 -8.56 -2.82
N VAL A 43 -3.27 -7.57 -2.36
CA VAL A 43 -4.22 -7.79 -1.28
C VAL A 43 -5.63 -7.99 -1.82
N PRO A 44 -6.36 -8.95 -1.24
CA PRO A 44 -7.73 -9.28 -1.65
C PRO A 44 -8.71 -8.18 -1.27
N GLY A 45 -9.56 -7.80 -2.23
CA GLY A 45 -10.55 -6.76 -1.98
C GLY A 45 -10.13 -5.43 -2.57
N VAL A 46 -8.85 -5.29 -2.88
CA VAL A 46 -8.33 -4.05 -3.45
C VAL A 46 -8.46 -4.04 -4.97
N THR A 47 -9.46 -3.34 -5.47
CA THR A 47 -9.70 -3.26 -6.91
C THR A 47 -8.46 -2.74 -7.63
N ALA A 48 -7.90 -1.66 -7.12
CA ALA A 48 -6.71 -1.06 -7.72
C ALA A 48 -6.02 -0.10 -6.76
N ILE A 49 -4.83 0.36 -7.12
CA ILE A 49 -4.08 1.29 -6.29
C ILE A 49 -3.39 2.35 -7.14
N GLU A 50 -3.79 3.61 -6.94
CA GLU A 50 -3.21 4.72 -7.68
C GLU A 50 -2.43 5.64 -6.75
N LEU A 51 -1.53 6.44 -7.34
CA LEU A 51 -0.72 7.37 -6.57
C LEU A 51 -0.53 8.68 -7.31
N ASP A 52 -0.51 9.79 -6.58
CA ASP A 52 -0.33 11.10 -7.17
C ASP A 52 1.08 11.62 -6.93
N GLU A 53 1.76 12.01 -8.02
CA GLU A 53 3.11 12.53 -7.93
C GLU A 53 3.12 14.05 -7.91
N ASP A 54 2.02 14.65 -8.36
CA ASP A 54 1.90 16.10 -8.41
C ASP A 54 2.07 16.70 -7.01
N THR A 55 1.42 16.08 -6.03
CA THR A 55 1.50 16.55 -4.66
C THR A 55 1.99 15.45 -3.72
N GLY A 56 1.66 14.20 -4.07
CA GLY A 56 2.08 13.08 -3.24
C GLY A 56 0.93 12.50 -2.42
N THR A 57 -0.13 12.10 -3.10
CA THR A 57 -1.29 11.52 -2.43
C THR A 57 -1.60 10.12 -2.95
N PHE A 58 -1.54 9.15 -2.05
CA PHE A 58 -1.81 7.76 -2.41
C PHE A 58 -3.31 7.47 -2.37
N ARG A 59 -3.83 6.86 -3.43
CA ARG A 59 -5.25 6.52 -3.50
C ARG A 59 -5.44 5.02 -3.65
N ILE A 60 -6.12 4.41 -2.68
CA ILE A 60 -6.38 2.98 -2.70
C ILE A 60 -7.85 2.69 -2.97
N TYR A 61 -8.11 1.66 -3.78
CA TYR A 61 -9.47 1.28 -4.12
C TYR A 61 -9.76 -0.15 -3.68
N GLY A 62 -10.69 -0.30 -2.75
CA GLY A 62 -11.04 -1.62 -2.26
C GLY A 62 -12.53 -1.78 -2.03
N GLU A 63 -13.08 -2.92 -2.42
CA GLU A 63 -14.50 -3.19 -2.26
C GLU A 63 -14.92 -3.05 -0.80
N SER A 64 -13.97 -3.34 0.10
CA SER A 64 -14.25 -3.25 1.53
C SER A 64 -13.11 -2.54 2.25
N ALA A 65 -13.47 -1.67 3.21
CA ALA A 65 -12.48 -0.93 3.98
C ALA A 65 -11.38 -1.85 4.48
N ASP A 66 -11.72 -3.10 4.73
CA ASP A 66 -10.76 -4.09 5.22
C ASP A 66 -9.60 -4.25 4.24
N ALA A 67 -9.93 -4.26 2.95
CA ALA A 67 -8.91 -4.42 1.91
C ALA A 67 -8.02 -3.19 1.84
N VAL A 68 -8.60 -2.06 1.42
CA VAL A 68 -7.84 -0.82 1.31
C VAL A 68 -7.01 -0.56 2.56
N LYS A 69 -7.57 -0.88 3.72
CA LYS A 69 -6.89 -0.70 4.99
C LYS A 69 -5.63 -1.57 5.06
N LYS A 70 -5.82 -2.87 4.86
CA LYS A 70 -4.71 -3.82 4.90
C LYS A 70 -3.63 -3.43 3.90
N ALA A 71 -4.06 -3.00 2.72
CA ALA A 71 -3.13 -2.60 1.66
C ALA A 71 -2.43 -1.29 2.02
N ARG A 72 -3.17 -0.39 2.67
CA ARG A 72 -2.62 0.90 3.06
C ARG A 72 -1.41 0.73 3.96
N GLY A 73 -1.46 -0.29 4.82
CA GLY A 73 -0.36 -0.56 5.73
C GLY A 73 0.94 -0.82 5.00
N PHE A 74 0.87 -0.96 3.68
CA PHE A 74 2.06 -1.23 2.88
C PHE A 74 2.57 0.06 2.24
N LEU A 75 1.68 1.03 2.07
CA LEU A 75 2.04 2.31 1.46
C LEU A 75 2.27 3.37 2.54
N GLU A 76 2.15 2.97 3.80
CA GLU A 76 2.34 3.89 4.91
C GLU A 76 3.70 4.57 4.83
N PHE A 77 3.75 5.82 5.26
CA PHE A 77 4.99 6.60 5.22
C PHE A 77 6.00 6.04 6.21
N VAL A 78 7.21 5.76 5.71
CA VAL A 78 8.27 5.22 6.55
C VAL A 78 9.54 6.06 6.45
N GLU A 79 10.06 6.48 7.60
CA GLU A 79 11.27 7.30 7.64
C GLU A 79 12.50 6.45 7.36
N ASP A 80 13.61 7.12 7.06
CA ASP A 80 14.86 6.42 6.77
C ASP A 80 15.22 5.46 7.89
N PHE A 81 15.60 4.24 7.52
CA PHE A 81 15.96 3.22 8.50
C PHE A 81 17.29 3.56 9.16
N ILE A 82 17.26 3.69 10.48
CA ILE A 82 18.47 4.01 11.24
C ILE A 82 18.97 2.80 12.01
N GLN A 83 19.97 2.12 11.45
CA GLN A 83 20.54 0.94 12.09
C GLN A 83 22.00 1.18 12.47
N VAL A 84 22.46 0.47 13.49
CA VAL A 84 23.84 0.61 13.96
C VAL A 84 24.49 -0.75 14.15
N PRO A 85 25.80 -0.83 13.88
CA PRO A 85 26.58 -2.07 14.02
C PRO A 85 26.75 -2.48 15.47
N SER A 86 26.19 -3.64 15.83
CA SER A 86 26.28 -4.15 17.19
C SER A 86 25.84 -5.60 17.26
N GLY A 87 26.35 -6.32 18.25
CA GLY A 87 25.99 -7.72 18.42
C GLY A 87 25.49 -8.03 19.80
N PRO A 88 24.97 -9.26 19.98
CA PRO A 88 24.44 -9.71 21.28
C PRO A 88 25.54 -9.92 22.32
N SER A 89 25.14 -10.06 23.58
CA SER A 89 26.09 -10.25 24.67
C SER A 89 26.81 -11.60 24.52
N SER A 90 27.93 -11.73 25.23
CA SER A 90 28.71 -12.96 25.17
C SER A 90 28.40 -13.87 26.36
N GLY A 91 27.88 -15.05 26.07
CA GLY A 91 27.54 -15.99 27.13
C GLY A 91 27.43 -17.42 26.63
N GLY A 1 -11.96 -5.99 13.33
CA GLY A 1 -13.34 -6.17 13.75
C GLY A 1 -14.29 -5.31 12.96
N SER A 2 -15.13 -5.96 12.14
CA SER A 2 -16.10 -5.24 11.32
C SER A 2 -17.07 -6.21 10.65
N SER A 3 -18.19 -5.67 10.16
CA SER A 3 -19.21 -6.50 9.52
C SER A 3 -18.61 -7.24 8.32
N GLY A 4 -19.34 -8.25 7.86
CA GLY A 4 -18.87 -9.04 6.72
C GLY A 4 -19.51 -8.60 5.42
N SER A 5 -18.75 -8.71 4.32
CA SER A 5 -19.25 -8.32 3.01
C SER A 5 -18.91 -9.37 1.96
N SER A 6 -19.87 -10.26 1.70
CA SER A 6 -19.67 -11.33 0.73
C SER A 6 -20.97 -11.65 0.00
N GLY A 7 -20.85 -12.10 -1.25
CA GLY A 7 -22.03 -12.44 -2.03
C GLY A 7 -21.83 -12.19 -3.51
N THR A 8 -21.99 -10.94 -3.92
CA THR A 8 -21.83 -10.58 -5.33
C THR A 8 -20.68 -9.58 -5.51
N LYS A 9 -19.74 -9.95 -6.37
CA LYS A 9 -18.59 -9.09 -6.65
C LYS A 9 -18.92 -8.04 -7.70
N GLN A 10 -18.00 -7.11 -7.92
CA GLN A 10 -18.19 -6.06 -8.92
C GLN A 10 -16.92 -5.27 -9.12
N LEU A 11 -16.82 -4.58 -10.26
CA LEU A 11 -15.65 -3.78 -10.58
C LEU A 11 -15.75 -2.39 -9.97
N ALA A 12 -16.15 -2.34 -8.70
CA ALA A 12 -16.28 -1.08 -8.00
C ALA A 12 -15.86 -1.21 -6.53
N ALA A 13 -15.11 -0.23 -6.04
CA ALA A 13 -14.64 -0.24 -4.66
C ALA A 13 -15.52 0.64 -3.78
N ALA A 14 -16.23 0.00 -2.86
CA ALA A 14 -17.11 0.73 -1.95
C ALA A 14 -16.31 1.65 -1.02
N PHE A 15 -15.16 1.17 -0.58
CA PHE A 15 -14.30 1.94 0.32
C PHE A 15 -13.04 2.41 -0.42
N HIS A 16 -12.73 3.69 -0.29
CA HIS A 16 -11.56 4.27 -0.93
C HIS A 16 -10.70 5.03 0.07
N GLU A 17 -9.38 4.91 -0.07
CA GLU A 17 -8.46 5.59 0.83
C GLU A 17 -7.67 6.67 0.09
N GLU A 18 -7.42 7.78 0.77
CA GLU A 18 -6.67 8.89 0.18
C GLU A 18 -5.84 9.61 1.24
N PHE A 19 -4.53 9.38 1.21
CA PHE A 19 -3.63 10.00 2.16
C PHE A 19 -2.44 10.66 1.44
N VAL A 20 -1.83 11.64 2.09
CA VAL A 20 -0.69 12.34 1.51
C VAL A 20 0.61 11.94 2.21
N VAL A 21 1.59 11.51 1.42
CA VAL A 21 2.88 11.10 1.96
C VAL A 21 3.97 12.10 1.59
N ARG A 22 4.91 12.32 2.52
CA ARG A 22 6.00 13.25 2.30
C ARG A 22 6.78 12.89 1.03
N GLU A 23 6.86 13.84 0.11
CA GLU A 23 7.57 13.62 -1.15
C GLU A 23 8.91 12.94 -0.91
N ASP A 24 9.46 13.12 0.30
CA ASP A 24 10.73 12.53 0.67
C ASP A 24 10.54 11.10 1.16
N LEU A 25 9.48 10.89 1.93
CA LEU A 25 9.20 9.57 2.48
C LEU A 25 8.70 8.62 1.38
N MET A 26 8.06 9.18 0.37
CA MET A 26 7.55 8.37 -0.74
C MET A 26 8.54 7.29 -1.13
N GLY A 27 9.76 7.71 -1.48
CA GLY A 27 10.78 6.76 -1.87
C GLY A 27 10.80 5.53 -0.99
N LEU A 28 10.79 5.73 0.32
CA LEU A 28 10.81 4.63 1.27
C LEU A 28 9.47 3.90 1.27
N ALA A 29 8.40 4.63 1.56
CA ALA A 29 7.06 4.04 1.58
C ALA A 29 6.86 3.08 0.41
N ILE A 30 7.32 3.48 -0.77
CA ILE A 30 7.19 2.66 -1.96
C ILE A 30 8.18 1.50 -1.93
N GLY A 31 9.37 1.75 -1.40
CA GLY A 31 10.38 0.73 -1.33
C GLY A 31 11.41 0.84 -2.44
N THR A 32 12.09 -0.27 -2.73
CA THR A 32 13.10 -0.29 -3.78
C THR A 32 12.60 -1.00 -5.03
N HIS A 33 12.42 -0.24 -6.11
CA HIS A 33 11.95 -0.80 -7.36
C HIS A 33 10.45 -1.09 -7.29
N GLY A 34 9.73 -0.29 -6.51
CA GLY A 34 8.30 -0.49 -6.37
C GLY A 34 7.96 -1.81 -5.72
N SER A 35 8.40 -2.00 -4.48
CA SER A 35 8.15 -3.23 -3.75
C SER A 35 6.86 -3.12 -2.94
N ASN A 36 6.79 -2.10 -2.09
CA ASN A 36 5.61 -1.89 -1.26
C ASN A 36 4.36 -1.78 -2.11
N ILE A 37 4.42 -0.98 -3.16
CA ILE A 37 3.28 -0.78 -4.05
C ILE A 37 2.78 -2.13 -4.59
N GLN A 38 3.71 -2.96 -5.06
CA GLN A 38 3.36 -4.26 -5.60
C GLN A 38 2.61 -5.10 -4.56
N GLN A 39 3.13 -5.12 -3.33
CA GLN A 39 2.52 -5.88 -2.25
C GLN A 39 1.10 -5.38 -1.98
N ALA A 40 0.96 -4.08 -1.74
CA ALA A 40 -0.34 -3.48 -1.46
C ALA A 40 -1.37 -3.91 -2.50
N ARG A 41 -0.94 -3.97 -3.76
CA ARG A 41 -1.83 -4.37 -4.85
C ARG A 41 -2.12 -5.87 -4.80
N LYS A 42 -1.24 -6.61 -4.15
CA LYS A 42 -1.39 -8.06 -4.02
C LYS A 42 -2.26 -8.41 -2.82
N VAL A 43 -3.05 -7.44 -2.37
CA VAL A 43 -3.93 -7.65 -1.22
C VAL A 43 -5.37 -7.92 -1.67
N PRO A 44 -6.02 -8.90 -1.00
CA PRO A 44 -7.40 -9.27 -1.31
C PRO A 44 -8.40 -8.20 -0.91
N GLY A 45 -9.24 -7.79 -1.85
CA GLY A 45 -10.24 -6.77 -1.58
C GLY A 45 -9.86 -5.42 -2.17
N VAL A 46 -8.67 -5.35 -2.76
CA VAL A 46 -8.19 -4.11 -3.37
C VAL A 46 -8.36 -4.14 -4.89
N THR A 47 -9.36 -3.41 -5.38
CA THR A 47 -9.62 -3.36 -6.81
C THR A 47 -8.42 -2.83 -7.57
N ALA A 48 -7.93 -1.66 -7.17
CA ALA A 48 -6.78 -1.04 -7.82
C ALA A 48 -6.06 -0.10 -6.86
N ILE A 49 -4.84 0.30 -7.24
CA ILE A 49 -4.05 1.20 -6.42
C ILE A 49 -3.37 2.26 -7.27
N GLU A 50 -3.88 3.49 -7.21
CA GLU A 50 -3.31 4.59 -7.98
C GLU A 50 -2.64 5.60 -7.05
N LEU A 51 -1.59 6.25 -7.56
CA LEU A 51 -0.85 7.24 -6.79
C LEU A 51 -0.72 8.55 -7.56
N ASP A 52 -0.56 9.64 -6.83
CA ASP A 52 -0.42 10.96 -7.45
C ASP A 52 0.99 11.51 -7.24
N GLU A 53 1.61 11.96 -8.33
CA GLU A 53 2.96 12.51 -8.26
C GLU A 53 2.93 14.04 -8.25
N ASP A 54 1.78 14.60 -8.61
CA ASP A 54 1.61 16.05 -8.64
C ASP A 54 1.82 16.65 -7.25
N THR A 55 1.22 16.03 -6.25
CA THR A 55 1.35 16.50 -4.87
C THR A 55 1.85 15.40 -3.95
N GLY A 56 1.53 14.16 -4.30
CA GLY A 56 1.97 13.03 -3.49
C GLY A 56 0.83 12.44 -2.68
N THR A 57 -0.19 11.94 -3.36
CA THR A 57 -1.34 11.36 -2.69
C THR A 57 -1.60 9.93 -3.18
N PHE A 58 -1.59 8.99 -2.25
CA PHE A 58 -1.82 7.58 -2.59
C PHE A 58 -3.30 7.25 -2.53
N ARG A 59 -3.88 6.95 -3.69
CA ARG A 59 -5.29 6.61 -3.78
C ARG A 59 -5.49 5.11 -3.91
N ILE A 60 -6.03 4.48 -2.87
CA ILE A 60 -6.26 3.05 -2.87
C ILE A 60 -7.74 2.73 -3.07
N TYR A 61 -8.02 1.64 -3.78
CA TYR A 61 -9.40 1.23 -4.03
C TYR A 61 -9.64 -0.18 -3.53
N GLY A 62 -10.65 -0.34 -2.67
CA GLY A 62 -10.97 -1.64 -2.12
C GLY A 62 -12.45 -1.79 -1.81
N GLU A 63 -13.01 -2.93 -2.17
CA GLU A 63 -14.43 -3.19 -1.92
C GLU A 63 -14.76 -3.05 -0.43
N SER A 64 -13.77 -3.34 0.41
CA SER A 64 -13.95 -3.25 1.86
C SER A 64 -12.84 -2.43 2.50
N ALA A 65 -13.22 -1.54 3.40
CA ALA A 65 -12.26 -0.69 4.09
C ALA A 65 -11.09 -1.51 4.65
N ASP A 66 -11.37 -2.77 4.97
CA ASP A 66 -10.35 -3.65 5.51
C ASP A 66 -9.27 -3.93 4.48
N ALA A 67 -9.68 -4.05 3.22
CA ALA A 67 -8.74 -4.32 2.13
C ALA A 67 -7.80 -3.14 1.92
N VAL A 68 -8.36 -1.98 1.62
CA VAL A 68 -7.57 -0.77 1.39
C VAL A 68 -6.74 -0.43 2.62
N LYS A 69 -7.24 -0.78 3.79
CA LYS A 69 -6.55 -0.51 5.04
C LYS A 69 -5.28 -1.35 5.15
N LYS A 70 -5.42 -2.65 4.93
CA LYS A 70 -4.28 -3.56 5.00
C LYS A 70 -3.18 -3.14 4.01
N ALA A 71 -3.59 -2.88 2.78
CA ALA A 71 -2.65 -2.47 1.74
C ALA A 71 -2.02 -1.11 2.07
N ARG A 72 -2.80 -0.25 2.71
CA ARG A 72 -2.32 1.08 3.09
C ARG A 72 -1.03 0.99 3.90
N GLY A 73 -1.04 0.14 4.92
CA GLY A 73 0.14 -0.02 5.75
C GLY A 73 1.41 -0.12 4.94
N PHE A 74 1.29 -0.62 3.71
CA PHE A 74 2.44 -0.77 2.84
C PHE A 74 2.80 0.55 2.17
N LEU A 75 1.78 1.31 1.79
CA LEU A 75 1.99 2.60 1.14
C LEU A 75 2.11 3.71 2.17
N GLU A 76 1.97 3.35 3.45
CA GLU A 76 2.06 4.33 4.53
C GLU A 76 3.47 4.88 4.65
N PHE A 77 3.58 6.17 4.96
CA PHE A 77 4.87 6.82 5.10
C PHE A 77 5.66 6.23 6.27
N VAL A 78 6.92 5.92 6.03
CA VAL A 78 7.78 5.35 7.06
C VAL A 78 9.07 6.15 7.21
N GLU A 79 9.35 6.60 8.44
CA GLU A 79 10.55 7.38 8.71
C GLU A 79 11.80 6.62 8.27
N ASP A 80 12.89 7.35 8.08
CA ASP A 80 14.15 6.75 7.66
C ASP A 80 14.58 5.64 8.63
N PHE A 81 14.62 4.42 8.13
CA PHE A 81 15.00 3.27 8.96
C PHE A 81 16.42 2.80 8.61
N ILE A 82 17.13 2.28 9.59
CA ILE A 82 18.49 1.80 9.38
C ILE A 82 18.57 0.30 9.64
N GLN A 83 18.64 -0.48 8.56
CA GLN A 83 18.72 -1.93 8.68
C GLN A 83 20.12 -2.41 8.31
N VAL A 84 20.52 -3.55 8.88
CA VAL A 84 21.83 -4.12 8.62
C VAL A 84 21.71 -5.53 8.03
N PRO A 85 22.65 -5.88 7.15
CA PRO A 85 22.68 -7.19 6.51
C PRO A 85 23.04 -8.31 7.48
N SER A 86 22.34 -9.44 7.36
CA SER A 86 22.59 -10.59 8.24
C SER A 86 23.77 -11.40 7.74
N GLY A 87 24.64 -11.80 8.66
CA GLY A 87 25.81 -12.58 8.30
C GLY A 87 25.45 -13.94 7.75
N PRO A 88 26.40 -14.89 7.80
CA PRO A 88 26.20 -16.24 7.30
C PRO A 88 25.22 -17.04 8.17
N SER A 89 25.21 -16.74 9.46
CA SER A 89 24.33 -17.44 10.40
C SER A 89 22.95 -16.78 10.44
N SER A 90 21.95 -17.55 10.83
CA SER A 90 20.58 -17.05 10.90
C SER A 90 19.90 -17.52 12.18
N GLY A 91 18.68 -17.03 12.41
CA GLY A 91 17.94 -17.40 13.60
C GLY A 91 18.16 -18.85 13.98
N GLY A 1 -15.13 -5.18 11.11
CA GLY A 1 -15.89 -6.20 10.40
C GLY A 1 -15.04 -6.91 9.35
N SER A 2 -15.33 -8.20 9.15
CA SER A 2 -14.59 -8.99 8.17
C SER A 2 -15.53 -9.57 7.12
N SER A 3 -15.58 -8.92 5.96
CA SER A 3 -16.46 -9.37 4.87
C SER A 3 -15.65 -10.17 3.84
N GLY A 4 -16.37 -10.96 3.05
CA GLY A 4 -15.72 -11.77 2.03
C GLY A 4 -16.62 -12.87 1.50
N SER A 5 -16.23 -14.12 1.74
CA SER A 5 -17.00 -15.27 1.28
C SER A 5 -17.39 -15.10 -0.19
N SER A 6 -16.45 -14.63 -0.99
CA SER A 6 -16.68 -14.43 -2.42
C SER A 6 -15.47 -14.85 -3.24
N GLY A 7 -15.73 -15.40 -4.42
CA GLY A 7 -14.65 -15.84 -5.28
C GLY A 7 -13.90 -14.68 -5.91
N THR A 8 -14.06 -14.52 -7.22
CA THR A 8 -13.40 -13.44 -7.94
C THR A 8 -14.40 -12.63 -8.77
N LYS A 9 -14.39 -11.32 -8.57
CA LYS A 9 -15.29 -10.43 -9.29
C LYS A 9 -14.68 -9.03 -9.43
N GLN A 10 -15.05 -8.34 -10.51
CA GLN A 10 -14.53 -6.99 -10.76
C GLN A 10 -15.65 -5.96 -10.64
N LEU A 11 -15.79 -5.39 -9.45
CA LEU A 11 -16.81 -4.39 -9.20
C LEU A 11 -16.22 -3.17 -8.49
N ALA A 12 -16.77 -2.00 -8.78
CA ALA A 12 -16.30 -0.76 -8.17
C ALA A 12 -15.95 -0.97 -6.70
N ALA A 13 -14.94 -0.26 -6.22
CA ALA A 13 -14.50 -0.38 -4.84
C ALA A 13 -15.41 0.41 -3.91
N ALA A 14 -16.09 -0.29 -3.02
CA ALA A 14 -17.01 0.35 -2.07
C ALA A 14 -16.28 1.37 -1.21
N PHE A 15 -15.09 0.99 -0.74
CA PHE A 15 -14.29 1.88 0.10
C PHE A 15 -13.05 2.37 -0.65
N HIS A 16 -12.67 3.61 -0.41
CA HIS A 16 -11.51 4.20 -1.06
C HIS A 16 -10.67 5.01 -0.07
N GLU A 17 -9.35 4.96 -0.23
CA GLU A 17 -8.45 5.68 0.65
C GLU A 17 -7.70 6.77 -0.11
N GLU A 18 -7.63 7.96 0.48
CA GLU A 18 -6.95 9.09 -0.14
C GLU A 18 -6.18 9.90 0.90
N PHE A 19 -4.87 9.80 0.88
CA PHE A 19 -4.02 10.52 1.81
C PHE A 19 -2.78 11.09 1.12
N VAL A 20 -2.12 12.03 1.77
CA VAL A 20 -0.92 12.64 1.21
C VAL A 20 0.33 12.21 1.98
N VAL A 21 1.35 11.81 1.25
CA VAL A 21 2.60 11.36 1.85
C VAL A 21 3.74 12.33 1.53
N ARG A 22 4.63 12.54 2.50
CA ARG A 22 5.76 13.43 2.33
C ARG A 22 6.58 13.03 1.10
N GLU A 23 6.78 13.98 0.20
CA GLU A 23 7.56 13.71 -1.01
C GLU A 23 8.93 13.15 -0.67
N ASP A 24 9.35 13.33 0.58
CA ASP A 24 10.64 12.83 1.04
C ASP A 24 10.53 11.38 1.50
N LEU A 25 9.43 11.06 2.17
CA LEU A 25 9.20 9.71 2.67
C LEU A 25 8.70 8.79 1.55
N MET A 26 8.03 9.38 0.57
CA MET A 26 7.50 8.61 -0.55
C MET A 26 8.50 7.54 -1.00
N GLY A 27 9.69 7.98 -1.39
CA GLY A 27 10.71 7.04 -1.83
C GLY A 27 10.77 5.79 -0.97
N LEU A 28 10.90 5.98 0.34
CA LEU A 28 10.97 4.86 1.26
C LEU A 28 9.66 4.06 1.26
N ALA A 29 8.56 4.76 1.48
CA ALA A 29 7.25 4.11 1.49
C ALA A 29 7.08 3.19 0.30
N ILE A 30 7.50 3.65 -0.87
CA ILE A 30 7.40 2.86 -2.09
C ILE A 30 8.41 1.71 -2.09
N GLY A 31 9.60 1.97 -1.57
CA GLY A 31 10.63 0.95 -1.51
C GLY A 31 11.57 1.02 -2.70
N THR A 32 11.85 -0.14 -3.29
CA THR A 32 12.74 -0.23 -4.44
C THR A 32 11.99 -0.65 -5.68
N HIS A 33 12.30 -0.01 -6.82
CA HIS A 33 11.66 -0.32 -8.09
C HIS A 33 10.18 -0.67 -7.87
N GLY A 34 9.49 0.17 -7.12
CA GLY A 34 8.08 -0.06 -6.85
C GLY A 34 7.83 -1.38 -6.16
N SER A 35 8.46 -1.56 -5.00
CA SER A 35 8.31 -2.80 -4.23
C SER A 35 7.06 -2.75 -3.36
N ASN A 36 7.09 -1.88 -2.35
CA ASN A 36 5.96 -1.73 -1.43
C ASN A 36 4.63 -1.75 -2.20
N ILE A 37 4.45 -0.78 -3.08
CA ILE A 37 3.23 -0.69 -3.88
C ILE A 37 2.77 -2.08 -4.34
N GLN A 38 3.68 -2.81 -4.96
CA GLN A 38 3.38 -4.15 -5.46
C GLN A 38 2.83 -5.03 -4.33
N GLN A 39 3.52 -5.03 -3.20
CA GLN A 39 3.11 -5.84 -2.06
C GLN A 39 1.72 -5.41 -1.57
N ALA A 40 1.42 -4.12 -1.74
CA ALA A 40 0.13 -3.58 -1.31
C ALA A 40 -1.00 -4.13 -2.17
N ARG A 41 -0.87 -4.00 -3.49
CA ARG A 41 -1.88 -4.48 -4.42
C ARG A 41 -2.12 -5.97 -4.23
N LYS A 42 -1.12 -6.66 -3.70
CA LYS A 42 -1.23 -8.11 -3.46
C LYS A 42 -2.16 -8.40 -2.31
N VAL A 43 -2.75 -7.35 -1.73
CA VAL A 43 -3.67 -7.51 -0.62
C VAL A 43 -5.08 -7.84 -1.10
N PRO A 44 -5.73 -8.78 -0.39
CA PRO A 44 -7.09 -9.21 -0.73
C PRO A 44 -8.14 -8.13 -0.47
N GLY A 45 -9.02 -7.93 -1.45
CA GLY A 45 -10.05 -6.92 -1.32
C GLY A 45 -9.68 -5.60 -1.97
N VAL A 46 -8.47 -5.54 -2.51
CA VAL A 46 -7.98 -4.33 -3.16
C VAL A 46 -8.18 -4.42 -4.67
N THR A 47 -9.05 -3.57 -5.21
CA THR A 47 -9.33 -3.56 -6.64
C THR A 47 -8.15 -2.99 -7.42
N ALA A 48 -7.76 -1.76 -7.09
CA ALA A 48 -6.64 -1.11 -7.76
C ALA A 48 -5.91 -0.17 -6.81
N ILE A 49 -4.73 0.30 -7.24
CA ILE A 49 -3.94 1.20 -6.42
C ILE A 49 -3.22 2.23 -7.30
N GLU A 50 -3.66 3.48 -7.22
CA GLU A 50 -3.06 4.55 -8.00
C GLU A 50 -2.37 5.56 -7.09
N LEU A 51 -1.37 6.26 -7.64
CA LEU A 51 -0.63 7.25 -6.88
C LEU A 51 -0.51 8.56 -7.66
N ASP A 52 -0.66 9.67 -6.94
CA ASP A 52 -0.57 10.99 -7.57
C ASP A 52 0.75 11.66 -7.24
N GLU A 53 1.59 11.85 -8.24
CA GLU A 53 2.90 12.47 -8.06
C GLU A 53 2.77 13.99 -8.05
N ASP A 54 1.81 14.50 -8.83
CA ASP A 54 1.60 15.94 -8.91
C ASP A 54 1.58 16.57 -7.52
N THR A 55 1.05 15.84 -6.55
CA THR A 55 0.97 16.33 -5.18
C THR A 55 1.57 15.32 -4.21
N GLY A 56 1.44 14.04 -4.54
CA GLY A 56 1.97 12.99 -3.68
C GLY A 56 0.91 12.36 -2.82
N THR A 57 -0.22 12.01 -3.43
CA THR A 57 -1.33 11.40 -2.69
C THR A 57 -1.57 9.98 -3.18
N PHE A 58 -1.64 9.04 -2.24
CA PHE A 58 -1.87 7.64 -2.57
C PHE A 58 -3.37 7.32 -2.54
N ARG A 59 -3.87 6.82 -3.67
CA ARG A 59 -5.28 6.47 -3.78
C ARG A 59 -5.46 4.96 -3.90
N ILE A 60 -6.09 4.37 -2.89
CA ILE A 60 -6.32 2.92 -2.88
C ILE A 60 -7.81 2.61 -3.08
N TYR A 61 -8.09 1.58 -3.87
CA TYR A 61 -9.45 1.17 -4.14
C TYR A 61 -9.70 -0.27 -3.69
N GLY A 62 -10.61 -0.42 -2.72
CA GLY A 62 -10.92 -1.74 -2.21
C GLY A 62 -12.40 -1.93 -1.97
N GLU A 63 -12.87 -3.18 -2.07
CA GLU A 63 -14.27 -3.48 -1.85
C GLU A 63 -14.67 -3.27 -0.39
N SER A 64 -13.72 -3.49 0.50
CA SER A 64 -13.96 -3.32 1.93
C SER A 64 -12.88 -2.45 2.57
N ALA A 65 -13.31 -1.51 3.40
CA ALA A 65 -12.38 -0.61 4.09
C ALA A 65 -11.21 -1.39 4.69
N ASP A 66 -11.48 -2.62 5.11
CA ASP A 66 -10.44 -3.47 5.70
C ASP A 66 -9.34 -3.75 4.70
N ALA A 67 -9.72 -4.02 3.47
CA ALA A 67 -8.75 -4.31 2.40
C ALA A 67 -7.84 -3.11 2.15
N VAL A 68 -8.43 -2.02 1.66
CA VAL A 68 -7.67 -0.81 1.38
C VAL A 68 -6.84 -0.39 2.57
N LYS A 69 -7.36 -0.62 3.77
CA LYS A 69 -6.65 -0.28 5.01
C LYS A 69 -5.39 -1.10 5.16
N LYS A 70 -5.53 -2.42 5.08
CA LYS A 70 -4.40 -3.33 5.20
C LYS A 70 -3.29 -2.95 4.23
N ALA A 71 -3.66 -2.74 2.97
CA ALA A 71 -2.69 -2.37 1.95
C ALA A 71 -2.13 -0.97 2.19
N ARG A 72 -2.99 -0.08 2.70
CA ARG A 72 -2.58 1.29 2.98
C ARG A 72 -1.32 1.32 3.83
N GLY A 73 -1.26 0.45 4.84
CA GLY A 73 -0.10 0.41 5.70
C GLY A 73 1.20 0.33 4.93
N PHE A 74 1.17 -0.33 3.78
CA PHE A 74 2.36 -0.48 2.95
C PHE A 74 2.72 0.85 2.29
N LEU A 75 1.72 1.54 1.78
CA LEU A 75 1.92 2.83 1.12
C LEU A 75 2.25 3.91 2.14
N GLU A 76 1.74 3.75 3.36
CA GLU A 76 1.98 4.72 4.42
C GLU A 76 3.47 5.04 4.54
N PHE A 77 3.76 6.29 4.89
CA PHE A 77 5.14 6.73 5.03
C PHE A 77 5.82 6.03 6.20
N VAL A 78 7.10 5.71 6.03
CA VAL A 78 7.87 5.03 7.07
C VAL A 78 9.17 5.77 7.38
N GLU A 79 9.48 5.89 8.66
CA GLU A 79 10.69 6.59 9.09
C GLU A 79 11.94 5.79 8.69
N ASP A 80 12.97 6.51 8.24
CA ASP A 80 14.21 5.88 7.83
C ASP A 80 14.52 4.67 8.72
N PHE A 81 14.49 3.48 8.12
CA PHE A 81 14.76 2.25 8.86
C PHE A 81 16.06 1.60 8.37
N ILE A 82 17.00 1.41 9.28
CA ILE A 82 18.28 0.79 8.95
C ILE A 82 18.39 -0.62 9.52
N GLN A 83 18.17 -1.60 8.68
CA GLN A 83 18.24 -3.01 9.10
C GLN A 83 19.66 -3.53 8.97
N VAL A 84 20.02 -4.46 9.85
CA VAL A 84 21.36 -5.04 9.84
C VAL A 84 21.43 -6.23 8.87
N PRO A 85 22.58 -6.38 8.21
CA PRO A 85 22.80 -7.47 7.25
C PRO A 85 22.89 -8.84 7.93
N SER A 86 23.01 -9.89 7.13
CA SER A 86 23.11 -11.24 7.65
C SER A 86 23.77 -12.17 6.64
N GLY A 87 24.32 -13.28 7.13
CA GLY A 87 24.98 -14.24 6.26
C GLY A 87 24.48 -15.64 6.45
N PRO A 88 24.44 -16.43 5.36
CA PRO A 88 23.98 -17.82 5.40
C PRO A 88 24.95 -18.73 6.14
N SER A 89 24.58 -20.00 6.25
CA SER A 89 25.41 -20.98 6.94
C SER A 89 25.58 -22.25 6.11
N SER A 90 26.80 -22.50 5.66
CA SER A 90 27.09 -23.68 4.85
C SER A 90 26.34 -24.90 5.36
N GLY A 91 26.21 -25.91 4.52
CA GLY A 91 25.50 -27.11 4.90
C GLY A 91 24.39 -27.47 3.92
N GLY A 1 -26.36 -21.40 3.39
CA GLY A 1 -27.30 -21.44 2.29
C GLY A 1 -27.86 -20.07 1.96
N SER A 2 -29.15 -19.89 2.21
CA SER A 2 -29.81 -18.62 1.93
C SER A 2 -29.94 -18.39 0.43
N SER A 3 -30.27 -19.46 -0.30
CA SER A 3 -30.41 -19.38 -1.74
C SER A 3 -31.32 -18.21 -2.14
N GLY A 4 -30.70 -17.11 -2.54
CA GLY A 4 -31.46 -15.95 -2.94
C GLY A 4 -30.85 -15.23 -4.13
N SER A 5 -31.52 -15.29 -5.27
CA SER A 5 -31.04 -14.64 -6.48
C SER A 5 -31.34 -13.16 -6.46
N SER A 6 -30.38 -12.36 -6.91
CA SER A 6 -30.54 -10.90 -6.94
C SER A 6 -29.45 -10.25 -7.80
N GLY A 7 -29.79 -9.14 -8.43
CA GLY A 7 -28.84 -8.44 -9.27
C GLY A 7 -28.07 -7.38 -8.51
N THR A 8 -26.77 -7.61 -8.32
CA THR A 8 -25.92 -6.67 -7.60
C THR A 8 -24.73 -6.25 -8.45
N LYS A 9 -24.22 -5.04 -8.21
CA LYS A 9 -23.08 -4.53 -8.95
C LYS A 9 -22.15 -3.75 -8.03
N GLN A 10 -20.91 -4.18 -7.94
CA GLN A 10 -19.91 -3.52 -7.09
C GLN A 10 -18.71 -3.08 -7.91
N LEU A 11 -18.97 -2.61 -9.13
CA LEU A 11 -17.90 -2.16 -10.01
C LEU A 11 -16.90 -1.28 -9.26
N ALA A 12 -17.41 -0.31 -8.52
CA ALA A 12 -16.56 0.60 -7.75
C ALA A 12 -16.31 0.04 -6.35
N ALA A 13 -15.25 0.51 -5.72
CA ALA A 13 -14.89 0.07 -4.37
C ALA A 13 -15.74 0.77 -3.32
N ALA A 14 -16.56 0.00 -2.61
CA ALA A 14 -17.43 0.55 -1.58
C ALA A 14 -16.63 1.40 -0.59
N PHE A 15 -15.39 1.00 -0.35
CA PHE A 15 -14.52 1.72 0.57
C PHE A 15 -13.28 2.24 -0.14
N HIS A 16 -13.08 3.56 -0.07
CA HIS A 16 -11.93 4.18 -0.71
C HIS A 16 -11.07 4.93 0.31
N GLU A 17 -9.78 5.05 0.02
CA GLU A 17 -8.86 5.73 0.92
C GLU A 17 -8.02 6.76 0.17
N GLU A 18 -7.58 7.79 0.88
CA GLU A 18 -6.77 8.85 0.27
C GLU A 18 -5.95 9.58 1.33
N PHE A 19 -4.64 9.50 1.19
CA PHE A 19 -3.73 10.15 2.15
C PHE A 19 -2.51 10.72 1.43
N VAL A 20 -2.02 11.86 1.91
CA VAL A 20 -0.85 12.49 1.31
C VAL A 20 0.43 12.04 2.00
N VAL A 21 1.40 11.61 1.19
CA VAL A 21 2.68 11.14 1.72
C VAL A 21 3.80 12.13 1.39
N ARG A 22 4.68 12.35 2.35
CA ARG A 22 5.80 13.27 2.17
C ARG A 22 6.60 12.90 0.93
N GLU A 23 6.88 13.90 0.09
CA GLU A 23 7.63 13.68 -1.15
C GLU A 23 9.02 13.14 -0.83
N ASP A 24 9.40 13.18 0.44
CA ASP A 24 10.70 12.70 0.88
C ASP A 24 10.60 11.27 1.41
N LEU A 25 9.40 10.88 1.80
CA LEU A 25 9.17 9.54 2.33
C LEU A 25 8.63 8.62 1.24
N MET A 26 8.28 9.19 0.10
CA MET A 26 7.75 8.42 -1.01
C MET A 26 8.64 7.21 -1.31
N GLY A 27 9.85 7.48 -1.79
CA GLY A 27 10.78 6.42 -2.10
C GLY A 27 10.75 5.30 -1.09
N LEU A 28 10.87 5.64 0.18
CA LEU A 28 10.86 4.67 1.26
C LEU A 28 9.55 3.88 1.27
N ALA A 29 8.44 4.58 1.51
CA ALA A 29 7.13 3.96 1.53
C ALA A 29 6.94 3.03 0.34
N ILE A 30 7.42 3.45 -0.82
CA ILE A 30 7.31 2.65 -2.03
C ILE A 30 8.31 1.50 -2.03
N GLY A 31 9.44 1.70 -1.37
CA GLY A 31 10.45 0.66 -1.30
C GLY A 31 11.43 0.72 -2.45
N THR A 32 11.92 -0.44 -2.88
CA THR A 32 12.86 -0.52 -3.98
C THR A 32 12.18 -0.94 -5.27
N HIS A 33 12.58 -0.34 -6.38
CA HIS A 33 11.99 -0.67 -7.69
C HIS A 33 10.51 -1.00 -7.54
N GLY A 34 9.78 -0.14 -6.85
CA GLY A 34 8.35 -0.36 -6.66
C GLY A 34 8.07 -1.70 -6.02
N SER A 35 8.48 -1.86 -4.76
CA SER A 35 8.26 -3.10 -4.03
C SER A 35 6.98 -3.03 -3.21
N ASN A 36 6.93 -2.09 -2.27
CA ASN A 36 5.76 -1.92 -1.42
C ASN A 36 4.48 -1.90 -2.25
N ILE A 37 4.36 -0.89 -3.11
CA ILE A 37 3.19 -0.75 -3.97
C ILE A 37 2.72 -2.11 -4.49
N GLN A 38 3.65 -2.85 -5.09
CA GLN A 38 3.34 -4.18 -5.63
C GLN A 38 2.63 -5.03 -4.59
N GLN A 39 3.15 -5.03 -3.37
CA GLN A 39 2.56 -5.80 -2.29
C GLN A 39 1.14 -5.35 -1.99
N ALA A 40 0.96 -4.05 -1.82
CA ALA A 40 -0.35 -3.47 -1.54
C ALA A 40 -1.35 -3.85 -2.62
N ARG A 41 -0.89 -3.93 -3.87
CA ARG A 41 -1.74 -4.27 -5.00
C ARG A 41 -2.04 -5.77 -5.01
N LYS A 42 -1.21 -6.54 -4.30
CA LYS A 42 -1.38 -7.98 -4.24
C LYS A 42 -2.30 -8.37 -3.09
N VAL A 43 -2.99 -7.38 -2.53
CA VAL A 43 -3.91 -7.62 -1.42
C VAL A 43 -5.32 -7.88 -1.92
N PRO A 44 -5.99 -8.88 -1.32
CA PRO A 44 -7.36 -9.25 -1.70
C PRO A 44 -8.38 -8.18 -1.29
N GLY A 45 -9.35 -7.94 -2.16
CA GLY A 45 -10.37 -6.95 -1.88
C GLY A 45 -10.05 -5.60 -2.48
N VAL A 46 -8.78 -5.39 -2.83
CA VAL A 46 -8.36 -4.13 -3.42
C VAL A 46 -8.66 -4.09 -4.92
N THR A 47 -9.52 -3.16 -5.32
CA THR A 47 -9.90 -3.02 -6.72
C THR A 47 -8.75 -2.45 -7.54
N ALA A 48 -8.16 -1.37 -7.06
CA ALA A 48 -7.05 -0.74 -7.75
C ALA A 48 -6.26 0.18 -6.81
N ILE A 49 -5.10 0.64 -7.27
CA ILE A 49 -4.26 1.51 -6.47
C ILE A 49 -3.55 2.55 -7.34
N GLU A 50 -3.92 3.82 -7.16
CA GLU A 50 -3.31 4.90 -7.93
C GLU A 50 -2.49 5.81 -7.04
N LEU A 51 -1.50 6.47 -7.62
CA LEU A 51 -0.64 7.39 -6.87
C LEU A 51 -0.42 8.68 -7.64
N ASP A 52 -0.71 9.81 -7.01
CA ASP A 52 -0.54 11.11 -7.63
C ASP A 52 0.89 11.61 -7.48
N GLU A 53 1.64 11.59 -8.57
CA GLU A 53 3.03 12.05 -8.55
C GLU A 53 3.12 13.56 -8.68
N ASP A 54 1.97 14.20 -8.86
CA ASP A 54 1.90 15.65 -9.00
C ASP A 54 1.69 16.32 -7.64
N THR A 55 0.89 15.67 -6.79
CA THR A 55 0.61 16.20 -5.46
C THR A 55 1.17 15.29 -4.38
N GLY A 56 1.48 14.05 -4.75
CA GLY A 56 2.03 13.11 -3.79
C GLY A 56 0.96 12.53 -2.88
N THR A 57 -0.11 12.02 -3.47
CA THR A 57 -1.20 11.44 -2.71
C THR A 57 -1.49 10.01 -3.15
N PHE A 58 -1.50 9.09 -2.19
CA PHE A 58 -1.76 7.68 -2.49
C PHE A 58 -3.25 7.39 -2.45
N ARG A 59 -3.82 7.03 -3.60
CA ARG A 59 -5.24 6.73 -3.70
C ARG A 59 -5.46 5.23 -3.81
N ILE A 60 -6.14 4.65 -2.81
CA ILE A 60 -6.42 3.23 -2.80
C ILE A 60 -7.90 2.96 -3.03
N TYR A 61 -8.20 1.83 -3.66
CA TYR A 61 -9.59 1.45 -3.95
C TYR A 61 -9.86 0.01 -3.53
N GLY A 62 -10.68 -0.17 -2.52
CA GLY A 62 -11.00 -1.50 -2.04
C GLY A 62 -12.49 -1.70 -1.82
N GLU A 63 -12.97 -2.92 -2.02
CA GLU A 63 -14.38 -3.23 -1.84
C GLU A 63 -14.78 -3.12 -0.37
N SER A 64 -13.81 -3.30 0.51
CA SER A 64 -14.06 -3.22 1.94
C SER A 64 -12.91 -2.52 2.67
N ALA A 65 -13.25 -1.56 3.51
CA ALA A 65 -12.25 -0.81 4.27
C ALA A 65 -11.10 -1.73 4.69
N ASP A 66 -11.42 -2.98 4.98
CA ASP A 66 -10.41 -3.95 5.39
C ASP A 66 -9.32 -4.08 4.34
N ALA A 67 -9.73 -4.31 3.09
CA ALA A 67 -8.79 -4.46 1.99
C ALA A 67 -7.87 -3.25 1.89
N VAL A 68 -8.44 -2.10 1.55
CA VAL A 68 -7.66 -0.87 1.41
C VAL A 68 -6.80 -0.63 2.65
N LYS A 69 -7.39 -0.87 3.82
CA LYS A 69 -6.68 -0.68 5.08
C LYS A 69 -5.38 -1.49 5.11
N LYS A 70 -5.50 -2.79 4.83
CA LYS A 70 -4.34 -3.68 4.82
C LYS A 70 -3.30 -3.19 3.83
N ALA A 71 -3.73 -2.89 2.61
CA ALA A 71 -2.83 -2.42 1.57
C ALA A 71 -2.24 -1.06 1.94
N ARG A 72 -3.01 -0.26 2.67
CA ARG A 72 -2.56 1.06 3.09
C ARG A 72 -1.30 0.97 3.94
N GLY A 73 -1.32 0.05 4.90
CA GLY A 73 -0.17 -0.13 5.78
C GLY A 73 1.13 -0.21 5.02
N PHE A 74 1.05 -0.58 3.75
CA PHE A 74 2.24 -0.70 2.91
C PHE A 74 2.61 0.65 2.29
N LEU A 75 1.63 1.31 1.69
CA LEU A 75 1.85 2.61 1.06
C LEU A 75 2.12 3.68 2.11
N GLU A 76 1.93 3.32 3.38
CA GLU A 76 2.16 4.25 4.48
C GLU A 76 3.63 4.64 4.56
N PHE A 77 3.88 5.93 4.84
CA PHE A 77 5.24 6.44 4.94
C PHE A 77 5.98 5.79 6.12
N VAL A 78 7.27 5.53 5.92
CA VAL A 78 8.08 4.91 6.96
C VAL A 78 9.33 5.73 7.23
N GLU A 79 9.63 5.94 8.51
CA GLU A 79 10.80 6.71 8.91
C GLU A 79 12.09 5.99 8.53
N ASP A 80 13.15 6.75 8.30
CA ASP A 80 14.44 6.18 7.93
C ASP A 80 14.86 5.10 8.92
N PHE A 81 15.26 3.94 8.39
CA PHE A 81 15.68 2.83 9.23
C PHE A 81 17.19 2.65 9.15
N ILE A 82 17.85 2.68 10.31
CA ILE A 82 19.30 2.51 10.36
C ILE A 82 19.67 1.26 11.16
N GLN A 83 20.01 0.20 10.43
CA GLN A 83 20.39 -1.07 11.06
C GLN A 83 21.80 -1.48 10.65
N VAL A 84 22.68 -1.64 11.64
CA VAL A 84 24.05 -2.04 11.37
C VAL A 84 24.23 -3.54 11.52
N PRO A 85 25.09 -4.13 10.68
CA PRO A 85 25.38 -5.57 10.70
C PRO A 85 26.16 -5.99 11.94
N SER A 86 27.26 -5.29 12.21
CA SER A 86 28.09 -5.59 13.36
C SER A 86 28.79 -4.33 13.86
N GLY A 87 28.51 -3.95 15.10
CA GLY A 87 29.12 -2.77 15.68
C GLY A 87 30.25 -3.11 16.64
N PRO A 88 31.10 -2.11 16.94
CA PRO A 88 32.23 -2.29 17.84
C PRO A 88 31.80 -2.49 19.29
N SER A 89 30.62 -1.97 19.62
CA SER A 89 30.09 -2.08 20.98
C SER A 89 29.38 -3.42 21.17
N SER A 90 30.11 -4.40 21.68
CA SER A 90 29.56 -5.73 21.92
C SER A 90 29.11 -5.88 23.36
N GLY A 91 27.93 -6.48 23.55
CA GLY A 91 27.41 -6.67 24.89
C GLY A 91 26.29 -5.70 25.22
N GLY A 1 -26.14 -15.41 0.38
CA GLY A 1 -26.55 -16.79 0.41
C GLY A 1 -25.99 -17.58 -0.77
N SER A 2 -26.86 -18.30 -1.47
CA SER A 2 -26.45 -19.11 -2.61
C SER A 2 -27.31 -18.80 -3.83
N SER A 3 -26.66 -18.45 -4.93
CA SER A 3 -27.36 -18.13 -6.16
C SER A 3 -26.59 -18.65 -7.38
N GLY A 4 -27.31 -19.24 -8.33
CA GLY A 4 -26.69 -19.78 -9.52
C GLY A 4 -26.80 -18.83 -10.70
N SER A 5 -25.73 -18.06 -10.95
CA SER A 5 -25.72 -17.11 -12.05
C SER A 5 -24.32 -16.53 -12.24
N SER A 6 -24.11 -15.88 -13.38
CA SER A 6 -22.82 -15.26 -13.70
C SER A 6 -22.47 -14.18 -12.70
N GLY A 7 -21.95 -14.57 -11.55
CA GLY A 7 -21.59 -13.60 -10.52
C GLY A 7 -20.22 -13.00 -10.76
N THR A 8 -20.14 -11.67 -10.72
CA THR A 8 -18.88 -10.97 -10.94
C THR A 8 -18.72 -9.83 -9.94
N LYS A 9 -17.48 -9.54 -9.58
CA LYS A 9 -17.18 -8.47 -8.63
C LYS A 9 -17.60 -7.11 -9.20
N GLN A 10 -17.66 -6.11 -8.33
CA GLN A 10 -18.06 -4.77 -8.75
C GLN A 10 -16.88 -4.01 -9.34
N LEU A 11 -17.18 -2.93 -10.06
CA LEU A 11 -16.13 -2.12 -10.68
C LEU A 11 -15.60 -1.07 -9.71
N ALA A 12 -16.50 -0.22 -9.21
CA ALA A 12 -16.11 0.82 -8.27
C ALA A 12 -15.73 0.22 -6.91
N ALA A 13 -15.38 1.09 -5.96
CA ALA A 13 -15.00 0.65 -4.63
C ALA A 13 -15.88 1.30 -3.57
N ALA A 14 -16.29 0.50 -2.58
CA ALA A 14 -17.14 1.00 -1.51
C ALA A 14 -16.33 1.84 -0.52
N PHE A 15 -15.14 1.35 -0.18
CA PHE A 15 -14.26 2.05 0.75
C PHE A 15 -12.99 2.53 0.06
N HIS A 16 -12.74 3.83 0.12
CA HIS A 16 -11.55 4.41 -0.50
C HIS A 16 -10.66 5.08 0.53
N GLU A 17 -9.36 4.95 0.36
CA GLU A 17 -8.39 5.53 1.28
C GLU A 17 -7.50 6.53 0.58
N GLU A 18 -7.28 7.68 1.22
CA GLU A 18 -6.44 8.73 0.65
C GLU A 18 -5.54 9.34 1.71
N PHE A 19 -4.24 9.30 1.46
CA PHE A 19 -3.26 9.84 2.40
C PHE A 19 -2.13 10.56 1.66
N VAL A 20 -1.53 11.55 2.31
CA VAL A 20 -0.44 12.31 1.71
C VAL A 20 0.91 11.90 2.31
N VAL A 21 1.75 11.30 1.48
CA VAL A 21 3.08 10.86 1.92
C VAL A 21 4.15 11.88 1.56
N ARG A 22 5.13 12.04 2.44
CA ARG A 22 6.21 12.98 2.21
C ARG A 22 6.88 12.73 0.86
N GLU A 23 7.78 13.62 0.47
CA GLU A 23 8.49 13.49 -0.79
C GLU A 23 9.79 12.72 -0.62
N ASP A 24 10.25 12.62 0.63
CA ASP A 24 11.49 11.90 0.94
C ASP A 24 11.18 10.52 1.52
N LEU A 25 9.92 10.28 1.81
CA LEU A 25 9.49 9.00 2.37
C LEU A 25 8.88 8.10 1.30
N MET A 26 8.76 8.65 0.09
CA MET A 26 8.19 7.90 -1.02
C MET A 26 8.99 6.62 -1.29
N GLY A 27 10.24 6.79 -1.72
CA GLY A 27 11.08 5.65 -2.01
C GLY A 27 10.98 4.57 -0.94
N LEU A 28 10.89 4.99 0.32
CA LEU A 28 10.79 4.06 1.43
C LEU A 28 9.47 3.30 1.37
N ALA A 29 8.37 4.03 1.43
CA ALA A 29 7.04 3.42 1.40
C ALA A 29 6.89 2.52 0.17
N ILE A 30 7.25 3.04 -0.99
CA ILE A 30 7.15 2.28 -2.23
C ILE A 30 8.11 1.10 -2.23
N GLY A 31 9.26 1.27 -1.56
CA GLY A 31 10.25 0.21 -1.48
C GLY A 31 11.30 0.33 -2.57
N THR A 32 11.88 -0.81 -2.95
CA THR A 32 12.90 -0.83 -3.98
C THR A 32 12.37 -1.48 -5.26
N HIS A 33 12.36 -0.70 -6.34
CA HIS A 33 11.87 -1.19 -7.63
C HIS A 33 10.36 -1.44 -7.59
N GLY A 34 9.65 -0.59 -6.86
CA GLY A 34 8.21 -0.73 -6.75
C GLY A 34 7.80 -2.08 -6.18
N SER A 35 8.22 -2.36 -4.95
CA SER A 35 7.91 -3.62 -4.30
C SER A 35 6.64 -3.49 -3.47
N ASN A 36 6.63 -2.50 -2.56
CA ASN A 36 5.47 -2.27 -1.70
C ASN A 36 4.19 -2.14 -2.52
N ILE A 37 4.20 -1.21 -3.47
CA ILE A 37 3.04 -0.98 -4.32
C ILE A 37 2.49 -2.29 -4.86
N GLN A 38 3.38 -3.15 -5.34
CA GLN A 38 3.00 -4.44 -5.88
C GLN A 38 2.17 -5.24 -4.87
N GLN A 39 2.79 -5.56 -3.74
CA GLN A 39 2.11 -6.31 -2.69
C GLN A 39 0.71 -5.75 -2.43
N ALA A 40 0.61 -4.44 -2.41
CA ALA A 40 -0.68 -3.77 -2.18
C ALA A 40 -1.70 -4.17 -3.23
N ARG A 41 -1.36 -3.93 -4.50
CA ARG A 41 -2.26 -4.27 -5.60
C ARG A 41 -2.56 -5.77 -5.62
N LYS A 42 -1.80 -6.52 -4.84
CA LYS A 42 -1.98 -7.97 -4.77
C LYS A 42 -2.82 -8.36 -3.55
N VAL A 43 -3.47 -7.36 -2.96
CA VAL A 43 -4.31 -7.61 -1.79
C VAL A 43 -5.77 -7.82 -2.19
N PRO A 44 -6.43 -8.79 -1.55
CA PRO A 44 -7.83 -9.11 -1.82
C PRO A 44 -8.78 -8.02 -1.34
N GLY A 45 -9.66 -7.57 -2.23
CA GLY A 45 -10.61 -6.53 -1.87
C GLY A 45 -10.22 -5.18 -2.43
N VAL A 46 -9.05 -5.10 -3.04
CA VAL A 46 -8.56 -3.85 -3.62
C VAL A 46 -8.81 -3.81 -5.13
N THR A 47 -9.77 -2.98 -5.53
CA THR A 47 -10.11 -2.83 -6.94
C THR A 47 -8.94 -2.26 -7.74
N ALA A 48 -8.33 -1.21 -7.21
CA ALA A 48 -7.20 -0.57 -7.88
C ALA A 48 -6.41 0.31 -6.90
N ILE A 49 -5.21 0.70 -7.31
CA ILE A 49 -4.37 1.53 -6.47
C ILE A 49 -3.65 2.60 -7.30
N GLU A 50 -4.11 3.84 -7.16
CA GLU A 50 -3.52 4.96 -7.90
C GLU A 50 -2.75 5.87 -6.96
N LEU A 51 -1.74 6.54 -7.50
CA LEU A 51 -0.90 7.46 -6.71
C LEU A 51 -0.61 8.72 -7.49
N ASP A 52 -0.41 9.82 -6.77
CA ASP A 52 -0.11 11.11 -7.39
C ASP A 52 1.32 11.55 -7.07
N GLU A 53 2.10 11.82 -8.11
CA GLU A 53 3.48 12.25 -7.95
C GLU A 53 3.57 13.77 -7.84
N ASP A 54 2.53 14.44 -8.31
CA ASP A 54 2.48 15.90 -8.27
C ASP A 54 2.08 16.40 -6.89
N THR A 55 1.33 15.58 -6.17
CA THR A 55 0.88 15.94 -4.82
C THR A 55 1.35 14.91 -3.80
N GLY A 56 1.81 13.77 -4.28
CA GLY A 56 2.29 12.72 -3.39
C GLY A 56 1.17 12.13 -2.55
N THR A 57 0.04 11.86 -3.17
CA THR A 57 -1.11 11.29 -2.47
C THR A 57 -1.43 9.90 -2.99
N PHE A 58 -1.44 8.92 -2.07
CA PHE A 58 -1.75 7.54 -2.44
C PHE A 58 -3.24 7.25 -2.31
N ARG A 59 -3.88 7.00 -3.44
CA ARG A 59 -5.31 6.70 -3.46
C ARG A 59 -5.56 5.21 -3.67
N ILE A 60 -6.14 4.56 -2.67
CA ILE A 60 -6.44 3.14 -2.73
C ILE A 60 -7.93 2.89 -2.88
N TYR A 61 -8.28 1.92 -3.70
CA TYR A 61 -9.69 1.59 -3.93
C TYR A 61 -9.97 0.13 -3.55
N GLY A 62 -10.91 -0.07 -2.63
CA GLY A 62 -11.25 -1.41 -2.21
C GLY A 62 -12.74 -1.58 -1.92
N GLU A 63 -13.24 -2.79 -2.08
CA GLU A 63 -14.65 -3.07 -1.83
C GLU A 63 -14.97 -3.02 -0.35
N SER A 64 -14.01 -3.45 0.47
CA SER A 64 -14.19 -3.46 1.92
C SER A 64 -13.06 -2.70 2.61
N ALA A 65 -13.43 -1.82 3.53
CA ALA A 65 -12.45 -1.04 4.27
C ALA A 65 -11.26 -1.89 4.70
N ASP A 66 -11.52 -3.17 4.96
CA ASP A 66 -10.48 -4.09 5.37
C ASP A 66 -9.42 -4.23 4.29
N ALA A 67 -9.86 -4.37 3.04
CA ALA A 67 -8.95 -4.51 1.92
C ALA A 67 -8.03 -3.31 1.79
N VAL A 68 -8.61 -2.15 1.52
CA VAL A 68 -7.85 -0.91 1.38
C VAL A 68 -6.96 -0.68 2.59
N LYS A 69 -7.48 -0.96 3.78
CA LYS A 69 -6.74 -0.79 5.02
C LYS A 69 -5.47 -1.65 5.01
N LYS A 70 -5.64 -2.94 4.81
CA LYS A 70 -4.52 -3.88 4.79
C LYS A 70 -3.52 -3.48 3.70
N ALA A 71 -4.04 -3.10 2.54
CA ALA A 71 -3.19 -2.70 1.42
C ALA A 71 -2.55 -1.35 1.69
N ARG A 72 -3.18 -0.55 2.54
CA ARG A 72 -2.66 0.77 2.88
C ARG A 72 -1.37 0.67 3.67
N GLY A 73 -1.36 -0.22 4.66
CA GLY A 73 -0.18 -0.40 5.49
C GLY A 73 1.09 -0.56 4.67
N PHE A 74 0.94 -1.07 3.45
CA PHE A 74 2.07 -1.27 2.56
C PHE A 74 2.50 0.04 1.91
N LEU A 75 1.52 0.87 1.58
CA LEU A 75 1.79 2.16 0.96
C LEU A 75 2.02 3.24 2.01
N GLU A 76 1.67 2.94 3.25
CA GLU A 76 1.84 3.89 4.35
C GLU A 76 3.28 4.36 4.43
N PHE A 77 3.46 5.66 4.67
CA PHE A 77 4.80 6.24 4.77
C PHE A 77 5.55 5.66 5.97
N VAL A 78 6.84 5.42 5.79
CA VAL A 78 7.67 4.87 6.85
C VAL A 78 8.86 5.78 7.15
N GLU A 79 9.10 6.03 8.43
CA GLU A 79 10.20 6.89 8.85
C GLU A 79 11.55 6.25 8.50
N ASP A 80 12.45 7.06 7.96
CA ASP A 80 13.78 6.58 7.58
C ASP A 80 14.51 6.01 8.79
N PHE A 81 15.54 5.21 8.53
CA PHE A 81 16.32 4.59 9.59
C PHE A 81 17.72 5.19 9.65
N ILE A 82 18.27 5.29 10.86
CA ILE A 82 19.61 5.84 11.04
C ILE A 82 20.57 4.78 11.59
N GLN A 83 21.40 4.23 10.70
CA GLN A 83 22.36 3.22 11.09
C GLN A 83 23.71 3.85 11.42
N VAL A 84 24.18 3.63 12.64
CA VAL A 84 25.46 4.16 13.09
C VAL A 84 26.55 3.11 13.02
N PRO A 85 27.78 3.55 12.66
CA PRO A 85 28.93 2.66 12.56
C PRO A 85 29.40 2.14 13.90
N SER A 86 28.90 0.98 14.30
CA SER A 86 29.26 0.37 15.57
C SER A 86 29.77 -1.05 15.38
N GLY A 87 30.93 -1.34 15.97
CA GLY A 87 31.50 -2.67 15.85
C GLY A 87 32.53 -2.76 14.73
N PRO A 88 32.73 -3.97 14.20
CA PRO A 88 33.68 -4.21 13.12
C PRO A 88 33.23 -3.60 11.80
N SER A 89 34.20 -3.21 10.96
CA SER A 89 33.89 -2.62 9.68
C SER A 89 33.49 -3.68 8.66
N SER A 90 32.85 -3.25 7.58
CA SER A 90 32.40 -4.17 6.53
C SER A 90 32.04 -3.42 5.26
N GLY A 91 32.55 -3.90 4.13
CA GLY A 91 32.27 -3.26 2.86
C GLY A 91 30.99 -3.77 2.22
N GLY A 1 3.16 -22.71 0.81
CA GLY A 1 1.86 -22.15 1.17
C GLY A 1 1.12 -21.58 -0.03
N SER A 2 -0.19 -21.80 -0.06
CA SER A 2 -1.01 -21.31 -1.16
C SER A 2 -2.36 -20.85 -0.66
N SER A 3 -3.01 -19.99 -1.44
CA SER A 3 -4.32 -19.45 -1.07
C SER A 3 -5.42 -20.48 -1.33
N GLY A 4 -6.62 -20.19 -0.84
CA GLY A 4 -7.74 -21.09 -1.03
C GLY A 4 -8.69 -20.62 -2.11
N SER A 5 -9.98 -20.58 -1.78
CA SER A 5 -10.99 -20.14 -2.73
C SER A 5 -10.84 -18.65 -3.05
N SER A 6 -10.82 -18.33 -4.34
CA SER A 6 -10.68 -16.95 -4.78
C SER A 6 -11.54 -16.68 -6.01
N GLY A 7 -12.40 -15.67 -5.92
CA GLY A 7 -13.26 -15.32 -7.03
C GLY A 7 -13.82 -13.92 -6.92
N THR A 8 -13.18 -12.98 -7.61
CA THR A 8 -13.61 -11.58 -7.57
C THR A 8 -13.79 -11.04 -8.99
N LYS A 9 -14.69 -10.07 -9.13
CA LYS A 9 -14.95 -9.46 -10.43
C LYS A 9 -14.64 -7.97 -10.41
N GLN A 10 -14.39 -7.40 -11.58
CA GLN A 10 -14.08 -5.98 -11.69
C GLN A 10 -15.26 -5.13 -11.26
N LEU A 11 -15.25 -4.69 -10.00
CA LEU A 11 -16.33 -3.86 -9.47
C LEU A 11 -15.77 -2.73 -8.60
N ALA A 12 -16.43 -1.59 -8.62
CA ALA A 12 -16.01 -0.43 -7.84
C ALA A 12 -15.71 -0.84 -6.40
N ALA A 13 -14.96 0.00 -5.70
CA ALA A 13 -14.60 -0.26 -4.31
C ALA A 13 -15.46 0.56 -3.36
N ALA A 14 -16.23 -0.12 -2.53
CA ALA A 14 -17.11 0.55 -1.56
C ALA A 14 -16.30 1.47 -0.65
N PHE A 15 -15.12 1.00 -0.24
CA PHE A 15 -14.26 1.78 0.64
C PHE A 15 -13.00 2.24 -0.09
N HIS A 16 -12.64 3.51 0.10
CA HIS A 16 -11.46 4.08 -0.55
C HIS A 16 -10.63 4.86 0.45
N GLU A 17 -9.30 4.70 0.37
CA GLU A 17 -8.39 5.38 1.27
C GLU A 17 -7.50 6.36 0.50
N GLU A 18 -7.49 7.61 0.94
CA GLU A 18 -6.68 8.64 0.30
C GLU A 18 -5.88 9.43 1.33
N PHE A 19 -4.56 9.40 1.20
CA PHE A 19 -3.69 10.12 2.12
C PHE A 19 -2.52 10.75 1.39
N VAL A 20 -1.98 11.83 1.94
CA VAL A 20 -0.86 12.53 1.33
C VAL A 20 0.46 12.09 1.97
N VAL A 21 1.38 11.59 1.15
CA VAL A 21 2.68 11.15 1.63
C VAL A 21 3.77 12.15 1.27
N ARG A 22 4.76 12.28 2.15
CA ARG A 22 5.87 13.20 1.92
C ARG A 22 6.51 12.96 0.57
N GLU A 23 7.44 13.83 0.19
CA GLU A 23 8.14 13.71 -1.09
C GLU A 23 9.40 12.87 -0.94
N ASP A 24 9.97 12.87 0.25
CA ASP A 24 11.17 12.10 0.53
C ASP A 24 10.83 10.70 1.03
N LEU A 25 9.71 10.59 1.73
CA LEU A 25 9.27 9.31 2.27
C LEU A 25 8.75 8.40 1.15
N MET A 26 8.42 9.00 0.02
CA MET A 26 7.92 8.24 -1.13
C MET A 26 8.78 7.01 -1.39
N GLY A 27 10.06 7.24 -1.64
CA GLY A 27 10.98 6.15 -1.90
C GLY A 27 10.83 5.01 -0.92
N LEU A 28 10.70 5.35 0.36
CA LEU A 28 10.54 4.36 1.41
C LEU A 28 9.19 3.65 1.30
N ALA A 29 8.11 4.41 1.46
CA ALA A 29 6.77 3.85 1.36
C ALA A 29 6.64 2.93 0.16
N ILE A 30 7.18 3.35 -0.97
CA ILE A 30 7.12 2.57 -2.19
C ILE A 30 8.08 1.37 -2.12
N GLY A 31 9.22 1.58 -1.48
CA GLY A 31 10.21 0.52 -1.36
C GLY A 31 11.19 0.51 -2.51
N THR A 32 11.83 -0.65 -2.73
CA THR A 32 12.80 -0.79 -3.80
C THR A 32 12.13 -1.29 -5.08
N HIS A 33 12.63 -0.83 -6.22
CA HIS A 33 12.09 -1.22 -7.52
C HIS A 33 10.58 -1.43 -7.43
N GLY A 34 9.88 -0.42 -6.89
CA GLY A 34 8.44 -0.52 -6.76
C GLY A 34 7.99 -1.81 -6.11
N SER A 35 8.32 -1.96 -4.83
CA SER A 35 7.96 -3.17 -4.09
C SER A 35 6.62 -2.99 -3.38
N ASN A 36 6.62 -2.13 -2.37
CA ASN A 36 5.39 -1.86 -1.61
C ASN A 36 4.19 -1.78 -2.53
N ILE A 37 4.15 -0.74 -3.35
CA ILE A 37 3.04 -0.55 -4.28
C ILE A 37 2.54 -1.89 -4.83
N GLN A 38 3.45 -2.66 -5.40
CA GLN A 38 3.10 -3.96 -5.97
C GLN A 38 2.43 -4.84 -4.92
N GLN A 39 3.03 -4.91 -3.74
CA GLN A 39 2.47 -5.72 -2.65
C GLN A 39 1.06 -5.27 -2.30
N ALA A 40 0.91 -3.97 -2.04
CA ALA A 40 -0.39 -3.41 -1.69
C ALA A 40 -1.45 -3.83 -2.70
N ARG A 41 -1.08 -3.86 -3.96
CA ARG A 41 -2.01 -4.24 -5.03
C ARG A 41 -2.30 -5.74 -4.98
N LYS A 42 -1.37 -6.50 -4.42
CA LYS A 42 -1.52 -7.95 -4.30
C LYS A 42 -2.39 -8.31 -3.11
N VAL A 43 -3.04 -7.31 -2.52
CA VAL A 43 -3.90 -7.52 -1.37
C VAL A 43 -5.35 -7.77 -1.80
N PRO A 44 -6.01 -8.72 -1.14
CA PRO A 44 -7.40 -9.08 -1.44
C PRO A 44 -8.37 -7.99 -1.03
N GLY A 45 -9.35 -7.73 -1.89
CA GLY A 45 -10.34 -6.70 -1.61
C GLY A 45 -10.01 -5.37 -2.28
N VAL A 46 -8.74 -5.18 -2.62
CA VAL A 46 -8.31 -3.95 -3.27
C VAL A 46 -8.58 -4.00 -4.77
N THR A 47 -9.45 -3.10 -5.23
CA THR A 47 -9.82 -3.04 -6.63
C THR A 47 -8.66 -2.48 -7.47
N ALA A 48 -8.09 -1.37 -7.02
CA ALA A 48 -6.98 -0.73 -7.71
C ALA A 48 -6.18 0.17 -6.78
N ILE A 49 -5.03 0.62 -7.25
CA ILE A 49 -4.17 1.50 -6.45
C ILE A 49 -3.45 2.51 -7.34
N GLU A 50 -3.86 3.77 -7.22
CA GLU A 50 -3.24 4.84 -8.01
C GLU A 50 -2.43 5.77 -7.12
N LEU A 51 -1.56 6.56 -7.74
CA LEU A 51 -0.71 7.50 -7.01
C LEU A 51 -0.57 8.81 -7.77
N ASP A 52 -0.32 9.90 -7.03
CA ASP A 52 -0.16 11.21 -7.64
C ASP A 52 1.21 11.79 -7.33
N GLU A 53 2.00 12.05 -8.37
CA GLU A 53 3.33 12.61 -8.20
C GLU A 53 3.29 14.13 -8.12
N ASP A 54 2.14 14.70 -8.49
CA ASP A 54 1.97 16.15 -8.45
C ASP A 54 2.19 16.68 -7.04
N THR A 55 1.49 16.11 -6.07
CA THR A 55 1.61 16.54 -4.68
C THR A 55 2.10 15.39 -3.80
N GLY A 56 1.96 14.16 -4.30
CA GLY A 56 2.39 13.00 -3.53
C GLY A 56 1.27 12.38 -2.73
N THR A 57 0.14 12.16 -3.39
CA THR A 57 -1.03 11.56 -2.73
C THR A 57 -1.29 10.15 -3.26
N PHE A 58 -1.58 9.23 -2.35
CA PHE A 58 -1.86 7.85 -2.73
C PHE A 58 -3.35 7.53 -2.59
N ARG A 59 -3.93 7.01 -3.65
CA ARG A 59 -5.35 6.67 -3.65
C ARG A 59 -5.55 5.16 -3.78
N ILE A 60 -6.11 4.55 -2.74
CA ILE A 60 -6.34 3.12 -2.73
C ILE A 60 -7.82 2.80 -2.87
N TYR A 61 -8.14 1.73 -3.61
CA TYR A 61 -9.51 1.33 -3.83
C TYR A 61 -9.74 -0.12 -3.40
N GLY A 62 -10.69 -0.33 -2.51
CA GLY A 62 -10.98 -1.66 -2.04
C GLY A 62 -12.45 -1.86 -1.69
N GLU A 63 -13.00 -2.99 -2.11
CA GLU A 63 -14.42 -3.28 -1.84
C GLU A 63 -14.72 -3.19 -0.36
N SER A 64 -13.81 -3.72 0.46
CA SER A 64 -13.98 -3.70 1.91
C SER A 64 -12.82 -2.98 2.59
N ALA A 65 -13.15 -2.14 3.56
CA ALA A 65 -12.13 -1.39 4.29
C ALA A 65 -10.94 -2.28 4.64
N ASP A 66 -11.20 -3.34 5.39
CA ASP A 66 -10.15 -4.27 5.79
C ASP A 66 -9.12 -4.45 4.69
N ALA A 67 -9.58 -4.32 3.44
CA ALA A 67 -8.71 -4.47 2.28
C ALA A 67 -7.82 -3.25 2.12
N VAL A 68 -8.42 -2.12 1.75
CA VAL A 68 -7.67 -0.88 1.55
C VAL A 68 -6.81 -0.56 2.76
N LYS A 69 -7.25 -1.01 3.93
CA LYS A 69 -6.51 -0.77 5.16
C LYS A 69 -5.25 -1.62 5.21
N LYS A 70 -5.40 -2.92 4.98
CA LYS A 70 -4.27 -3.83 5.00
C LYS A 70 -3.23 -3.44 3.94
N ALA A 71 -3.72 -2.92 2.82
CA ALA A 71 -2.84 -2.49 1.74
C ALA A 71 -2.27 -1.11 2.00
N ARG A 72 -3.04 -0.28 2.69
CA ARG A 72 -2.62 1.08 3.01
C ARG A 72 -1.32 1.07 3.79
N GLY A 73 -1.24 0.19 4.79
CA GLY A 73 -0.04 0.10 5.60
C GLY A 73 1.23 0.05 4.78
N PHE A 74 1.11 -0.45 3.56
CA PHE A 74 2.26 -0.56 2.67
C PHE A 74 2.57 0.78 2.02
N LEU A 75 1.57 1.37 1.36
CA LEU A 75 1.73 2.65 0.69
C LEU A 75 2.05 3.75 1.71
N GLU A 76 1.69 3.51 2.97
CA GLU A 76 1.94 4.48 4.02
C GLU A 76 3.43 4.79 4.14
N PHE A 77 3.74 6.06 4.40
CA PHE A 77 5.13 6.49 4.53
C PHE A 77 5.81 5.78 5.71
N VAL A 78 7.12 5.63 5.61
CA VAL A 78 7.90 4.96 6.65
C VAL A 78 9.08 5.82 7.08
N GLU A 79 9.20 6.03 8.39
CA GLU A 79 10.29 6.84 8.93
C GLU A 79 11.64 6.35 8.41
N ASP A 80 12.64 7.22 8.46
CA ASP A 80 13.98 6.88 7.99
C ASP A 80 14.71 6.03 9.02
N PHE A 81 14.36 4.75 9.08
CA PHE A 81 14.98 3.83 10.01
C PHE A 81 16.27 3.26 9.43
N ILE A 82 17.36 3.37 10.20
CA ILE A 82 18.66 2.87 9.77
C ILE A 82 19.07 1.64 10.57
N GLN A 83 18.85 0.47 9.98
CA GLN A 83 19.19 -0.79 10.64
C GLN A 83 20.59 -1.25 10.23
N VAL A 84 21.27 -1.94 11.14
CA VAL A 84 22.62 -2.45 10.87
C VAL A 84 22.59 -3.94 10.59
N PRO A 85 23.44 -4.38 9.64
CA PRO A 85 23.54 -5.79 9.27
C PRO A 85 24.18 -6.65 10.36
N SER A 86 23.38 -7.53 10.94
CA SER A 86 23.85 -8.40 12.01
C SER A 86 24.31 -9.74 11.44
N GLY A 87 25.27 -10.37 12.11
CA GLY A 87 25.78 -11.65 11.66
C GLY A 87 26.41 -11.57 10.28
N PRO A 88 26.72 -12.74 9.70
CA PRO A 88 27.34 -12.82 8.38
C PRO A 88 26.38 -12.42 7.26
N SER A 89 25.10 -12.31 7.60
CA SER A 89 24.09 -11.93 6.62
C SER A 89 23.97 -10.40 6.53
N SER A 90 24.64 -9.82 5.54
CA SER A 90 24.61 -8.38 5.34
C SER A 90 23.75 -8.01 4.14
N GLY A 91 22.47 -7.79 4.38
CA GLY A 91 21.56 -7.43 3.31
C GLY A 91 20.39 -6.60 3.79
N GLY A 1 -25.23 -12.87 8.65
CA GLY A 1 -25.45 -11.96 7.54
C GLY A 1 -26.32 -12.57 6.46
N SER A 2 -26.89 -11.72 5.62
CA SER A 2 -27.75 -12.18 4.53
C SER A 2 -27.96 -11.08 3.50
N SER A 3 -27.41 -11.29 2.30
CA SER A 3 -27.53 -10.32 1.23
C SER A 3 -28.17 -10.95 -0.01
N GLY A 4 -28.45 -10.12 -1.01
CA GLY A 4 -29.06 -10.62 -2.23
C GLY A 4 -28.21 -10.35 -3.45
N SER A 5 -28.63 -10.88 -4.60
CA SER A 5 -27.90 -10.70 -5.85
C SER A 5 -28.53 -9.60 -6.70
N SER A 6 -28.23 -8.35 -6.35
CA SER A 6 -28.78 -7.21 -7.09
C SER A 6 -28.44 -7.30 -8.57
N GLY A 7 -29.24 -6.64 -9.40
CA GLY A 7 -29.01 -6.66 -10.83
C GLY A 7 -28.12 -5.52 -11.29
N THR A 8 -27.02 -5.31 -10.59
CA THR A 8 -26.09 -4.24 -10.93
C THR A 8 -24.68 -4.78 -11.15
N LYS A 9 -24.04 -4.36 -12.24
CA LYS A 9 -22.70 -4.80 -12.57
C LYS A 9 -21.83 -3.62 -12.97
N GLN A 10 -21.13 -3.03 -12.00
CA GLN A 10 -20.27 -1.90 -12.26
C GLN A 10 -18.90 -2.10 -11.61
N LEU A 11 -17.95 -1.22 -11.93
CA LEU A 11 -16.61 -1.31 -11.38
C LEU A 11 -16.32 -0.12 -10.48
N ALA A 12 -16.55 -0.29 -9.18
CA ALA A 12 -16.31 0.77 -8.21
C ALA A 12 -15.99 0.20 -6.83
N ALA A 13 -15.28 0.98 -6.02
CA ALA A 13 -14.92 0.55 -4.67
C ALA A 13 -15.67 1.34 -3.62
N ALA A 14 -16.59 0.68 -2.93
CA ALA A 14 -17.37 1.33 -1.88
C ALA A 14 -16.48 2.12 -0.93
N PHE A 15 -15.32 1.56 -0.62
CA PHE A 15 -14.37 2.21 0.28
C PHE A 15 -13.14 2.69 -0.48
N HIS A 16 -12.57 3.81 -0.04
CA HIS A 16 -11.39 4.37 -0.68
C HIS A 16 -10.47 5.02 0.35
N GLU A 17 -9.17 4.84 0.18
CA GLU A 17 -8.18 5.42 1.10
C GLU A 17 -7.35 6.48 0.40
N GLU A 18 -7.10 7.58 1.11
CA GLU A 18 -6.31 8.67 0.55
C GLU A 18 -5.43 9.31 1.63
N PHE A 19 -4.12 9.22 1.44
CA PHE A 19 -3.16 9.78 2.39
C PHE A 19 -1.96 10.39 1.67
N VAL A 20 -1.52 11.54 2.15
CA VAL A 20 -0.37 12.22 1.55
C VAL A 20 0.93 11.80 2.22
N VAL A 21 1.86 11.30 1.40
CA VAL A 21 3.15 10.85 1.91
C VAL A 21 4.28 11.77 1.42
N ARG A 22 5.18 12.11 2.34
CA ARG A 22 6.31 12.99 2.01
C ARG A 22 7.08 12.45 0.81
N GLU A 23 7.56 13.35 -0.04
CA GLU A 23 8.31 12.97 -1.22
C GLU A 23 9.55 12.17 -0.84
N ASP A 24 10.04 12.39 0.38
CA ASP A 24 11.22 11.68 0.87
C ASP A 24 10.86 10.27 1.34
N LEU A 25 9.76 10.16 2.06
CA LEU A 25 9.30 8.88 2.57
C LEU A 25 8.88 7.96 1.43
N MET A 26 8.36 8.55 0.36
CA MET A 26 7.92 7.78 -0.80
C MET A 26 8.85 6.60 -1.06
N GLY A 27 10.08 6.91 -1.43
CA GLY A 27 11.06 5.85 -1.70
C GLY A 27 10.87 4.65 -0.80
N LEU A 28 11.03 4.86 0.51
CA LEU A 28 10.89 3.79 1.48
C LEU A 28 9.48 3.18 1.42
N ALA A 29 8.48 3.99 1.76
CA ALA A 29 7.09 3.54 1.75
C ALA A 29 6.84 2.61 0.56
N ILE A 30 7.46 2.93 -0.57
CA ILE A 30 7.30 2.13 -1.78
C ILE A 30 8.22 0.91 -1.77
N GLY A 31 9.42 1.10 -1.22
CA GLY A 31 10.38 0.00 -1.15
C GLY A 31 11.38 0.04 -2.29
N THR A 32 11.87 -1.14 -2.67
CA THR A 32 12.84 -1.24 -3.76
C THR A 32 12.17 -1.69 -5.05
N HIS A 33 12.54 -1.04 -6.15
CA HIS A 33 11.98 -1.37 -7.46
C HIS A 33 10.47 -1.57 -7.36
N GLY A 34 9.78 -0.63 -6.73
CA GLY A 34 8.34 -0.71 -6.59
C GLY A 34 7.91 -2.03 -5.98
N SER A 35 8.27 -2.25 -4.72
CA SER A 35 7.93 -3.49 -4.03
C SER A 35 6.62 -3.32 -3.25
N ASN A 36 6.65 -2.46 -2.24
CA ASN A 36 5.47 -2.21 -1.42
C ASN A 36 4.22 -2.06 -2.28
N ILE A 37 4.22 -1.03 -3.12
CA ILE A 37 3.08 -0.78 -4.00
C ILE A 37 2.53 -2.09 -4.57
N GLN A 38 3.41 -2.91 -5.15
CA GLN A 38 3.00 -4.18 -5.73
C GLN A 38 2.25 -5.02 -4.70
N GLN A 39 2.84 -5.18 -3.53
CA GLN A 39 2.22 -5.97 -2.47
C GLN A 39 0.81 -5.47 -2.16
N ALA A 40 0.68 -4.16 -1.99
CA ALA A 40 -0.61 -3.55 -1.71
C ALA A 40 -1.65 -3.94 -2.75
N ARG A 41 -1.28 -3.82 -4.02
CA ARG A 41 -2.18 -4.16 -5.11
C ARG A 41 -2.49 -5.65 -5.12
N LYS A 42 -1.53 -6.45 -4.65
CA LYS A 42 -1.70 -7.90 -4.60
C LYS A 42 -2.68 -8.30 -3.51
N VAL A 43 -3.20 -7.31 -2.79
CA VAL A 43 -4.16 -7.55 -1.72
C VAL A 43 -5.57 -7.71 -2.27
N PRO A 44 -6.32 -8.68 -1.73
CA PRO A 44 -7.69 -8.96 -2.16
C PRO A 44 -8.66 -7.85 -1.74
N GLY A 45 -9.69 -7.64 -2.56
CA GLY A 45 -10.67 -6.60 -2.27
C GLY A 45 -10.29 -5.26 -2.85
N VAL A 46 -8.99 -5.04 -3.04
CA VAL A 46 -8.49 -3.79 -3.60
C VAL A 46 -8.76 -3.71 -5.10
N THR A 47 -9.74 -2.91 -5.48
CA THR A 47 -10.09 -2.75 -6.89
C THR A 47 -8.92 -2.21 -7.69
N ALA A 48 -8.32 -1.13 -7.19
CA ALA A 48 -7.18 -0.52 -7.87
C ALA A 48 -6.37 0.34 -6.90
N ILE A 49 -5.14 0.66 -7.29
CA ILE A 49 -4.27 1.49 -6.46
C ILE A 49 -3.60 2.58 -7.28
N GLU A 50 -4.05 3.82 -7.11
CA GLU A 50 -3.49 4.95 -7.83
C GLU A 50 -2.66 5.82 -6.92
N LEU A 51 -1.72 6.57 -7.49
CA LEU A 51 -0.85 7.45 -6.73
C LEU A 51 -0.59 8.75 -7.49
N ASP A 52 -0.36 9.82 -6.74
CA ASP A 52 -0.10 11.13 -7.34
C ASP A 52 1.37 11.52 -7.15
N GLU A 53 1.94 12.14 -8.19
CA GLU A 53 3.34 12.56 -8.14
C GLU A 53 3.44 14.07 -7.91
N ASP A 54 2.35 14.78 -8.20
CA ASP A 54 2.32 16.23 -8.02
C ASP A 54 2.16 16.59 -6.56
N THR A 55 1.38 15.80 -5.83
CA THR A 55 1.14 16.04 -4.42
C THR A 55 1.71 14.91 -3.56
N GLY A 56 1.88 13.74 -4.17
CA GLY A 56 2.42 12.61 -3.45
C GLY A 56 1.40 11.94 -2.56
N THR A 57 0.21 11.71 -3.10
CA THR A 57 -0.87 11.07 -2.35
C THR A 57 -1.19 9.69 -2.89
N PHE A 58 -1.36 8.72 -1.99
CA PHE A 58 -1.67 7.35 -2.39
C PHE A 58 -3.17 7.08 -2.27
N ARG A 59 -3.81 6.81 -3.40
CA ARG A 59 -5.24 6.54 -3.42
C ARG A 59 -5.50 5.05 -3.65
N ILE A 60 -6.07 4.39 -2.64
CA ILE A 60 -6.38 2.97 -2.74
C ILE A 60 -7.88 2.73 -2.84
N TYR A 61 -8.28 1.90 -3.80
CA TYR A 61 -9.68 1.60 -4.01
C TYR A 61 -9.98 0.14 -3.64
N GLY A 62 -10.97 -0.04 -2.76
CA GLY A 62 -11.34 -1.38 -2.34
C GLY A 62 -12.83 -1.50 -2.06
N GLU A 63 -13.40 -2.66 -2.38
CA GLU A 63 -14.81 -2.90 -2.16
C GLU A 63 -15.17 -2.79 -0.68
N SER A 64 -14.23 -3.21 0.18
CA SER A 64 -14.44 -3.16 1.62
C SER A 64 -13.22 -2.57 2.32
N ALA A 65 -13.47 -1.61 3.21
CA ALA A 65 -12.39 -0.97 3.96
C ALA A 65 -11.34 -1.98 4.40
N ASP A 66 -11.80 -3.17 4.80
CA ASP A 66 -10.90 -4.23 5.23
C ASP A 66 -9.78 -4.46 4.22
N ALA A 67 -10.14 -4.47 2.94
CA ALA A 67 -9.17 -4.67 1.88
C ALA A 67 -8.19 -3.51 1.79
N VAL A 68 -8.69 -2.35 1.38
CA VAL A 68 -7.85 -1.16 1.27
C VAL A 68 -7.03 -0.93 2.53
N LYS A 69 -7.59 -1.34 3.67
CA LYS A 69 -6.91 -1.19 4.95
C LYS A 69 -5.68 -2.08 5.02
N LYS A 70 -5.86 -3.37 4.75
CA LYS A 70 -4.76 -4.33 4.77
C LYS A 70 -3.64 -3.89 3.84
N ALA A 71 -4.01 -3.40 2.66
CA ALA A 71 -3.03 -2.96 1.68
C ALA A 71 -2.41 -1.62 2.10
N ARG A 72 -3.23 -0.72 2.61
CA ARG A 72 -2.76 0.59 3.04
C ARG A 72 -1.56 0.46 3.98
N GLY A 73 -1.61 -0.54 4.85
CA GLY A 73 -0.52 -0.77 5.79
C GLY A 73 0.83 -0.89 5.09
N PHE A 74 0.79 -1.26 3.81
CA PHE A 74 2.01 -1.43 3.04
C PHE A 74 2.50 -0.08 2.50
N LEU A 75 1.56 0.78 2.13
CA LEU A 75 1.89 2.10 1.60
C LEU A 75 1.95 3.13 2.72
N GLU A 76 2.05 2.65 3.95
CA GLU A 76 2.12 3.54 5.11
C GLU A 76 3.39 4.37 5.09
N PHE A 77 3.29 5.61 5.57
CA PHE A 77 4.44 6.51 5.60
C PHE A 77 5.43 6.08 6.67
N VAL A 78 6.69 5.87 6.26
CA VAL A 78 7.74 5.47 7.19
C VAL A 78 8.91 6.45 7.16
N GLU A 79 9.29 6.93 8.34
CA GLU A 79 10.39 7.87 8.46
C GLU A 79 11.67 7.29 7.88
N ASP A 80 12.63 8.15 7.59
CA ASP A 80 13.91 7.73 7.02
C ASP A 80 14.80 7.11 8.10
N PHE A 81 15.21 5.87 7.87
CA PHE A 81 16.06 5.16 8.82
C PHE A 81 17.54 5.29 8.44
N ILE A 82 18.39 5.50 9.43
CA ILE A 82 19.82 5.64 9.20
C ILE A 82 20.60 4.57 9.96
N GLN A 83 21.08 3.56 9.24
CA GLN A 83 21.84 2.48 9.86
C GLN A 83 23.34 2.67 9.61
N VAL A 84 24.14 2.32 10.61
CA VAL A 84 25.59 2.45 10.51
C VAL A 84 26.28 1.13 10.80
N PRO A 85 27.38 0.87 10.08
CA PRO A 85 28.16 -0.36 10.24
C PRO A 85 28.90 -0.41 11.58
N SER A 86 29.08 -1.62 12.12
CA SER A 86 29.76 -1.79 13.39
C SER A 86 31.26 -2.06 13.17
N GLY A 87 31.55 -3.10 12.39
CA GLY A 87 32.93 -3.44 12.12
C GLY A 87 33.08 -4.84 11.56
N PRO A 88 34.29 -5.41 11.70
CA PRO A 88 34.58 -6.77 11.21
C PRO A 88 33.87 -7.84 12.02
N SER A 89 32.63 -8.15 11.64
CA SER A 89 31.84 -9.16 12.32
C SER A 89 32.61 -10.47 12.44
N SER A 90 32.95 -10.85 13.67
CA SER A 90 33.70 -12.08 13.90
C SER A 90 35.00 -12.09 13.12
N GLY A 91 35.79 -11.03 13.28
CA GLY A 91 37.06 -10.93 12.58
C GLY A 91 38.16 -10.40 13.47
N GLY A 1 -20.48 -14.18 1.14
CA GLY A 1 -21.17 -13.24 0.26
C GLY A 1 -20.84 -13.47 -1.19
N SER A 2 -21.88 -13.59 -2.01
CA SER A 2 -21.71 -13.82 -3.45
C SER A 2 -22.60 -12.88 -4.26
N SER A 3 -22.09 -12.46 -5.41
CA SER A 3 -22.82 -11.55 -6.29
C SER A 3 -22.28 -11.60 -7.71
N GLY A 4 -23.17 -11.61 -8.69
CA GLY A 4 -22.76 -11.65 -10.07
C GLY A 4 -22.46 -10.28 -10.63
N SER A 5 -22.91 -10.02 -11.86
CA SER A 5 -22.68 -8.74 -12.50
C SER A 5 -23.74 -7.72 -12.09
N SER A 6 -23.33 -6.76 -11.25
CA SER A 6 -24.24 -5.73 -10.77
C SER A 6 -24.38 -4.60 -11.80
N GLY A 7 -25.47 -4.63 -12.56
CA GLY A 7 -25.69 -3.61 -13.56
C GLY A 7 -24.60 -3.58 -14.62
N THR A 8 -23.59 -2.74 -14.40
CA THR A 8 -22.48 -2.62 -15.36
C THR A 8 -21.41 -3.66 -15.07
N LYS A 9 -20.79 -4.16 -16.13
CA LYS A 9 -19.74 -5.18 -16.00
C LYS A 9 -18.71 -4.76 -14.94
N GLN A 10 -18.25 -3.52 -15.04
CA GLN A 10 -17.27 -3.01 -14.08
C GLN A 10 -17.89 -2.82 -12.70
N LEU A 11 -17.04 -2.62 -11.70
CA LEU A 11 -17.51 -2.43 -10.33
C LEU A 11 -16.72 -1.33 -9.63
N ALA A 12 -17.33 -0.73 -8.62
CA ALA A 12 -16.68 0.34 -7.86
C ALA A 12 -16.33 -0.13 -6.45
N ALA A 13 -15.34 0.52 -5.85
CA ALA A 13 -14.90 0.17 -4.51
C ALA A 13 -15.69 0.94 -3.45
N ALA A 14 -16.51 0.23 -2.69
CA ALA A 14 -17.32 0.85 -1.65
C ALA A 14 -16.45 1.65 -0.68
N PHE A 15 -15.22 1.20 -0.49
CA PHE A 15 -14.29 1.87 0.41
C PHE A 15 -13.07 2.39 -0.34
N HIS A 16 -12.65 3.60 0.00
CA HIS A 16 -11.50 4.22 -0.65
C HIS A 16 -10.62 4.94 0.37
N GLU A 17 -9.31 4.96 0.12
CA GLU A 17 -8.37 5.62 1.01
C GLU A 17 -7.58 6.69 0.28
N GLU A 18 -7.28 7.78 0.99
CA GLU A 18 -6.54 8.89 0.40
C GLU A 18 -5.65 9.56 1.45
N PHE A 19 -4.34 9.42 1.28
CA PHE A 19 -3.38 10.01 2.21
C PHE A 19 -2.23 10.67 1.46
N VAL A 20 -1.69 11.75 2.03
CA VAL A 20 -0.58 12.47 1.42
C VAL A 20 0.74 12.09 2.08
N VAL A 21 1.68 11.62 1.27
CA VAL A 21 3.00 11.23 1.78
C VAL A 21 4.07 12.23 1.34
N ARG A 22 4.95 12.59 2.26
CA ARG A 22 6.02 13.54 1.97
C ARG A 22 6.83 13.07 0.76
N GLU A 23 6.91 13.91 -0.26
CA GLU A 23 7.66 13.59 -1.46
C GLU A 23 8.98 12.93 -1.12
N ASP A 24 9.56 13.31 0.02
CA ASP A 24 10.83 12.75 0.46
C ASP A 24 10.64 11.34 1.01
N LEU A 25 9.53 11.11 1.69
CA LEU A 25 9.23 9.80 2.26
C LEU A 25 8.79 8.82 1.17
N MET A 26 8.17 9.36 0.13
CA MET A 26 7.70 8.53 -0.98
C MET A 26 8.69 7.40 -1.27
N GLY A 27 9.92 7.77 -1.64
CA GLY A 27 10.93 6.78 -1.94
C GLY A 27 10.88 5.59 -1.00
N LEU A 28 10.91 5.87 0.30
CA LEU A 28 10.87 4.81 1.30
C LEU A 28 9.52 4.10 1.30
N ALA A 29 8.45 4.89 1.44
CA ALA A 29 7.10 4.35 1.45
C ALA A 29 6.93 3.29 0.36
N ILE A 30 7.34 3.62 -0.86
CA ILE A 30 7.23 2.71 -1.98
C ILE A 30 8.23 1.56 -1.86
N GLY A 31 9.41 1.86 -1.29
CA GLY A 31 10.42 0.84 -1.12
C GLY A 31 11.42 0.80 -2.27
N THR A 32 11.90 -0.38 -2.60
CA THR A 32 12.86 -0.54 -3.68
C THR A 32 12.18 -1.02 -4.96
N HIS A 33 12.61 -0.47 -6.09
CA HIS A 33 12.04 -0.85 -7.39
C HIS A 33 10.54 -1.09 -7.27
N GLY A 34 9.86 -0.22 -6.53
CA GLY A 34 8.42 -0.35 -6.34
C GLY A 34 8.05 -1.67 -5.70
N SER A 35 8.46 -1.86 -4.45
CA SER A 35 8.16 -3.09 -3.72
C SER A 35 6.88 -2.94 -2.91
N ASN A 36 6.88 -1.98 -1.99
CA ASN A 36 5.72 -1.73 -1.13
C ASN A 36 4.44 -1.70 -1.96
N ILE A 37 4.40 -0.80 -2.94
CA ILE A 37 3.23 -0.65 -3.80
C ILE A 37 2.72 -2.02 -4.26
N GLN A 38 3.62 -2.81 -4.84
CA GLN A 38 3.26 -4.14 -5.33
C GLN A 38 2.46 -4.91 -4.28
N GLN A 39 3.09 -5.20 -3.14
CA GLN A 39 2.44 -5.92 -2.07
C GLN A 39 1.01 -5.42 -1.85
N ALA A 40 0.85 -4.09 -1.84
CA ALA A 40 -0.46 -3.48 -1.65
C ALA A 40 -1.41 -3.88 -2.77
N ARG A 41 -0.92 -3.89 -4.00
CA ARG A 41 -1.74 -4.25 -5.15
C ARG A 41 -2.01 -5.75 -5.17
N LYS A 42 -1.28 -6.50 -4.34
CA LYS A 42 -1.44 -7.94 -4.27
C LYS A 42 -2.38 -8.31 -3.12
N VAL A 43 -3.01 -7.31 -2.52
CA VAL A 43 -3.94 -7.54 -1.42
C VAL A 43 -5.34 -7.83 -1.92
N PRO A 44 -6.01 -8.82 -1.32
CA PRO A 44 -7.36 -9.22 -1.71
C PRO A 44 -8.40 -8.17 -1.31
N GLY A 45 -9.25 -7.80 -2.26
CA GLY A 45 -10.28 -6.81 -2.00
C GLY A 45 -9.92 -5.44 -2.54
N VAL A 46 -8.68 -5.29 -3.01
CA VAL A 46 -8.21 -4.03 -3.56
C VAL A 46 -8.44 -3.97 -5.07
N THR A 47 -9.51 -3.31 -5.47
CA THR A 47 -9.84 -3.18 -6.89
C THR A 47 -8.68 -2.58 -7.67
N ALA A 48 -8.13 -1.48 -7.17
CA ALA A 48 -7.02 -0.81 -7.82
C ALA A 48 -6.28 0.10 -6.84
N ILE A 49 -5.12 0.60 -7.27
CA ILE A 49 -4.31 1.47 -6.43
C ILE A 49 -3.62 2.55 -7.26
N GLU A 50 -4.12 3.78 -7.16
CA GLU A 50 -3.55 4.89 -7.90
C GLU A 50 -2.66 5.76 -6.99
N LEU A 51 -1.72 6.46 -7.60
CA LEU A 51 -0.80 7.32 -6.85
C LEU A 51 -0.58 8.63 -7.58
N ASP A 52 -0.88 9.74 -6.91
CA ASP A 52 -0.71 11.07 -7.49
C ASP A 52 0.65 11.65 -7.13
N GLU A 53 1.59 11.60 -8.07
CA GLU A 53 2.93 12.12 -7.85
C GLU A 53 2.92 13.65 -7.80
N ASP A 54 2.02 14.25 -8.57
CA ASP A 54 1.91 15.71 -8.60
C ASP A 54 2.00 16.29 -7.19
N THR A 55 1.24 15.71 -6.27
CA THR A 55 1.22 16.17 -4.89
C THR A 55 1.62 15.06 -3.92
N GLY A 56 1.71 13.83 -4.45
CA GLY A 56 2.08 12.70 -3.62
C GLY A 56 0.91 12.19 -2.80
N THR A 57 -0.17 11.83 -3.46
CA THR A 57 -1.36 11.32 -2.78
C THR A 57 -1.67 9.89 -3.22
N PHE A 58 -1.52 8.96 -2.28
CA PHE A 58 -1.79 7.55 -2.56
C PHE A 58 -3.27 7.23 -2.40
N ARG A 59 -3.92 6.88 -3.50
CA ARG A 59 -5.35 6.56 -3.48
C ARG A 59 -5.57 5.06 -3.63
N ILE A 60 -6.26 4.45 -2.67
CA ILE A 60 -6.52 3.03 -2.71
C ILE A 60 -8.01 2.75 -2.98
N TYR A 61 -8.28 1.67 -3.69
CA TYR A 61 -9.66 1.29 -4.01
C TYR A 61 -9.94 -0.15 -3.62
N GLY A 62 -10.89 -0.34 -2.71
CA GLY A 62 -11.23 -1.67 -2.26
C GLY A 62 -12.73 -1.84 -2.03
N GLU A 63 -13.20 -3.07 -2.11
CA GLU A 63 -14.62 -3.36 -1.92
C GLU A 63 -15.00 -3.21 -0.45
N SER A 64 -14.02 -3.39 0.43
CA SER A 64 -14.25 -3.27 1.86
C SER A 64 -13.08 -2.58 2.56
N ALA A 65 -13.39 -1.61 3.40
CA ALA A 65 -12.36 -0.88 4.13
C ALA A 65 -11.26 -1.80 4.61
N ASP A 66 -11.60 -3.06 4.83
CA ASP A 66 -10.63 -4.06 5.29
C ASP A 66 -9.52 -4.25 4.26
N ALA A 67 -9.91 -4.40 3.00
CA ALA A 67 -8.95 -4.58 1.92
C ALA A 67 -8.02 -3.39 1.81
N VAL A 68 -8.58 -2.24 1.46
CA VAL A 68 -7.79 -1.01 1.31
C VAL A 68 -6.93 -0.77 2.55
N LYS A 69 -7.45 -1.13 3.71
CA LYS A 69 -6.74 -0.94 4.96
C LYS A 69 -5.46 -1.79 4.98
N LYS A 70 -5.62 -3.07 4.73
CA LYS A 70 -4.47 -3.99 4.72
C LYS A 70 -3.42 -3.53 3.72
N ALA A 71 -3.86 -3.04 2.57
CA ALA A 71 -2.97 -2.56 1.54
C ALA A 71 -2.30 -1.26 1.94
N ARG A 72 -3.08 -0.36 2.54
CA ARG A 72 -2.58 0.94 2.98
C ARG A 72 -1.44 0.76 3.98
N GLY A 73 -1.47 -0.35 4.70
CA GLY A 73 -0.44 -0.62 5.70
C GLY A 73 0.91 -0.87 5.07
N PHE A 74 0.95 -0.96 3.74
CA PHE A 74 2.18 -1.21 3.01
C PHE A 74 2.73 0.09 2.41
N LEU A 75 1.83 0.98 2.04
CA LEU A 75 2.21 2.26 1.44
C LEU A 75 2.48 3.30 2.53
N GLU A 76 2.34 2.88 3.79
CA GLU A 76 2.57 3.78 4.92
C GLU A 76 3.87 4.56 4.74
N PHE A 77 3.95 5.72 5.38
CA PHE A 77 5.14 6.55 5.29
C PHE A 77 6.21 6.09 6.28
N VAL A 78 7.42 5.87 5.77
CA VAL A 78 8.53 5.42 6.61
C VAL A 78 9.71 6.37 6.50
N GLU A 79 10.25 6.76 7.66
CA GLU A 79 11.39 7.67 7.70
C GLU A 79 12.70 6.90 7.66
N ASP A 80 13.79 7.59 7.34
CA ASP A 80 15.11 6.98 7.26
C ASP A 80 15.30 5.99 8.42
N PHE A 81 15.22 4.71 8.11
CA PHE A 81 15.38 3.66 9.12
C PHE A 81 16.78 3.05 9.05
N ILE A 82 17.38 2.82 10.21
CA ILE A 82 18.72 2.23 10.27
C ILE A 82 18.66 0.78 10.73
N GLN A 83 18.72 -0.14 9.77
CA GLN A 83 18.68 -1.56 10.09
C GLN A 83 20.06 -2.07 10.48
N VAL A 84 20.11 -2.89 11.53
CA VAL A 84 21.36 -3.44 12.02
C VAL A 84 21.82 -4.61 11.14
N PRO A 85 23.15 -4.75 10.99
CA PRO A 85 23.73 -5.82 10.19
C PRO A 85 23.56 -7.20 10.83
N SER A 86 23.74 -7.26 12.14
CA SER A 86 23.60 -8.51 12.88
C SER A 86 22.26 -9.17 12.58
N GLY A 87 22.31 -10.33 11.92
CA GLY A 87 21.10 -11.04 11.59
C GLY A 87 21.00 -12.39 12.30
N PRO A 88 19.76 -12.82 12.56
CA PRO A 88 19.51 -14.09 13.24
C PRO A 88 19.86 -15.31 12.37
N SER A 89 20.10 -15.05 11.09
CA SER A 89 20.45 -16.11 10.15
C SER A 89 21.83 -15.89 9.56
N SER A 90 22.56 -16.97 9.34
CA SER A 90 23.90 -16.89 8.77
C SER A 90 23.92 -17.41 7.34
N GLY A 91 23.60 -18.69 7.17
CA GLY A 91 23.59 -19.28 5.84
C GLY A 91 22.39 -18.85 5.03
N GLY A 1 -8.75 -20.32 6.71
CA GLY A 1 -8.23 -20.81 5.45
C GLY A 1 -9.30 -21.39 4.56
N SER A 2 -9.64 -20.68 3.49
CA SER A 2 -10.67 -21.13 2.56
C SER A 2 -10.04 -21.75 1.32
N SER A 3 -10.82 -22.55 0.60
CA SER A 3 -10.34 -23.21 -0.61
C SER A 3 -10.68 -22.39 -1.84
N GLY A 4 -9.67 -22.04 -2.62
CA GLY A 4 -9.89 -21.26 -3.83
C GLY A 4 -9.06 -19.99 -3.86
N SER A 5 -9.23 -19.20 -4.91
CA SER A 5 -8.49 -17.95 -5.05
C SER A 5 -9.42 -16.74 -4.95
N SER A 6 -8.99 -15.74 -4.18
CA SER A 6 -9.79 -14.54 -4.00
C SER A 6 -9.61 -13.58 -5.17
N GLY A 7 -10.72 -13.02 -5.65
CA GLY A 7 -10.67 -12.10 -6.76
C GLY A 7 -11.74 -11.03 -6.69
N THR A 8 -11.58 -9.98 -7.47
CA THR A 8 -12.55 -8.87 -7.49
C THR A 8 -13.52 -9.02 -8.66
N LYS A 9 -14.79 -8.75 -8.39
CA LYS A 9 -15.82 -8.84 -9.42
C LYS A 9 -16.21 -7.45 -9.93
N GLN A 10 -16.62 -6.59 -9.00
CA GLN A 10 -17.02 -5.23 -9.35
C GLN A 10 -15.84 -4.28 -9.31
N LEU A 11 -15.69 -3.48 -10.35
CA LEU A 11 -14.59 -2.51 -10.42
C LEU A 11 -14.72 -1.44 -9.35
N ALA A 12 -15.96 -1.05 -9.05
CA ALA A 12 -16.22 -0.04 -8.04
C ALA A 12 -15.85 -0.53 -6.66
N ALA A 13 -15.37 0.38 -5.81
CA ALA A 13 -14.97 0.04 -4.46
C ALA A 13 -15.80 0.79 -3.43
N ALA A 14 -16.57 0.05 -2.62
CA ALA A 14 -17.41 0.66 -1.60
C ALA A 14 -16.59 1.54 -0.67
N PHE A 15 -15.38 1.10 -0.35
CA PHE A 15 -14.49 1.86 0.54
C PHE A 15 -13.30 2.41 -0.24
N HIS A 16 -12.92 3.65 0.07
CA HIS A 16 -11.79 4.28 -0.60
C HIS A 16 -10.90 5.00 0.42
N GLU A 17 -9.61 5.11 0.10
CA GLU A 17 -8.65 5.76 0.99
C GLU A 17 -7.78 6.75 0.21
N GLU A 18 -7.41 7.84 0.87
CA GLU A 18 -6.59 8.86 0.23
C GLU A 18 -5.75 9.60 1.28
N PHE A 19 -4.43 9.48 1.17
CA PHE A 19 -3.53 10.13 2.11
C PHE A 19 -2.33 10.74 1.37
N VAL A 20 -1.74 11.78 1.97
CA VAL A 20 -0.60 12.44 1.37
C VAL A 20 0.70 12.02 2.05
N VAL A 21 1.62 11.47 1.27
CA VAL A 21 2.90 11.03 1.81
C VAL A 21 4.02 12.00 1.44
N ARG A 22 4.93 12.22 2.38
CA ARG A 22 6.05 13.13 2.16
C ARG A 22 6.85 12.71 0.93
N GLU A 23 7.06 13.65 0.01
CA GLU A 23 7.81 13.38 -1.20
C GLU A 23 9.15 12.74 -0.89
N ASP A 24 9.61 12.92 0.35
CA ASP A 24 10.88 12.36 0.78
C ASP A 24 10.70 10.90 1.21
N LEU A 25 9.63 10.63 1.94
CA LEU A 25 9.34 9.28 2.41
C LEU A 25 8.76 8.41 1.29
N MET A 26 8.31 9.07 0.23
CA MET A 26 7.73 8.36 -0.91
C MET A 26 8.60 7.17 -1.30
N GLY A 27 9.80 7.45 -1.80
CA GLY A 27 10.70 6.39 -2.20
C GLY A 27 10.67 5.21 -1.26
N LEU A 28 10.97 5.47 0.02
CA LEU A 28 10.97 4.42 1.03
C LEU A 28 9.63 3.68 1.07
N ALA A 29 8.58 4.42 1.40
CA ALA A 29 7.24 3.85 1.48
C ALA A 29 6.98 2.92 0.29
N ILE A 30 7.34 3.37 -0.90
CA ILE A 30 7.14 2.58 -2.10
C ILE A 30 8.14 1.42 -2.17
N GLY A 31 9.31 1.63 -1.58
CA GLY A 31 10.33 0.60 -1.59
C GLY A 31 11.31 0.75 -2.73
N THR A 32 12.05 -0.31 -3.04
CA THR A 32 13.02 -0.29 -4.12
C THR A 32 12.43 -0.86 -5.40
N HIS A 33 12.47 -0.07 -6.47
CA HIS A 33 11.94 -0.51 -7.76
C HIS A 33 10.46 -0.83 -7.65
N GLY A 34 9.74 -0.04 -6.86
CA GLY A 34 8.32 -0.26 -6.69
C GLY A 34 8.01 -1.62 -6.09
N SER A 35 8.45 -1.83 -4.86
CA SER A 35 8.24 -3.10 -4.17
C SER A 35 6.97 -3.04 -3.32
N ASN A 36 6.93 -2.09 -2.39
CA ASN A 36 5.78 -1.93 -1.52
C ASN A 36 4.48 -1.88 -2.32
N ILE A 37 4.44 -0.98 -3.31
CA ILE A 37 3.27 -0.84 -4.15
C ILE A 37 2.80 -2.19 -4.68
N GLN A 38 3.74 -2.96 -5.23
CA GLN A 38 3.41 -4.28 -5.78
C GLN A 38 2.63 -5.10 -4.77
N GLN A 39 3.25 -5.40 -3.64
CA GLN A 39 2.61 -6.19 -2.59
C GLN A 39 1.21 -5.66 -2.30
N ALA A 40 1.08 -4.34 -2.24
CA ALA A 40 -0.21 -3.70 -1.98
C ALA A 40 -1.25 -4.09 -3.02
N ARG A 41 -0.90 -3.91 -4.29
CA ARG A 41 -1.81 -4.24 -5.38
C ARG A 41 -2.11 -5.73 -5.40
N LYS A 42 -1.34 -6.50 -4.63
CA LYS A 42 -1.54 -7.94 -4.56
C LYS A 42 -2.41 -8.32 -3.35
N VAL A 43 -3.03 -7.32 -2.74
CA VAL A 43 -3.89 -7.54 -1.59
C VAL A 43 -5.34 -7.76 -2.02
N PRO A 44 -6.01 -8.73 -1.36
CA PRO A 44 -7.40 -9.06 -1.66
C PRO A 44 -8.36 -7.96 -1.22
N GLY A 45 -9.37 -7.69 -2.06
CA GLY A 45 -10.34 -6.66 -1.74
C GLY A 45 -10.01 -5.34 -2.39
N VAL A 46 -8.74 -5.12 -2.70
CA VAL A 46 -8.29 -3.89 -3.32
C VAL A 46 -8.62 -3.88 -4.82
N THR A 47 -9.57 -3.03 -5.20
CA THR A 47 -9.98 -2.93 -6.59
C THR A 47 -8.87 -2.34 -7.45
N ALA A 48 -8.32 -1.21 -6.99
CA ALA A 48 -7.24 -0.53 -7.71
C ALA A 48 -6.47 0.40 -6.79
N ILE A 49 -5.20 0.64 -7.13
CA ILE A 49 -4.35 1.51 -6.34
C ILE A 49 -3.69 2.58 -7.21
N GLU A 50 -4.08 3.83 -7.03
CA GLU A 50 -3.52 4.93 -7.80
C GLU A 50 -2.68 5.84 -6.90
N LEU A 51 -1.71 6.52 -7.51
CA LEU A 51 -0.84 7.44 -6.77
C LEU A 51 -0.61 8.72 -7.56
N ASP A 52 -1.18 9.81 -7.07
CA ASP A 52 -1.03 11.11 -7.73
C ASP A 52 0.34 11.71 -7.45
N GLU A 53 1.30 11.44 -8.33
CA GLU A 53 2.65 11.95 -8.17
C GLU A 53 2.65 13.48 -8.22
N ASP A 54 1.66 14.05 -8.88
CA ASP A 54 1.56 15.50 -9.00
C ASP A 54 1.85 16.18 -7.67
N THR A 55 1.20 15.70 -6.62
CA THR A 55 1.37 16.27 -5.28
C THR A 55 1.96 15.23 -4.32
N GLY A 56 1.67 13.96 -4.58
CA GLY A 56 2.18 12.90 -3.73
C GLY A 56 1.11 12.28 -2.86
N THR A 57 -0.06 12.03 -3.46
CA THR A 57 -1.17 11.43 -2.73
C THR A 57 -1.44 10.01 -3.20
N PHE A 58 -1.61 9.10 -2.24
CA PHE A 58 -1.88 7.70 -2.55
C PHE A 58 -3.36 7.40 -2.44
N ARG A 59 -3.99 7.08 -3.57
CA ARG A 59 -5.42 6.76 -3.59
C ARG A 59 -5.63 5.25 -3.72
N ILE A 60 -6.20 4.65 -2.68
CA ILE A 60 -6.46 3.21 -2.68
C ILE A 60 -7.95 2.93 -2.78
N TYR A 61 -8.31 1.96 -3.60
CA TYR A 61 -9.71 1.59 -3.79
C TYR A 61 -9.95 0.13 -3.43
N GLY A 62 -10.86 -0.11 -2.50
CA GLY A 62 -11.15 -1.46 -2.07
C GLY A 62 -12.64 -1.67 -1.79
N GLU A 63 -13.10 -2.90 -1.99
CA GLU A 63 -14.51 -3.22 -1.75
C GLU A 63 -14.84 -3.14 -0.27
N SER A 64 -13.84 -3.36 0.58
CA SER A 64 -14.03 -3.31 2.02
C SER A 64 -12.88 -2.59 2.70
N ALA A 65 -13.20 -1.67 3.60
CA ALA A 65 -12.18 -0.91 4.32
C ALA A 65 -11.03 -1.81 4.74
N ASP A 66 -11.34 -3.06 5.08
CA ASP A 66 -10.32 -4.01 5.50
C ASP A 66 -9.24 -4.15 4.44
N ALA A 67 -9.66 -4.31 3.19
CA ALA A 67 -8.72 -4.45 2.09
C ALA A 67 -7.80 -3.23 1.99
N VAL A 68 -8.36 -2.09 1.63
CA VAL A 68 -7.59 -0.86 1.50
C VAL A 68 -6.76 -0.60 2.75
N LYS A 69 -7.31 -0.97 3.91
CA LYS A 69 -6.62 -0.78 5.18
C LYS A 69 -5.35 -1.61 5.25
N LYS A 70 -5.47 -2.91 4.92
CA LYS A 70 -4.33 -3.81 4.94
C LYS A 70 -3.32 -3.42 3.87
N ALA A 71 -3.81 -2.97 2.73
CA ALA A 71 -2.94 -2.56 1.63
C ALA A 71 -2.29 -1.21 1.91
N ARG A 72 -3.00 -0.37 2.65
CA ARG A 72 -2.49 0.96 2.99
C ARG A 72 -1.19 0.85 3.78
N GLY A 73 -1.19 -0.01 4.81
CA GLY A 73 -0.01 -0.18 5.62
C GLY A 73 1.25 -0.31 4.80
N PHE A 74 1.12 -0.81 3.57
CA PHE A 74 2.25 -0.99 2.68
C PHE A 74 2.65 0.34 2.04
N LEU A 75 1.65 1.11 1.63
CA LEU A 75 1.90 2.40 1.00
C LEU A 75 2.20 3.47 2.04
N GLU A 76 1.91 3.16 3.30
CA GLU A 76 2.15 4.10 4.39
C GLU A 76 3.61 4.52 4.44
N PHE A 77 3.84 5.81 4.68
CA PHE A 77 5.19 6.35 4.75
C PHE A 77 5.94 5.77 5.94
N VAL A 78 7.25 5.54 5.75
CA VAL A 78 8.08 4.99 6.82
C VAL A 78 9.33 5.84 7.04
N GLU A 79 9.54 6.25 8.29
CA GLU A 79 10.70 7.07 8.62
C GLU A 79 12.00 6.36 8.26
N ASP A 80 13.10 7.10 8.27
CA ASP A 80 14.40 6.55 7.95
C ASP A 80 14.72 5.36 8.84
N PHE A 81 15.36 4.33 8.27
CA PHE A 81 15.71 3.14 9.03
C PHE A 81 17.09 3.28 9.66
N ILE A 82 17.24 2.73 10.85
CA ILE A 82 18.50 2.80 11.58
C ILE A 82 18.97 1.42 12.01
N GLN A 83 20.03 0.93 11.37
CA GLN A 83 20.57 -0.38 11.70
C GLN A 83 21.94 -0.26 12.37
N VAL A 84 22.03 -0.75 13.60
CA VAL A 84 23.28 -0.69 14.36
C VAL A 84 23.85 -2.08 14.58
N PRO A 85 25.18 -2.21 14.44
CA PRO A 85 25.88 -3.48 14.62
C PRO A 85 25.89 -3.94 16.08
N SER A 86 25.30 -5.10 16.34
CA SER A 86 25.23 -5.65 17.68
C SER A 86 26.00 -6.96 17.78
N GLY A 87 25.63 -7.91 16.93
CA GLY A 87 26.29 -9.20 16.93
C GLY A 87 25.38 -10.32 16.47
N PRO A 88 25.25 -10.47 15.13
CA PRO A 88 24.40 -11.51 14.54
C PRO A 88 24.96 -12.91 14.74
N SER A 89 24.08 -13.91 14.78
CA SER A 89 24.50 -15.29 14.98
C SER A 89 24.30 -16.10 13.70
N SER A 90 24.92 -17.27 13.65
CA SER A 90 24.82 -18.14 12.49
C SER A 90 23.90 -19.32 12.77
N GLY A 91 23.71 -20.17 11.76
CA GLY A 91 22.87 -21.34 11.93
C GLY A 91 21.40 -21.01 11.75
N GLY A 1 -1.10 -16.30 4.35
CA GLY A 1 -2.35 -16.52 3.63
C GLY A 1 -2.20 -16.30 2.13
N SER A 2 -3.07 -16.97 1.36
CA SER A 2 -3.02 -16.84 -0.09
C SER A 2 -4.42 -17.05 -0.69
N SER A 3 -5.03 -15.96 -1.14
CA SER A 3 -6.35 -16.01 -1.73
C SER A 3 -6.63 -14.77 -2.56
N GLY A 4 -7.19 -14.98 -3.76
CA GLY A 4 -7.50 -13.87 -4.64
C GLY A 4 -8.66 -14.16 -5.55
N SER A 5 -9.37 -13.11 -5.95
CA SER A 5 -10.53 -13.26 -6.83
C SER A 5 -10.10 -13.62 -8.25
N SER A 6 -11.05 -14.04 -9.07
CA SER A 6 -10.76 -14.42 -10.45
C SER A 6 -11.24 -13.33 -11.42
N GLY A 7 -10.34 -12.93 -12.31
CA GLY A 7 -10.69 -11.89 -13.27
C GLY A 7 -10.94 -10.55 -12.62
N THR A 8 -11.56 -9.64 -13.38
CA THR A 8 -11.87 -8.31 -12.87
C THR A 8 -13.37 -8.11 -12.69
N LYS A 9 -13.76 -7.49 -11.59
CA LYS A 9 -15.17 -7.25 -11.31
C LYS A 9 -15.55 -5.81 -11.63
N GLN A 10 -16.40 -5.64 -12.65
CA GLN A 10 -16.85 -4.31 -13.06
C GLN A 10 -17.77 -3.70 -12.01
N LEU A 11 -17.18 -3.10 -10.99
CA LEU A 11 -17.95 -2.48 -9.92
C LEU A 11 -17.06 -1.63 -9.02
N ALA A 12 -17.31 -0.32 -9.00
CA ALA A 12 -16.53 0.61 -8.19
C ALA A 12 -16.32 0.04 -6.78
N ALA A 13 -15.31 0.57 -6.08
CA ALA A 13 -15.00 0.13 -4.74
C ALA A 13 -15.84 0.88 -3.71
N ALA A 14 -16.44 0.14 -2.78
CA ALA A 14 -17.26 0.74 -1.74
C ALA A 14 -16.43 1.65 -0.84
N PHE A 15 -15.24 1.19 -0.48
CA PHE A 15 -14.34 1.97 0.38
C PHE A 15 -13.15 2.48 -0.41
N HIS A 16 -12.72 3.69 -0.07
CA HIS A 16 -11.57 4.31 -0.75
C HIS A 16 -10.69 5.05 0.25
N GLU A 17 -9.38 4.90 0.10
CA GLU A 17 -8.43 5.56 0.99
C GLU A 17 -7.64 6.63 0.25
N GLU A 18 -7.36 7.74 0.94
CA GLU A 18 -6.62 8.84 0.34
C GLU A 18 -5.77 9.57 1.38
N PHE A 19 -4.46 9.45 1.26
CA PHE A 19 -3.55 10.09 2.20
C PHE A 19 -2.36 10.71 1.46
N VAL A 20 -1.82 11.79 2.02
CA VAL A 20 -0.69 12.49 1.43
C VAL A 20 0.62 12.02 2.03
N VAL A 21 1.50 11.49 1.19
CA VAL A 21 2.80 11.02 1.65
C VAL A 21 3.91 12.00 1.30
N ARG A 22 4.82 12.22 2.24
CA ARG A 22 5.92 13.14 2.03
C ARG A 22 6.72 12.77 0.78
N GLU A 23 6.90 13.73 -0.10
CA GLU A 23 7.64 13.50 -1.35
C GLU A 23 9.02 12.91 -1.05
N ASP A 24 9.50 13.13 0.17
CA ASP A 24 10.81 12.63 0.57
C ASP A 24 10.70 11.20 1.10
N LEU A 25 9.51 10.84 1.56
CA LEU A 25 9.27 9.50 2.10
C LEU A 25 8.69 8.58 1.03
N MET A 26 8.27 9.17 -0.08
CA MET A 26 7.69 8.40 -1.19
C MET A 26 8.56 7.20 -1.52
N GLY A 27 9.81 7.46 -1.90
CA GLY A 27 10.73 6.39 -2.24
C GLY A 27 10.72 5.27 -1.21
N LEU A 28 10.88 5.65 0.06
CA LEU A 28 10.90 4.67 1.14
C LEU A 28 9.62 3.85 1.16
N ALA A 29 8.48 4.54 1.25
CA ALA A 29 7.19 3.88 1.27
C ALA A 29 7.04 2.92 0.10
N ILE A 30 7.29 3.42 -1.11
CA ILE A 30 7.18 2.60 -2.31
C ILE A 30 8.16 1.44 -2.27
N GLY A 31 9.23 1.59 -1.49
CA GLY A 31 10.22 0.53 -1.38
C GLY A 31 11.20 0.53 -2.53
N THR A 32 11.79 -0.62 -2.80
CA THR A 32 12.76 -0.75 -3.88
C THR A 32 12.09 -1.20 -5.18
N HIS A 33 12.49 -0.58 -6.29
CA HIS A 33 11.92 -0.92 -7.60
C HIS A 33 10.43 -1.20 -7.48
N GLY A 34 9.69 -0.26 -6.91
CA GLY A 34 8.26 -0.43 -6.74
C GLY A 34 7.90 -1.76 -6.10
N SER A 35 8.45 -2.00 -4.90
CA SER A 35 8.19 -3.23 -4.18
C SER A 35 6.90 -3.14 -3.37
N ASN A 36 6.87 -2.19 -2.44
CA ASN A 36 5.71 -1.98 -1.59
C ASN A 36 4.43 -1.91 -2.43
N ILE A 37 4.36 -0.90 -3.29
CA ILE A 37 3.20 -0.72 -4.16
C ILE A 37 2.68 -2.05 -4.67
N GLN A 38 3.60 -2.89 -5.15
CA GLN A 38 3.23 -4.21 -5.68
C GLN A 38 2.53 -5.04 -4.61
N GLN A 39 3.16 -5.16 -3.45
CA GLN A 39 2.59 -5.94 -2.35
C GLN A 39 1.18 -5.45 -2.01
N ALA A 40 1.01 -4.13 -1.98
CA ALA A 40 -0.28 -3.53 -1.67
C ALA A 40 -1.33 -3.93 -2.69
N ARG A 41 -0.96 -3.87 -3.97
CA ARG A 41 -1.87 -4.23 -5.05
C ARG A 41 -2.17 -5.73 -5.04
N LYS A 42 -1.34 -6.49 -4.32
CA LYS A 42 -1.52 -7.93 -4.22
C LYS A 42 -2.40 -8.29 -3.03
N VAL A 43 -3.16 -7.32 -2.55
CA VAL A 43 -4.04 -7.54 -1.40
C VAL A 43 -5.47 -7.81 -1.86
N PRO A 44 -6.12 -8.77 -1.20
CA PRO A 44 -7.51 -9.15 -1.51
C PRO A 44 -8.50 -8.07 -1.12
N GLY A 45 -9.41 -7.74 -2.05
CA GLY A 45 -10.40 -6.72 -1.78
C GLY A 45 -10.07 -5.39 -2.45
N VAL A 46 -8.80 -5.19 -2.75
CA VAL A 46 -8.35 -3.96 -3.39
C VAL A 46 -8.64 -3.98 -4.88
N THR A 47 -9.61 -3.19 -5.31
CA THR A 47 -9.99 -3.12 -6.72
C THR A 47 -8.85 -2.56 -7.57
N ALA A 48 -8.32 -1.42 -7.14
CA ALA A 48 -7.22 -0.77 -7.86
C ALA A 48 -6.40 0.11 -6.93
N ILE A 49 -5.22 0.50 -7.38
CA ILE A 49 -4.33 1.36 -6.58
C ILE A 49 -3.66 2.41 -7.46
N GLU A 50 -4.03 3.67 -7.25
CA GLU A 50 -3.46 4.77 -8.01
C GLU A 50 -2.62 5.67 -7.12
N LEU A 51 -1.72 6.44 -7.74
CA LEU A 51 -0.85 7.34 -7.00
C LEU A 51 -0.76 8.70 -7.68
N ASP A 52 -0.81 9.76 -6.88
CA ASP A 52 -0.73 11.12 -7.41
C ASP A 52 0.61 11.76 -7.08
N GLU A 53 1.42 12.00 -8.12
CA GLU A 53 2.73 12.60 -7.93
C GLU A 53 2.61 14.12 -7.78
N ASP A 54 1.66 14.71 -8.49
CA ASP A 54 1.44 16.15 -8.44
C ASP A 54 1.54 16.66 -7.01
N THR A 55 0.97 15.89 -6.07
CA THR A 55 0.99 16.26 -4.66
C THR A 55 1.60 15.16 -3.81
N GLY A 56 1.53 13.93 -4.30
CA GLY A 56 2.08 12.80 -3.57
C GLY A 56 1.04 12.12 -2.69
N THR A 57 -0.18 12.04 -3.18
CA THR A 57 -1.26 11.41 -2.43
C THR A 57 -1.62 10.05 -3.02
N PHE A 58 -1.46 9.00 -2.22
CA PHE A 58 -1.76 7.65 -2.66
C PHE A 58 -3.26 7.36 -2.56
N ARG A 59 -3.83 6.80 -3.62
CA ARG A 59 -5.25 6.48 -3.65
C ARG A 59 -5.47 4.98 -3.78
N ILE A 60 -6.12 4.40 -2.78
CA ILE A 60 -6.38 2.96 -2.78
C ILE A 60 -7.88 2.69 -2.90
N TYR A 61 -8.23 1.68 -3.69
CA TYR A 61 -9.63 1.32 -3.90
C TYR A 61 -9.88 -0.13 -3.48
N GLY A 62 -10.92 -0.33 -2.66
CA GLY A 62 -11.25 -1.66 -2.20
C GLY A 62 -12.71 -1.81 -1.84
N GLU A 63 -13.25 -3.00 -2.05
CA GLU A 63 -14.66 -3.25 -1.75
C GLU A 63 -14.92 -3.10 -0.25
N SER A 64 -13.93 -3.46 0.56
CA SER A 64 -14.05 -3.37 2.01
C SER A 64 -12.87 -2.62 2.61
N ALA A 65 -13.17 -1.66 3.48
CA ALA A 65 -12.13 -0.86 4.13
C ALA A 65 -10.99 -1.75 4.62
N ASP A 66 -11.34 -2.93 5.12
CA ASP A 66 -10.33 -3.87 5.62
C ASP A 66 -9.27 -4.14 4.55
N ALA A 67 -9.69 -4.21 3.30
CA ALA A 67 -8.77 -4.46 2.20
C ALA A 67 -7.83 -3.28 1.99
N VAL A 68 -8.40 -2.14 1.60
CA VAL A 68 -7.61 -0.94 1.36
C VAL A 68 -6.77 -0.57 2.59
N LYS A 69 -7.29 -0.93 3.77
CA LYS A 69 -6.60 -0.63 5.02
C LYS A 69 -5.30 -1.44 5.12
N LYS A 70 -5.41 -2.74 4.95
CA LYS A 70 -4.24 -3.62 5.02
C LYS A 70 -3.19 -3.21 3.99
N ALA A 71 -3.64 -2.91 2.78
CA ALA A 71 -2.73 -2.50 1.71
C ALA A 71 -2.17 -1.11 1.98
N ARG A 72 -2.97 -0.25 2.61
CA ARG A 72 -2.56 1.10 2.92
C ARG A 72 -1.26 1.11 3.71
N GLY A 73 -1.19 0.28 4.76
CA GLY A 73 0.00 0.20 5.57
C GLY A 73 1.27 0.11 4.74
N PHE A 74 1.16 -0.52 3.57
CA PHE A 74 2.32 -0.67 2.69
C PHE A 74 2.67 0.66 2.01
N LEU A 75 1.66 1.32 1.45
CA LEU A 75 1.86 2.59 0.78
C LEU A 75 2.16 3.69 1.79
N GLU A 76 2.00 3.38 3.07
CA GLU A 76 2.25 4.35 4.13
C GLU A 76 3.74 4.67 4.23
N PHE A 77 4.04 5.94 4.51
CA PHE A 77 5.43 6.38 4.63
C PHE A 77 6.13 5.69 5.80
N VAL A 78 7.40 5.38 5.62
CA VAL A 78 8.18 4.72 6.65
C VAL A 78 9.40 5.55 7.05
N GLU A 79 9.59 5.72 8.35
CA GLU A 79 10.72 6.50 8.86
C GLU A 79 12.04 5.77 8.62
N ASP A 80 13.03 6.50 8.13
CA ASP A 80 14.35 5.93 7.84
C ASP A 80 14.75 4.95 8.94
N PHE A 81 15.33 3.82 8.54
CA PHE A 81 15.75 2.80 9.50
C PHE A 81 17.28 2.72 9.55
N ILE A 82 17.85 3.22 10.63
CA ILE A 82 19.30 3.20 10.81
C ILE A 82 19.71 2.21 11.88
N GLN A 83 20.09 1.01 11.46
CA GLN A 83 20.51 -0.03 12.39
C GLN A 83 21.94 -0.48 12.10
N VAL A 84 22.70 -0.77 13.15
CA VAL A 84 24.08 -1.21 13.00
C VAL A 84 24.17 -2.72 12.87
N PRO A 85 25.03 -3.19 11.96
CA PRO A 85 25.23 -4.62 11.71
C PRO A 85 25.92 -5.32 12.88
N SER A 86 26.97 -4.69 13.40
CA SER A 86 27.72 -5.26 14.52
C SER A 86 28.03 -6.74 14.28
N GLY A 87 28.39 -7.05 13.04
CA GLY A 87 28.71 -8.43 12.70
C GLY A 87 29.75 -8.54 11.61
N PRO A 88 30.96 -8.05 11.90
CA PRO A 88 32.08 -8.07 10.94
C PRO A 88 32.60 -9.48 10.70
N SER A 89 33.39 -9.65 9.64
CA SER A 89 33.95 -10.95 9.30
C SER A 89 35.02 -10.81 8.22
N SER A 90 36.23 -11.25 8.53
CA SER A 90 37.34 -11.18 7.59
C SER A 90 36.87 -11.48 6.17
N GLY A 91 35.87 -12.36 6.06
CA GLY A 91 35.34 -12.72 4.75
C GLY A 91 34.20 -13.71 4.84
#